data_2LMR
#
_entry.id   2LMR
#
_entity_poly.entity_id   1
_entity_poly.type   'polypeptide(L)'
_entity_poly.pdbx_seq_one_letter_code
;MGSSHHHHHHSSGLVPRGSHMISGLRTLEQSVGEWLESIGLQQYESKLLLNGFDDVHFLGSNVMEEQDLRDIGISDPQHR
RKLLQAARSLPKVKALGYDGN
;
_entity_poly.pdbx_strand_id   A
#
# COMPACT_ATOMS: atom_id res chain seq x y z
N MET A 21 -11.84 1.87 5.82
CA MET A 21 -12.11 3.27 6.08
C MET A 21 -12.53 3.99 4.80
N ILE A 22 -13.85 4.12 4.60
CA ILE A 22 -14.38 4.79 3.42
C ILE A 22 -13.86 6.23 3.32
N SER A 23 -13.52 6.81 4.46
CA SER A 23 -13.03 8.18 4.51
C SER A 23 -11.53 8.20 4.80
N GLY A 24 -10.88 9.30 4.45
CA GLY A 24 -9.44 9.43 4.67
C GLY A 24 -8.91 10.76 4.20
N LEU A 25 -8.06 11.38 5.01
CA LEU A 25 -7.45 12.66 4.66
C LEU A 25 -5.97 12.51 4.38
N ARG A 26 -5.62 12.40 3.10
CA ARG A 26 -4.23 12.26 2.69
C ARG A 26 -3.93 13.11 1.45
N THR A 27 -2.66 13.14 1.05
CA THR A 27 -2.25 13.90 -0.11
C THR A 27 -2.42 13.10 -1.39
N LEU A 28 -2.51 13.79 -2.52
CA LEU A 28 -2.67 13.15 -3.81
C LEU A 28 -1.32 12.97 -4.51
N GLU A 29 -0.25 12.91 -3.72
CA GLU A 29 1.08 12.75 -4.26
C GLU A 29 2.06 12.31 -3.17
N GLN A 30 1.93 11.08 -2.73
CA GLN A 30 2.80 10.53 -1.69
C GLN A 30 3.54 9.30 -2.19
N SER A 31 4.82 9.19 -1.81
CA SER A 31 5.65 8.07 -2.22
C SER A 31 5.66 6.98 -1.15
N VAL A 32 6.39 5.91 -1.41
CA VAL A 32 6.49 4.80 -0.47
C VAL A 32 7.00 5.27 0.88
N GLY A 33 8.16 5.93 0.87
CA GLY A 33 8.74 6.42 2.10
C GLY A 33 7.77 7.27 2.91
N GLU A 34 7.34 8.38 2.32
CA GLU A 34 6.41 9.28 2.99
C GLU A 34 5.17 8.53 3.46
N TRP A 35 4.57 7.75 2.56
CA TRP A 35 3.38 6.99 2.87
C TRP A 35 3.59 6.16 4.15
N LEU A 36 4.64 5.35 4.15
CA LEU A 36 4.95 4.50 5.30
C LEU A 36 5.34 5.34 6.50
N GLU A 37 5.91 6.52 6.24
CA GLU A 37 6.32 7.42 7.31
C GLU A 37 5.12 7.97 8.07
N SER A 38 3.99 8.07 7.37
CA SER A 38 2.76 8.57 7.97
C SER A 38 2.17 7.56 8.95
N ILE A 39 2.54 6.29 8.77
CA ILE A 39 2.05 5.22 9.64
C ILE A 39 3.14 4.77 10.60
N GLY A 40 4.38 5.11 10.29
CA GLY A 40 5.50 4.73 11.14
C GLY A 40 6.13 3.42 10.72
N LEU A 41 5.95 3.06 9.46
CA LEU A 41 6.51 1.82 8.92
C LEU A 41 7.55 2.11 7.84
N GLN A 42 7.96 3.36 7.76
CA GLN A 42 8.96 3.77 6.77
C GLN A 42 10.23 2.94 6.91
N GLN A 43 10.44 2.38 8.10
CA GLN A 43 11.62 1.56 8.36
C GLN A 43 11.60 0.30 7.49
N TYR A 44 10.42 -0.22 7.25
CA TYR A 44 10.26 -1.43 6.45
C TYR A 44 10.18 -1.09 4.96
N GLU A 45 10.30 0.20 4.65
CA GLU A 45 10.24 0.65 3.26
C GLU A 45 11.21 -0.13 2.39
N SER A 46 12.44 -0.30 2.89
CA SER A 46 13.46 -1.03 2.14
C SER A 46 12.93 -2.37 1.64
N LYS A 47 12.20 -3.07 2.51
CA LYS A 47 11.63 -4.37 2.16
C LYS A 47 10.55 -4.21 1.10
N LEU A 48 9.79 -3.13 1.19
CA LEU A 48 8.72 -2.87 0.22
C LEU A 48 9.28 -2.25 -1.06
N LEU A 49 10.57 -1.96 -1.05
CA LEU A 49 11.23 -1.38 -2.22
C LEU A 49 12.07 -2.42 -2.95
N LEU A 50 12.79 -3.24 -2.17
CA LEU A 50 13.64 -4.28 -2.75
C LEU A 50 12.79 -5.36 -3.42
N ASN A 51 11.51 -5.41 -3.07
CA ASN A 51 10.60 -6.40 -3.63
C ASN A 51 9.85 -5.82 -4.82
N GLY A 52 10.39 -4.76 -5.40
CA GLY A 52 9.76 -4.12 -6.55
C GLY A 52 8.29 -3.83 -6.30
N PHE A 53 7.94 -3.58 -5.05
CA PHE A 53 6.56 -3.28 -4.69
C PHE A 53 6.39 -1.79 -4.35
N ASP A 54 7.42 -1.01 -4.62
CA ASP A 54 7.39 0.42 -4.36
C ASP A 54 6.32 1.11 -5.18
N ASP A 55 5.89 0.45 -6.25
CA ASP A 55 4.86 0.99 -7.13
C ASP A 55 3.64 1.43 -6.33
N VAL A 56 3.51 2.74 -6.12
CA VAL A 56 2.39 3.29 -5.38
C VAL A 56 1.10 3.19 -6.18
N HIS A 57 1.22 3.05 -7.49
CA HIS A 57 0.07 2.94 -8.36
C HIS A 57 -0.33 1.48 -8.56
N PHE A 58 0.21 0.61 -7.72
CA PHE A 58 -0.09 -0.82 -7.80
C PHE A 58 -0.72 -1.31 -6.51
N LEU A 59 -0.68 -0.47 -5.48
CA LEU A 59 -1.25 -0.83 -4.18
C LEU A 59 -2.70 -1.28 -4.34
N GLY A 60 -3.38 -0.76 -5.35
CA GLY A 60 -4.77 -1.14 -5.59
C GLY A 60 -4.90 -2.25 -6.61
N SER A 61 -3.84 -2.48 -7.37
CA SER A 61 -3.84 -3.52 -8.40
C SER A 61 -3.33 -4.84 -7.84
N ASN A 62 -2.07 -4.84 -7.43
CA ASN A 62 -1.45 -6.05 -6.87
C ASN A 62 -2.31 -6.64 -5.76
N VAL A 63 -2.24 -7.95 -5.57
CA VAL A 63 -3.01 -8.62 -4.54
C VAL A 63 -2.81 -7.95 -3.18
N MET A 64 -1.56 -7.65 -2.86
CA MET A 64 -1.23 -7.00 -1.59
C MET A 64 -1.91 -7.72 -0.43
N GLU A 65 -1.65 -9.02 -0.31
CA GLU A 65 -2.22 -9.83 0.76
C GLU A 65 -1.25 -9.95 1.94
N GLU A 66 -1.73 -10.56 3.01
CA GLU A 66 -0.90 -10.74 4.20
C GLU A 66 0.42 -11.43 3.85
N GLN A 67 0.32 -12.51 3.09
CA GLN A 67 1.51 -13.25 2.68
C GLN A 67 2.50 -12.35 1.93
N ASP A 68 1.96 -11.44 1.13
CA ASP A 68 2.79 -10.52 0.36
C ASP A 68 3.64 -9.65 1.30
N LEU A 69 3.01 -9.15 2.35
CA LEU A 69 3.72 -8.31 3.31
C LEU A 69 4.67 -9.13 4.17
N ARG A 70 4.37 -10.42 4.30
CA ARG A 70 5.19 -11.32 5.10
C ARG A 70 6.44 -11.74 4.33
N ASP A 71 6.28 -11.95 3.03
CA ASP A 71 7.40 -12.35 2.18
C ASP A 71 8.44 -11.23 2.07
N ILE A 72 7.96 -10.00 2.11
CA ILE A 72 8.85 -8.84 2.01
C ILE A 72 9.54 -8.58 3.34
N GLY A 73 8.89 -8.95 4.43
CA GLY A 73 9.47 -8.74 5.75
C GLY A 73 8.42 -8.47 6.80
N ILE A 74 7.41 -7.68 6.44
CA ILE A 74 6.34 -7.33 7.36
C ILE A 74 5.57 -8.58 7.82
N SER A 75 5.99 -9.13 8.96
CA SER A 75 5.34 -10.32 9.50
C SER A 75 4.58 -10.00 10.78
N ASP A 76 4.45 -8.70 11.07
CA ASP A 76 3.74 -8.26 12.26
C ASP A 76 2.26 -8.01 11.96
N PRO A 77 1.41 -8.21 12.97
CA PRO A 77 -0.04 -8.02 12.84
C PRO A 77 -0.42 -6.56 12.67
N GLN A 78 0.16 -5.69 13.51
CA GLN A 78 -0.12 -4.27 13.45
C GLN A 78 0.54 -3.63 12.23
N HIS A 79 1.37 -4.41 11.55
CA HIS A 79 2.07 -3.92 10.36
C HIS A 79 1.45 -4.49 9.09
N ARG A 80 0.77 -5.63 9.23
CA ARG A 80 0.13 -6.27 8.09
C ARG A 80 -1.28 -5.73 7.87
N ARG A 81 -2.02 -5.57 8.96
CA ARG A 81 -3.38 -5.05 8.89
C ARG A 81 -3.39 -3.57 8.54
N LYS A 82 -2.33 -2.87 8.95
CA LYS A 82 -2.21 -1.45 8.67
C LYS A 82 -1.88 -1.20 7.20
N LEU A 83 -0.89 -1.93 6.70
CA LEU A 83 -0.47 -1.79 5.31
C LEU A 83 -1.58 -2.23 4.36
N LEU A 84 -2.47 -3.08 4.86
CA LEU A 84 -3.58 -3.57 4.05
C LEU A 84 -4.74 -2.58 4.05
N GLN A 85 -4.84 -1.79 5.10
CA GLN A 85 -5.90 -0.79 5.22
C GLN A 85 -5.55 0.47 4.43
N ALA A 86 -4.31 0.91 4.55
CA ALA A 86 -3.85 2.10 3.84
C ALA A 86 -3.67 1.82 2.35
N ALA A 87 -3.55 0.54 2.01
CA ALA A 87 -3.37 0.12 0.62
C ALA A 87 -4.71 0.03 -0.10
N ARG A 88 -5.68 -0.60 0.54
CA ARG A 88 -7.01 -0.76 -0.05
C ARG A 88 -7.80 0.55 0.04
N SER A 89 -7.39 1.42 0.95
CA SER A 89 -8.06 2.70 1.13
C SER A 89 -7.74 3.65 -0.01
N LEU A 90 -6.80 3.24 -0.87
CA LEU A 90 -6.40 4.06 -2.02
C LEU A 90 -7.47 4.04 -3.09
N PRO A 91 -7.43 5.03 -3.99
CA PRO A 91 -8.38 5.15 -5.09
C PRO A 91 -8.20 4.06 -6.15
N LYS A 92 -8.98 4.13 -7.21
CA LYS A 92 -8.90 3.15 -8.29
C LYS A 92 -9.06 1.74 -7.75
N VAL A 93 -10.17 1.51 -7.04
CA VAL A 93 -10.44 0.20 -6.47
C VAL A 93 -11.73 -0.40 -7.04
N LYS A 94 -11.76 -1.72 -7.18
CA LYS A 94 -12.92 -2.41 -7.71
C LYS A 94 -14.18 -2.00 -6.96
N ALA A 95 -15.03 -1.22 -7.62
CA ALA A 95 -16.28 -0.77 -7.02
C ALA A 95 -17.11 -1.94 -6.51
N LEU A 96 -17.46 -1.91 -5.23
CA LEU A 96 -18.25 -2.97 -4.63
C LEU A 96 -19.70 -2.53 -4.44
N GLY A 97 -19.91 -1.23 -4.26
CA GLY A 97 -21.25 -0.71 -4.09
C GLY A 97 -21.26 0.77 -3.76
N TYR A 98 -22.31 1.46 -4.17
CA TYR A 98 -22.44 2.89 -3.93
C TYR A 98 -21.27 3.65 -4.56
N ASP A 99 -21.48 4.17 -5.75
CA ASP A 99 -20.45 4.93 -6.46
C ASP A 99 -20.25 6.30 -5.83
N GLY A 100 -19.01 6.78 -5.84
CA GLY A 100 -18.70 8.08 -5.26
C GLY A 100 -17.68 8.85 -6.07
N ASN A 101 -17.15 9.92 -5.49
CA ASN A 101 -16.16 10.75 -6.17
C ASN A 101 -14.94 10.96 -5.28
N MET A 21 -19.43 18.99 -5.34
CA MET A 21 -18.57 18.26 -4.41
C MET A 21 -18.99 16.80 -4.30
N ILE A 22 -19.62 16.28 -5.35
CA ILE A 22 -20.08 14.90 -5.37
C ILE A 22 -18.93 13.94 -5.64
N SER A 23 -19.16 12.66 -5.39
CA SER A 23 -18.14 11.64 -5.60
C SER A 23 -16.93 11.88 -4.70
N GLY A 24 -16.01 10.93 -4.68
CA GLY A 24 -14.83 11.04 -3.85
C GLY A 24 -13.96 12.22 -4.26
N LEU A 25 -13.06 12.63 -3.38
CA LEU A 25 -12.17 13.76 -3.65
C LEU A 25 -10.99 13.76 -2.68
N ARG A 26 -10.17 14.80 -2.77
CA ARG A 26 -9.01 14.93 -1.89
C ARG A 26 -8.04 13.76 -2.10
N THR A 27 -6.99 14.00 -2.89
CA THR A 27 -6.00 12.97 -3.16
C THR A 27 -4.59 13.48 -2.92
N LEU A 28 -3.61 12.60 -3.06
CA LEU A 28 -2.21 12.97 -2.85
C LEU A 28 -1.28 11.98 -3.55
N GLU A 29 -0.10 12.47 -3.93
CA GLU A 29 0.88 11.63 -4.62
C GLU A 29 1.99 11.21 -3.66
N GLN A 30 1.62 10.95 -2.42
CA GLN A 30 2.59 10.54 -1.41
C GLN A 30 3.38 9.32 -1.87
N SER A 31 4.70 9.38 -1.70
CA SER A 31 5.57 8.29 -2.11
C SER A 31 5.56 7.16 -1.07
N VAL A 32 6.30 6.09 -1.36
CA VAL A 32 6.37 4.95 -0.45
C VAL A 32 6.88 5.37 0.92
N GLY A 33 8.04 6.01 0.95
CA GLY A 33 8.61 6.46 2.21
C GLY A 33 7.63 7.28 3.03
N GLU A 34 7.24 8.43 2.50
CA GLU A 34 6.31 9.30 3.20
C GLU A 34 5.05 8.55 3.63
N TRP A 35 4.48 7.80 2.69
CA TRP A 35 3.27 7.03 2.97
C TRP A 35 3.46 6.16 4.20
N LEU A 36 4.50 5.33 4.18
CA LEU A 36 4.79 4.45 5.32
C LEU A 36 5.16 5.24 6.55
N GLU A 37 5.74 6.43 6.33
CA GLU A 37 6.14 7.29 7.44
C GLU A 37 4.92 7.82 8.20
N SER A 38 3.80 7.95 7.49
CA SER A 38 2.57 8.44 8.09
C SER A 38 1.97 7.40 9.04
N ILE A 39 2.31 6.14 8.80
CA ILE A 39 1.82 5.05 9.63
C ILE A 39 2.88 4.57 10.62
N GLY A 40 4.14 4.88 10.32
CA GLY A 40 5.23 4.48 11.20
C GLY A 40 5.87 3.18 10.74
N LEU A 41 5.78 2.89 9.46
CA LEU A 41 6.36 1.67 8.90
C LEU A 41 7.40 1.99 7.84
N GLN A 42 7.80 3.26 7.77
CA GLN A 42 8.79 3.69 6.80
C GLN A 42 10.06 2.87 6.90
N GLN A 43 10.29 2.30 8.08
CA GLN A 43 11.48 1.48 8.32
C GLN A 43 11.45 0.23 7.45
N TYR A 44 10.26 -0.29 7.20
CA TYR A 44 10.10 -1.49 6.39
C TYR A 44 9.94 -1.13 4.92
N GLU A 45 10.18 0.13 4.60
CA GLU A 45 10.07 0.61 3.23
C GLU A 45 11.05 -0.11 2.32
N SER A 46 12.26 -0.32 2.82
CA SER A 46 13.31 -1.01 2.06
C SER A 46 12.78 -2.32 1.48
N LYS A 47 12.06 -3.07 2.30
CA LYS A 47 11.50 -4.35 1.87
C LYS A 47 10.43 -4.15 0.80
N LEU A 48 9.67 -3.06 0.93
CA LEU A 48 8.62 -2.74 -0.04
C LEU A 48 9.20 -2.09 -1.28
N LEU A 49 10.50 -1.81 -1.26
CA LEU A 49 11.18 -1.19 -2.39
C LEU A 49 12.03 -2.21 -3.14
N LEU A 50 12.73 -3.05 -2.39
CA LEU A 50 13.58 -4.08 -2.98
C LEU A 50 12.75 -5.15 -3.68
N ASN A 51 11.48 -5.23 -3.30
CA ASN A 51 10.57 -6.22 -3.89
C ASN A 51 9.78 -5.60 -5.04
N GLY A 52 10.31 -4.51 -5.59
CA GLY A 52 9.63 -3.85 -6.69
C GLY A 52 8.17 -3.57 -6.41
N PHE A 53 7.84 -3.35 -5.14
CA PHE A 53 6.47 -3.08 -4.73
C PHE A 53 6.30 -1.61 -4.37
N ASP A 54 7.30 -0.80 -4.68
CA ASP A 54 7.25 0.63 -4.39
C ASP A 54 6.15 1.31 -5.20
N ASP A 55 5.71 0.65 -6.27
CA ASP A 55 4.67 1.20 -7.12
C ASP A 55 3.44 1.58 -6.30
N VAL A 56 3.28 2.87 -6.04
CA VAL A 56 2.15 3.37 -5.26
C VAL A 56 0.86 3.28 -6.06
N HIS A 57 0.99 3.20 -7.38
CA HIS A 57 -0.16 3.13 -8.27
C HIS A 57 -0.53 1.68 -8.56
N PHE A 58 -0.01 0.77 -7.74
CA PHE A 58 -0.29 -0.65 -7.91
C PHE A 58 -1.02 -1.21 -6.69
N LEU A 59 -1.06 -0.43 -5.62
CA LEU A 59 -1.73 -0.85 -4.39
C LEU A 59 -3.16 -1.26 -4.67
N GLY A 60 -3.79 -0.58 -5.63
CA GLY A 60 -5.18 -0.88 -5.97
C GLY A 60 -5.28 -1.92 -7.07
N SER A 61 -4.19 -2.65 -7.29
CA SER A 61 -4.18 -3.68 -8.33
C SER A 61 -3.58 -4.98 -7.80
N ASN A 62 -2.33 -4.91 -7.36
CA ASN A 62 -1.64 -6.08 -6.81
C ASN A 62 -2.48 -6.74 -5.72
N VAL A 63 -2.27 -8.04 -5.54
CA VAL A 63 -3.00 -8.80 -4.52
C VAL A 63 -2.93 -8.11 -3.17
N MET A 64 -1.73 -7.67 -2.80
CA MET A 64 -1.52 -7.00 -1.52
C MET A 64 -2.15 -7.79 -0.38
N GLU A 65 -1.87 -9.08 -0.34
CA GLU A 65 -2.41 -9.95 0.70
C GLU A 65 -1.53 -9.90 1.95
N GLU A 66 -1.84 -10.76 2.91
CA GLU A 66 -1.10 -10.80 4.17
C GLU A 66 0.24 -11.52 3.97
N GLN A 67 0.32 -12.35 2.93
CA GLN A 67 1.53 -13.09 2.64
C GLN A 67 2.55 -12.20 1.92
N ASP A 68 2.06 -11.34 1.04
CA ASP A 68 2.92 -10.44 0.29
C ASP A 68 3.76 -9.58 1.23
N LEU A 69 3.14 -9.12 2.31
CA LEU A 69 3.84 -8.30 3.29
C LEU A 69 4.76 -9.14 4.18
N ARG A 70 4.43 -10.42 4.30
CA ARG A 70 5.22 -11.34 5.11
C ARG A 70 6.48 -11.77 4.37
N ASP A 71 6.34 -11.97 3.06
CA ASP A 71 7.48 -12.38 2.23
C ASP A 71 8.52 -11.28 2.15
N ILE A 72 8.07 -10.04 2.15
CA ILE A 72 8.97 -8.89 2.08
C ILE A 72 9.65 -8.65 3.42
N GLY A 73 8.98 -9.02 4.50
CA GLY A 73 9.54 -8.83 5.83
C GLY A 73 8.48 -8.53 6.87
N ILE A 74 7.48 -7.74 6.48
CA ILE A 74 6.40 -7.38 7.40
C ILE A 74 5.62 -8.62 7.83
N SER A 75 6.01 -9.19 8.97
CA SER A 75 5.34 -10.37 9.49
C SER A 75 4.57 -10.04 10.76
N ASP A 76 4.46 -8.75 11.06
CA ASP A 76 3.73 -8.29 12.24
C ASP A 76 2.27 -8.01 11.91
N PRO A 77 1.39 -8.20 12.92
CA PRO A 77 -0.05 -7.98 12.76
C PRO A 77 -0.39 -6.50 12.60
N GLN A 78 0.19 -5.67 13.46
CA GLN A 78 -0.04 -4.23 13.41
C GLN A 78 0.63 -3.61 12.20
N HIS A 79 1.47 -4.39 11.52
CA HIS A 79 2.19 -3.90 10.35
C HIS A 79 1.55 -4.45 9.07
N ARG A 80 0.88 -5.58 9.20
CA ARG A 80 0.23 -6.22 8.04
C ARG A 80 -1.16 -5.62 7.81
N ARG A 81 -1.90 -5.42 8.90
CA ARG A 81 -3.25 -4.87 8.81
C ARG A 81 -3.20 -3.40 8.43
N LYS A 82 -2.17 -2.69 8.90
CA LYS A 82 -2.01 -1.27 8.61
C LYS A 82 -1.67 -1.05 7.14
N LEU A 83 -0.78 -1.88 6.61
CA LEU A 83 -0.38 -1.77 5.21
C LEU A 83 -1.51 -2.21 4.29
N LEU A 84 -2.37 -3.09 4.78
CA LEU A 84 -3.49 -3.59 4.00
C LEU A 84 -4.65 -2.60 4.02
N GLN A 85 -4.77 -1.87 5.13
CA GLN A 85 -5.84 -0.87 5.28
C GLN A 85 -5.54 0.36 4.45
N ALA A 86 -4.32 0.88 4.57
CA ALA A 86 -3.91 2.07 3.84
C ALA A 86 -3.78 1.77 2.35
N ALA A 87 -3.64 0.50 2.02
CA ALA A 87 -3.50 0.09 0.63
C ALA A 87 -4.87 -0.02 -0.05
N ARG A 88 -5.80 -0.70 0.60
CA ARG A 88 -7.14 -0.88 0.07
C ARG A 88 -7.92 0.43 0.12
N SER A 89 -7.46 1.35 0.96
CA SER A 89 -8.13 2.65 1.11
C SER A 89 -7.88 3.52 -0.11
N LEU A 90 -6.99 3.07 -0.99
CA LEU A 90 -6.68 3.82 -2.20
C LEU A 90 -7.72 3.57 -3.29
N PRO A 91 -7.77 4.47 -4.28
CA PRO A 91 -8.72 4.37 -5.40
C PRO A 91 -8.39 3.21 -6.34
N LYS A 92 -9.11 3.13 -7.45
CA LYS A 92 -8.88 2.07 -8.43
C LYS A 92 -9.02 0.70 -7.78
N VAL A 93 -10.04 0.54 -6.94
CA VAL A 93 -10.27 -0.74 -6.26
C VAL A 93 -11.62 -1.33 -6.67
N LYS A 94 -11.62 -2.63 -6.95
CA LYS A 94 -12.84 -3.33 -7.34
C LYS A 94 -13.65 -3.74 -6.11
N ALA A 95 -14.35 -2.78 -5.53
CA ALA A 95 -15.17 -3.05 -4.35
C ALA A 95 -16.09 -1.86 -4.04
N LEU A 96 -16.89 -2.01 -3.00
CA LEU A 96 -17.81 -0.96 -2.59
C LEU A 96 -17.41 -0.36 -1.24
N GLY A 97 -18.10 0.70 -0.84
CA GLY A 97 -17.80 1.35 0.43
C GLY A 97 -18.30 2.77 0.48
N TYR A 98 -17.86 3.51 1.49
CA TYR A 98 -18.27 4.90 1.67
C TYR A 98 -17.05 5.81 1.79
N ASP A 99 -17.05 6.90 1.02
CA ASP A 99 -15.95 7.86 1.04
C ASP A 99 -16.37 9.15 1.72
N GLY A 100 -16.88 9.03 2.95
CA GLY A 100 -17.31 10.20 3.68
C GLY A 100 -16.39 10.53 4.84
N ASN A 101 -15.88 11.76 4.86
CA ASN A 101 -14.97 12.19 5.91
C ASN A 101 -15.76 12.75 7.11
N MET A 21 -16.22 11.62 -12.99
CA MET A 21 -16.79 12.76 -12.29
C MET A 21 -16.41 12.73 -10.81
N ILE A 22 -15.77 13.80 -10.34
CA ILE A 22 -15.36 13.88 -8.94
C ILE A 22 -14.37 12.77 -8.60
N SER A 23 -13.13 12.94 -9.03
CA SER A 23 -12.08 11.95 -8.77
C SER A 23 -11.62 12.03 -7.32
N GLY A 24 -11.64 10.89 -6.63
CA GLY A 24 -11.22 10.85 -5.24
C GLY A 24 -9.74 11.14 -5.09
N LEU A 25 -9.42 12.40 -4.78
CA LEU A 25 -8.03 12.81 -4.60
C LEU A 25 -7.76 13.17 -3.14
N ARG A 26 -6.48 13.28 -2.80
CA ARG A 26 -6.08 13.63 -1.44
C ARG A 26 -4.64 14.16 -1.41
N THR A 27 -3.75 13.45 -2.08
CA THR A 27 -2.35 13.84 -2.12
C THR A 27 -1.82 13.83 -3.57
N LEU A 28 -0.72 14.55 -3.79
CA LEU A 28 -0.12 14.63 -5.11
C LEU A 28 1.40 14.69 -5.01
N GLU A 29 1.93 14.25 -3.88
CA GLU A 29 3.37 14.25 -3.67
C GLU A 29 3.76 13.26 -2.58
N GLN A 30 3.07 12.13 -2.54
CA GLN A 30 3.34 11.09 -1.54
C GLN A 30 3.90 9.84 -2.21
N SER A 31 5.03 9.37 -1.70
CA SER A 31 5.68 8.17 -2.25
C SER A 31 5.66 7.04 -1.23
N VAL A 32 6.40 5.97 -1.53
CA VAL A 32 6.48 4.82 -0.64
C VAL A 32 6.94 5.23 0.76
N GLY A 33 8.10 5.88 0.82
CA GLY A 33 8.64 6.33 2.09
C GLY A 33 7.66 7.19 2.87
N GLU A 34 7.24 8.30 2.26
CA GLU A 34 6.31 9.21 2.90
C GLU A 34 5.05 8.48 3.34
N TRP A 35 4.50 7.66 2.45
CA TRP A 35 3.29 6.90 2.74
C TRP A 35 3.47 6.07 4.02
N LEU A 36 4.52 5.27 4.07
CA LEU A 36 4.79 4.43 5.22
C LEU A 36 5.15 5.28 6.44
N GLU A 37 5.73 6.45 6.19
CA GLU A 37 6.10 7.36 7.26
C GLU A 37 4.88 7.91 7.98
N SER A 38 3.77 8.00 7.25
CA SER A 38 2.53 8.51 7.82
C SER A 38 1.92 7.50 8.79
N ILE A 39 2.29 6.23 8.61
CA ILE A 39 1.77 5.17 9.47
C ILE A 39 2.83 4.71 10.48
N GLY A 40 4.09 5.04 10.19
CA GLY A 40 5.18 4.67 11.07
C GLY A 40 5.83 3.36 10.66
N LEU A 41 5.69 3.01 9.39
CA LEU A 41 6.27 1.78 8.87
C LEU A 41 7.36 2.08 7.84
N GLN A 42 7.76 3.35 7.76
CA GLN A 42 8.79 3.76 6.82
C GLN A 42 10.05 2.93 6.98
N GLN A 43 10.24 2.36 8.17
CA GLN A 43 11.40 1.53 8.44
C GLN A 43 11.40 0.28 7.57
N TYR A 44 10.20 -0.23 7.29
CA TYR A 44 10.06 -1.43 6.47
C TYR A 44 9.97 -1.06 4.98
N GLU A 45 10.23 0.20 4.68
CA GLU A 45 10.16 0.69 3.30
C GLU A 45 11.14 -0.08 2.41
N SER A 46 12.36 -0.26 2.91
CA SER A 46 13.39 -0.97 2.16
C SER A 46 12.86 -2.31 1.65
N LYS A 47 12.13 -3.02 2.51
CA LYS A 47 11.56 -4.31 2.15
C LYS A 47 10.51 -4.16 1.05
N LEU A 48 9.71 -3.10 1.14
CA LEU A 48 8.66 -2.84 0.16
C LEU A 48 9.25 -2.21 -1.11
N LEU A 49 10.55 -1.90 -1.06
CA LEU A 49 11.23 -1.31 -2.20
C LEU A 49 12.09 -2.33 -2.93
N LEU A 50 12.71 -3.23 -2.16
CA LEU A 50 13.57 -4.26 -2.72
C LEU A 50 12.73 -5.38 -3.32
N ASN A 51 11.45 -5.42 -2.96
CA ASN A 51 10.54 -6.45 -3.46
C ASN A 51 9.77 -5.95 -4.69
N GLY A 52 10.31 -4.92 -5.34
CA GLY A 52 9.67 -4.36 -6.50
C GLY A 52 8.21 -4.06 -6.27
N PHE A 53 7.88 -3.56 -5.08
CA PHE A 53 6.51 -3.23 -4.74
C PHE A 53 6.36 -1.74 -4.44
N ASP A 54 7.41 -0.98 -4.73
CA ASP A 54 7.40 0.46 -4.50
C ASP A 54 6.32 1.14 -5.33
N ASP A 55 5.88 0.46 -6.38
CA ASP A 55 4.85 0.99 -7.26
C ASP A 55 3.61 1.41 -6.47
N VAL A 56 3.47 2.71 -6.24
CA VAL A 56 2.34 3.25 -5.49
C VAL A 56 1.05 3.10 -6.28
N HIS A 57 1.18 2.97 -7.59
CA HIS A 57 0.01 2.82 -8.46
C HIS A 57 -0.36 1.35 -8.64
N PHE A 58 0.22 0.50 -7.80
CA PHE A 58 -0.04 -0.93 -7.88
C PHE A 58 -0.67 -1.44 -6.58
N LEU A 59 -0.61 -0.61 -5.54
CA LEU A 59 -1.17 -0.97 -4.25
C LEU A 59 -2.63 -1.42 -4.39
N GLY A 60 -3.31 -0.88 -5.39
CA GLY A 60 -4.70 -1.23 -5.62
C GLY A 60 -4.85 -2.34 -6.65
N SER A 61 -3.81 -2.55 -7.45
CA SER A 61 -3.83 -3.59 -8.48
C SER A 61 -3.33 -4.92 -7.93
N ASN A 62 -2.07 -4.95 -7.52
CA ASN A 62 -1.47 -6.16 -6.97
C ASN A 62 -2.34 -6.74 -5.86
N VAL A 63 -2.24 -8.05 -5.65
CA VAL A 63 -3.01 -8.73 -4.62
C VAL A 63 -2.86 -8.03 -3.27
N MET A 64 -1.62 -7.69 -2.93
CA MET A 64 -1.34 -7.02 -1.67
C MET A 64 -2.00 -7.75 -0.50
N GLU A 65 -1.71 -9.04 -0.37
CA GLU A 65 -2.27 -9.84 0.70
C GLU A 65 -1.29 -9.98 1.87
N GLU A 66 -1.74 -10.63 2.94
CA GLU A 66 -0.90 -10.82 4.12
C GLU A 66 0.44 -11.44 3.74
N GLN A 67 0.38 -12.61 3.10
CA GLN A 67 1.59 -13.31 2.69
C GLN A 67 2.51 -12.39 1.91
N ASP A 68 1.93 -11.54 1.07
CA ASP A 68 2.70 -10.60 0.26
C ASP A 68 3.58 -9.72 1.15
N LEU A 69 2.98 -9.16 2.19
CA LEU A 69 3.72 -8.30 3.11
C LEU A 69 4.67 -9.10 3.97
N ARG A 70 4.39 -10.40 4.11
CA ARG A 70 5.23 -11.28 4.91
C ARG A 70 6.48 -11.69 4.13
N ASP A 71 6.32 -11.92 2.83
CA ASP A 71 7.43 -12.31 1.97
C ASP A 71 8.44 -11.18 1.85
N ILE A 72 7.94 -9.95 1.83
CA ILE A 72 8.81 -8.78 1.71
C ILE A 72 9.55 -8.50 3.01
N GLY A 73 8.93 -8.89 4.12
CA GLY A 73 9.54 -8.69 5.43
C GLY A 73 8.53 -8.41 6.51
N ILE A 74 7.49 -7.65 6.17
CA ILE A 74 6.44 -7.31 7.12
C ILE A 74 5.69 -8.56 7.58
N SER A 75 6.15 -9.17 8.66
CA SER A 75 5.53 -10.37 9.20
C SER A 75 4.80 -10.08 10.51
N ASP A 76 4.66 -8.79 10.82
CA ASP A 76 3.99 -8.37 12.03
C ASP A 76 2.51 -8.11 11.78
N PRO A 77 1.68 -8.33 12.82
CA PRO A 77 0.23 -8.14 12.72
C PRO A 77 -0.15 -6.66 12.60
N GLN A 78 0.45 -5.84 13.45
CA GLN A 78 0.17 -4.40 13.43
C GLN A 78 0.79 -3.74 12.21
N HIS A 79 1.62 -4.49 11.49
CA HIS A 79 2.28 -3.98 10.29
C HIS A 79 1.62 -4.52 9.04
N ARG A 80 0.95 -5.66 9.17
CA ARG A 80 0.27 -6.28 8.04
C ARG A 80 -1.13 -5.71 7.86
N ARG A 81 -1.84 -5.56 8.97
CA ARG A 81 -3.20 -5.03 8.94
C ARG A 81 -3.19 -3.54 8.59
N LYS A 82 -2.14 -2.84 9.01
CA LYS A 82 -2.01 -1.41 8.74
C LYS A 82 -1.73 -1.17 7.26
N LEU A 83 -0.82 -1.95 6.69
CA LEU A 83 -0.45 -1.82 5.29
C LEU A 83 -1.61 -2.25 4.38
N LEU A 84 -2.43 -3.16 4.88
CA LEU A 84 -3.58 -3.65 4.12
C LEU A 84 -4.73 -2.66 4.17
N GLN A 85 -4.77 -1.86 5.23
CA GLN A 85 -5.82 -0.85 5.38
C GLN A 85 -5.54 0.38 4.54
N ALA A 86 -4.28 0.84 4.57
CA ALA A 86 -3.87 2.00 3.81
C ALA A 86 -3.75 1.69 2.33
N ALA A 87 -3.65 0.39 2.02
CA ALA A 87 -3.52 -0.04 0.63
C ALA A 87 -4.89 -0.17 -0.03
N ARG A 88 -5.85 -0.71 0.71
CA ARG A 88 -7.21 -0.89 0.19
C ARG A 88 -7.95 0.45 0.17
N SER A 89 -7.51 1.37 1.02
CA SER A 89 -8.15 2.68 1.11
C SER A 89 -7.82 3.53 -0.12
N LEU A 90 -6.90 3.04 -0.94
CA LEU A 90 -6.48 3.75 -2.15
C LEU A 90 -7.50 3.56 -3.26
N PRO A 91 -7.46 4.45 -4.26
CA PRO A 91 -8.37 4.39 -5.41
C PRO A 91 -8.07 3.22 -6.33
N LYS A 92 -9.12 2.68 -6.95
CA LYS A 92 -8.97 1.55 -7.85
C LYS A 92 -8.06 1.90 -9.03
N VAL A 93 -7.35 0.91 -9.55
CA VAL A 93 -6.45 1.11 -10.68
C VAL A 93 -7.23 1.50 -11.93
N LYS A 94 -6.62 2.37 -12.75
CA LYS A 94 -7.26 2.82 -13.98
C LYS A 94 -6.33 2.62 -15.17
N ALA A 95 -5.80 1.40 -15.31
CA ALA A 95 -4.90 1.08 -16.42
C ALA A 95 -5.51 0.03 -17.33
N LEU A 96 -6.73 0.28 -17.77
CA LEU A 96 -7.43 -0.67 -18.66
C LEU A 96 -8.59 0.03 -19.37
N GLY A 97 -8.81 -0.35 -20.62
CA GLY A 97 -9.90 0.24 -21.39
C GLY A 97 -9.51 1.56 -22.03
N TYR A 98 -9.90 2.66 -21.38
CA TYR A 98 -9.59 3.99 -21.90
C TYR A 98 -9.48 5.00 -20.76
N ASP A 99 -10.41 4.93 -19.82
CA ASP A 99 -10.42 5.84 -18.67
C ASP A 99 -11.21 5.24 -17.52
N GLY A 100 -12.52 5.14 -17.69
CA GLY A 100 -13.36 4.58 -16.64
C GLY A 100 -13.58 5.55 -15.50
N ASN A 101 -13.34 5.08 -14.28
CA ASN A 101 -13.51 5.90 -13.09
C ASN A 101 -12.74 5.33 -11.91
N MET A 21 -16.77 5.99 13.91
CA MET A 21 -17.64 6.95 13.23
C MET A 21 -17.18 7.17 11.79
N ILE A 22 -16.01 7.78 11.64
CA ILE A 22 -15.46 8.05 10.32
C ILE A 22 -13.96 7.76 10.28
N SER A 23 -13.47 7.40 9.09
CA SER A 23 -12.05 7.09 8.92
C SER A 23 -11.59 7.46 7.51
N GLY A 24 -10.28 7.53 7.33
CA GLY A 24 -9.73 7.87 6.04
C GLY A 24 -8.52 8.78 6.13
N LEU A 25 -8.00 9.20 4.99
CA LEU A 25 -6.83 10.08 4.95
C LEU A 25 -6.57 10.59 3.53
N ARG A 26 -5.51 11.38 3.39
CA ARG A 26 -5.16 11.93 2.09
C ARG A 26 -4.65 10.83 1.15
N THR A 27 -5.03 10.91 -0.12
CA THR A 27 -4.60 9.93 -1.11
C THR A 27 -3.82 10.59 -2.24
N LEU A 28 -3.00 9.80 -2.92
CA LEU A 28 -2.19 10.30 -4.02
C LEU A 28 -1.22 11.38 -3.54
N GLU A 29 -0.34 11.82 -4.43
CA GLU A 29 0.64 12.85 -4.10
C GLU A 29 1.52 12.41 -2.93
N GLN A 30 1.85 11.12 -2.90
CA GLN A 30 2.68 10.57 -1.83
C GLN A 30 3.46 9.36 -2.34
N SER A 31 4.64 9.15 -1.76
CA SER A 31 5.48 8.01 -2.14
C SER A 31 5.50 6.95 -1.05
N VAL A 32 6.21 5.86 -1.30
CA VAL A 32 6.31 4.77 -0.35
C VAL A 32 6.83 5.26 1.00
N GLY A 33 7.97 5.95 0.98
CA GLY A 33 8.55 6.46 2.20
C GLY A 33 7.58 7.32 2.98
N GLU A 34 7.17 8.44 2.40
CA GLU A 34 6.24 9.36 3.06
C GLU A 34 5.00 8.60 3.53
N TRP A 35 4.41 7.82 2.65
CA TRP A 35 3.21 7.05 2.97
C TRP A 35 3.41 6.25 4.25
N LEU A 36 4.46 5.43 4.26
CA LEU A 36 4.77 4.60 5.44
C LEU A 36 5.16 5.47 6.62
N GLU A 37 5.72 6.64 6.35
CA GLU A 37 6.14 7.56 7.40
C GLU A 37 4.93 8.12 8.15
N SER A 38 3.80 8.19 7.45
CA SER A 38 2.57 8.71 8.04
C SER A 38 1.99 7.73 9.04
N ILE A 39 2.33 6.45 8.87
CA ILE A 39 1.84 5.40 9.77
C ILE A 39 2.92 4.98 10.75
N GLY A 40 4.18 5.28 10.41
CA GLY A 40 5.28 4.92 11.28
C GLY A 40 5.94 3.62 10.88
N LEU A 41 5.79 3.25 9.62
CA LEU A 41 6.37 2.01 9.10
C LEU A 41 7.40 2.30 8.01
N GLN A 42 7.82 3.55 7.92
CA GLN A 42 8.79 3.96 6.92
C GLN A 42 10.06 3.12 7.01
N GLN A 43 10.29 2.54 8.19
CA GLN A 43 11.46 1.71 8.41
C GLN A 43 11.41 0.45 7.55
N TYR A 44 10.21 -0.06 7.34
CA TYR A 44 10.02 -1.26 6.53
C TYR A 44 9.98 -0.93 5.05
N GLU A 45 10.10 0.37 4.73
CA GLU A 45 10.08 0.81 3.35
C GLU A 45 11.07 0.03 2.50
N SER A 46 12.29 -0.11 3.02
CA SER A 46 13.34 -0.84 2.32
C SER A 46 12.83 -2.20 1.83
N LYS A 47 12.07 -2.88 2.68
CA LYS A 47 11.52 -4.19 2.34
C LYS A 47 10.47 -4.06 1.25
N LEU A 48 9.69 -2.98 1.30
CA LEU A 48 8.64 -2.74 0.31
C LEU A 48 9.22 -2.15 -0.96
N LEU A 49 10.52 -1.84 -0.93
CA LEU A 49 11.19 -1.27 -2.09
C LEU A 49 12.06 -2.30 -2.78
N LEU A 50 12.79 -3.08 -1.98
CA LEU A 50 13.67 -4.12 -2.52
C LEU A 50 12.86 -5.23 -3.17
N ASN A 51 11.56 -5.29 -2.86
CA ASN A 51 10.68 -6.30 -3.42
C ASN A 51 9.95 -5.76 -4.64
N GLY A 52 10.48 -4.69 -5.23
CA GLY A 52 9.86 -4.10 -6.40
C GLY A 52 8.37 -3.84 -6.20
N PHE A 53 7.99 -3.55 -4.97
CA PHE A 53 6.58 -3.29 -4.65
C PHE A 53 6.38 -1.82 -4.30
N ASP A 54 7.40 -1.01 -4.54
CA ASP A 54 7.33 0.41 -4.24
C ASP A 54 6.24 1.09 -5.07
N ASP A 55 5.82 0.42 -6.14
CA ASP A 55 4.78 0.95 -7.02
C ASP A 55 3.55 1.38 -6.22
N VAL A 56 3.42 2.69 -6.02
CA VAL A 56 2.29 3.23 -5.27
C VAL A 56 1.00 3.14 -6.07
N HIS A 57 1.14 3.02 -7.39
CA HIS A 57 -0.01 2.92 -8.28
C HIS A 57 -0.41 1.47 -8.50
N PHE A 58 0.12 0.58 -7.66
CA PHE A 58 -0.17 -0.84 -7.76
C PHE A 58 -0.85 -1.35 -6.50
N LEU A 59 -0.82 -0.54 -5.44
CA LEU A 59 -1.43 -0.90 -4.17
C LEU A 59 -2.90 -1.27 -4.36
N GLY A 60 -3.53 -0.67 -5.37
CA GLY A 60 -4.93 -0.95 -5.63
C GLY A 60 -5.12 -1.92 -6.78
N SER A 61 -4.05 -2.63 -7.13
CA SER A 61 -4.10 -3.58 -8.24
C SER A 61 -3.54 -4.94 -7.81
N ASN A 62 -2.32 -4.91 -7.27
CA ASN A 62 -1.66 -6.14 -6.83
C ASN A 62 -2.53 -6.89 -5.82
N VAL A 63 -2.06 -8.06 -5.40
CA VAL A 63 -2.79 -8.87 -4.44
C VAL A 63 -2.74 -8.26 -3.05
N MET A 64 -1.55 -7.81 -2.65
CA MET A 64 -1.36 -7.20 -1.34
C MET A 64 -2.07 -8.01 -0.26
N GLU A 65 -1.81 -9.31 -0.22
CA GLU A 65 -2.42 -10.20 0.76
C GLU A 65 -1.52 -10.35 1.98
N GLU A 66 -1.99 -11.11 2.96
CA GLU A 66 -1.24 -11.34 4.18
C GLU A 66 0.16 -11.89 3.87
N GLN A 67 0.20 -12.88 2.98
CA GLN A 67 1.47 -13.48 2.59
C GLN A 67 2.34 -12.50 1.82
N ASP A 68 1.71 -11.74 0.93
CA ASP A 68 2.42 -10.75 0.12
C ASP A 68 3.25 -9.84 1.01
N LEU A 69 2.69 -9.45 2.14
CA LEU A 69 3.39 -8.57 3.08
C LEU A 69 4.49 -9.31 3.81
N ARG A 70 4.31 -10.62 3.98
CA ARG A 70 5.28 -11.45 4.67
C ARG A 70 6.48 -11.74 3.76
N ASP A 71 6.20 -11.96 2.48
CA ASP A 71 7.25 -12.25 1.52
C ASP A 71 8.20 -11.07 1.37
N ILE A 72 7.66 -9.86 1.45
CA ILE A 72 8.46 -8.64 1.33
C ILE A 72 9.23 -8.37 2.62
N GLY A 73 8.67 -8.80 3.75
CA GLY A 73 9.32 -8.59 5.03
C GLY A 73 8.32 -8.36 6.15
N ILE A 74 7.26 -7.61 5.85
CA ILE A 74 6.24 -7.31 6.85
C ILE A 74 5.55 -8.58 7.33
N SER A 75 5.92 -9.05 8.52
CA SER A 75 5.34 -10.25 9.09
C SER A 75 4.58 -9.92 10.37
N ASP A 76 4.62 -8.67 10.78
CA ASP A 76 3.93 -8.22 11.99
C ASP A 76 2.45 -8.00 11.72
N PRO A 77 1.63 -8.19 12.75
CA PRO A 77 0.17 -8.01 12.65
C PRO A 77 -0.22 -6.55 12.49
N GLN A 78 0.37 -5.68 13.31
CA GLN A 78 0.07 -4.26 13.26
C GLN A 78 0.71 -3.62 12.02
N HIS A 79 1.54 -4.39 11.33
CA HIS A 79 2.21 -3.89 10.14
C HIS A 79 1.59 -4.49 8.87
N ARG A 80 0.86 -5.60 9.05
CA ARG A 80 0.21 -6.26 7.93
C ARG A 80 -1.18 -5.69 7.68
N ARG A 81 -1.93 -5.49 8.77
CA ARG A 81 -3.28 -4.94 8.67
C ARG A 81 -3.24 -3.46 8.31
N LYS A 82 -2.22 -2.76 8.78
CA LYS A 82 -2.07 -1.34 8.50
C LYS A 82 -1.72 -1.11 7.03
N LEU A 83 -0.78 -1.89 6.52
CA LEU A 83 -0.36 -1.76 5.13
C LEU A 83 -1.47 -2.21 4.18
N LEU A 84 -2.39 -3.00 4.70
CA LEU A 84 -3.52 -3.49 3.90
C LEU A 84 -4.70 -2.53 3.96
N GLN A 85 -4.80 -1.81 5.08
CA GLN A 85 -5.89 -0.86 5.27
C GLN A 85 -5.58 0.46 4.56
N ALA A 86 -4.34 0.91 4.68
CA ALA A 86 -3.92 2.15 4.04
C ALA A 86 -3.74 1.97 2.53
N ALA A 87 -3.61 0.72 2.10
CA ALA A 87 -3.43 0.41 0.69
C ALA A 87 -4.78 0.31 -0.02
N ARG A 88 -5.74 -0.33 0.63
CA ARG A 88 -7.07 -0.49 0.06
C ARG A 88 -7.86 0.81 0.14
N SER A 89 -7.46 1.68 1.06
CA SER A 89 -8.13 2.97 1.25
C SER A 89 -7.85 3.90 0.07
N LEU A 90 -6.91 3.50 -0.78
CA LEU A 90 -6.55 4.31 -1.94
C LEU A 90 -7.68 4.34 -2.97
N PRO A 91 -7.64 5.33 -3.86
CA PRO A 91 -8.66 5.49 -4.91
C PRO A 91 -8.58 4.41 -5.97
N LYS A 92 -9.57 4.37 -6.85
CA LYS A 92 -9.62 3.37 -7.92
C LYS A 92 -8.55 3.66 -8.98
N VAL A 93 -8.10 2.62 -9.66
CA VAL A 93 -7.09 2.77 -10.69
C VAL A 93 -7.72 3.09 -12.04
N LYS A 94 -7.06 3.94 -12.82
CA LYS A 94 -7.56 4.32 -14.12
C LYS A 94 -7.88 3.10 -14.98
N ALA A 95 -7.15 2.02 -14.73
CA ALA A 95 -7.36 0.78 -15.47
C ALA A 95 -7.17 0.99 -16.97
N LEU A 96 -7.48 -0.03 -17.76
CA LEU A 96 -7.34 0.04 -19.21
C LEU A 96 -5.90 0.37 -19.59
N GLY A 97 -5.00 -0.58 -19.37
CA GLY A 97 -3.60 -0.38 -19.69
C GLY A 97 -2.86 -1.67 -19.90
N TYR A 98 -3.02 -2.60 -18.96
CA TYR A 98 -2.34 -3.90 -19.04
C TYR A 98 -2.87 -4.84 -17.97
N ASP A 99 -3.00 -6.12 -18.32
CA ASP A 99 -3.48 -7.12 -17.39
C ASP A 99 -3.51 -8.51 -18.04
N GLY A 100 -3.55 -9.55 -17.22
CA GLY A 100 -3.57 -10.90 -17.74
C GLY A 100 -2.20 -11.38 -18.17
N ASN A 101 -2.17 -12.44 -18.97
CA ASN A 101 -0.91 -13.00 -19.45
C ASN A 101 -1.15 -13.93 -20.64
N MET A 21 -14.33 1.40 -4.72
CA MET A 21 -15.02 1.76 -3.49
C MET A 21 -14.08 2.49 -2.53
N ILE A 22 -14.46 3.70 -2.14
CA ILE A 22 -13.65 4.50 -1.23
C ILE A 22 -14.43 4.85 0.03
N SER A 23 -13.84 4.57 1.19
CA SER A 23 -14.48 4.86 2.46
C SER A 23 -14.14 6.28 2.93
N GLY A 24 -12.99 6.78 2.50
CA GLY A 24 -12.58 8.11 2.89
C GLY A 24 -12.14 8.95 1.70
N LEU A 25 -10.82 9.06 1.51
CA LEU A 25 -10.28 9.85 0.40
C LEU A 25 -9.10 9.12 -0.24
N ARG A 26 -8.76 9.53 -1.46
CA ARG A 26 -7.65 8.93 -2.18
C ARG A 26 -6.33 9.59 -1.81
N THR A 27 -5.22 8.93 -2.12
CA THR A 27 -3.90 9.45 -1.82
C THR A 27 -3.11 9.72 -3.10
N LEU A 28 -2.18 10.66 -3.02
CA LEU A 28 -1.34 11.00 -4.17
C LEU A 28 -0.25 11.99 -3.77
N GLU A 29 0.43 12.55 -4.77
CA GLU A 29 1.50 13.51 -4.53
C GLU A 29 2.38 13.06 -3.37
N GLN A 30 2.62 11.75 -3.29
CA GLN A 30 3.45 11.18 -2.23
C GLN A 30 4.28 10.02 -2.74
N SER A 31 5.02 9.38 -1.84
CA SER A 31 5.87 8.25 -2.21
C SER A 31 5.81 7.16 -1.15
N VAL A 32 6.50 6.06 -1.40
CA VAL A 32 6.53 4.94 -0.47
C VAL A 32 6.99 5.39 0.92
N GLY A 33 8.12 6.07 0.97
CA GLY A 33 8.65 6.54 2.24
C GLY A 33 7.64 7.39 3.00
N GLU A 34 7.25 8.52 2.42
CA GLU A 34 6.29 9.41 3.05
C GLU A 34 5.03 8.66 3.45
N TRP A 35 4.47 7.90 2.52
CA TRP A 35 3.26 7.13 2.78
C TRP A 35 3.42 6.29 4.04
N LEU A 36 4.46 5.46 4.08
CA LEU A 36 4.73 4.60 5.22
C LEU A 36 5.05 5.43 6.47
N GLU A 37 5.63 6.61 6.25
CA GLU A 37 5.98 7.50 7.35
C GLU A 37 4.73 8.01 8.07
N SER A 38 3.64 8.11 7.32
CA SER A 38 2.37 8.60 7.88
C SER A 38 1.77 7.55 8.82
N ILE A 39 2.12 6.29 8.59
CA ILE A 39 1.61 5.21 9.42
C ILE A 39 2.66 4.76 10.43
N GLY A 40 3.91 5.12 10.19
CA GLY A 40 4.98 4.74 11.09
C GLY A 40 5.67 3.45 10.68
N LEU A 41 5.58 3.13 9.39
CA LEU A 41 6.20 1.92 8.87
C LEU A 41 7.27 2.25 7.84
N GLN A 42 7.68 3.52 7.80
CA GLN A 42 8.69 3.96 6.86
C GLN A 42 9.96 3.12 6.98
N GLN A 43 10.15 2.53 8.16
CA GLN A 43 11.33 1.69 8.41
C GLN A 43 11.31 0.46 7.52
N TYR A 44 10.11 -0.06 7.25
CA TYR A 44 9.97 -1.24 6.41
C TYR A 44 9.95 -0.86 4.93
N GLU A 45 10.16 0.42 4.65
CA GLU A 45 10.17 0.90 3.27
C GLU A 45 11.13 0.08 2.42
N SER A 46 12.37 -0.07 2.89
CA SER A 46 13.37 -0.84 2.17
C SER A 46 12.83 -2.20 1.74
N LYS A 47 12.22 -2.91 2.69
CA LYS A 47 11.65 -4.22 2.41
C LYS A 47 10.55 -4.13 1.36
N LEU A 48 9.77 -3.06 1.43
CA LEU A 48 8.68 -2.85 0.48
C LEU A 48 9.21 -2.31 -0.84
N LEU A 49 10.49 -1.99 -0.87
CA LEU A 49 11.12 -1.47 -2.08
C LEU A 49 11.95 -2.54 -2.78
N LEU A 50 12.56 -3.42 -2.00
CA LEU A 50 13.37 -4.50 -2.54
C LEU A 50 12.51 -5.56 -3.20
N ASN A 51 11.21 -5.53 -2.91
CA ASN A 51 10.27 -6.49 -3.47
C ASN A 51 9.52 -5.88 -4.66
N GLY A 52 10.11 -4.85 -5.25
CA GLY A 52 9.48 -4.20 -6.39
C GLY A 52 8.05 -3.81 -6.12
N PHE A 53 7.73 -3.56 -4.86
CA PHE A 53 6.38 -3.19 -4.47
C PHE A 53 6.30 -1.69 -4.17
N ASP A 54 7.36 -0.97 -4.50
CA ASP A 54 7.41 0.47 -4.27
C ASP A 54 6.39 1.19 -5.14
N ASP A 55 5.93 0.53 -6.19
CA ASP A 55 4.95 1.10 -7.10
C ASP A 55 3.67 1.48 -6.35
N VAL A 56 3.53 2.76 -6.02
CA VAL A 56 2.36 3.24 -5.30
C VAL A 56 1.09 3.03 -6.12
N HIS A 57 1.25 2.87 -7.43
CA HIS A 57 0.13 2.65 -8.33
C HIS A 57 -0.12 1.16 -8.55
N PHE A 58 0.36 0.35 -7.62
CA PHE A 58 0.20 -1.10 -7.71
C PHE A 58 -0.41 -1.66 -6.43
N LEU A 59 -0.74 -0.77 -5.50
CA LEU A 59 -1.33 -1.18 -4.23
C LEU A 59 -2.74 -1.72 -4.43
N GLY A 60 -3.61 -0.89 -5.01
CA GLY A 60 -4.98 -1.30 -5.26
C GLY A 60 -5.09 -2.39 -6.31
N SER A 61 -4.03 -2.55 -7.10
CA SER A 61 -4.01 -3.55 -8.16
C SER A 61 -3.48 -4.88 -7.62
N ASN A 62 -2.24 -4.88 -7.17
CA ASN A 62 -1.61 -6.09 -6.63
C ASN A 62 -2.50 -6.72 -5.56
N VAL A 63 -2.36 -8.04 -5.40
CA VAL A 63 -3.15 -8.77 -4.42
C VAL A 63 -3.04 -8.12 -3.04
N MET A 64 -1.82 -7.77 -2.66
CA MET A 64 -1.58 -7.13 -1.36
C MET A 64 -2.27 -7.92 -0.24
N GLU A 65 -2.04 -9.22 -0.22
CA GLU A 65 -2.64 -10.09 0.80
C GLU A 65 -1.72 -10.20 2.02
N GLU A 66 -2.13 -11.03 2.97
CA GLU A 66 -1.35 -11.22 4.19
C GLU A 66 0.03 -11.78 3.86
N GLN A 67 0.07 -12.78 2.99
CA GLN A 67 1.33 -13.40 2.60
C GLN A 67 2.21 -12.41 1.84
N ASP A 68 1.60 -11.65 0.93
CA ASP A 68 2.34 -10.66 0.15
C ASP A 68 3.17 -9.76 1.05
N LEU A 69 2.60 -9.40 2.20
CA LEU A 69 3.29 -8.53 3.15
C LEU A 69 4.40 -9.28 3.86
N ARG A 70 4.21 -10.58 4.06
CA ARG A 70 5.19 -11.42 4.73
C ARG A 70 6.39 -11.68 3.82
N ASP A 71 6.11 -11.92 2.54
CA ASP A 71 7.17 -12.18 1.57
C ASP A 71 8.11 -10.98 1.45
N ILE A 72 7.55 -9.78 1.55
CA ILE A 72 8.35 -8.56 1.46
C ILE A 72 9.06 -8.27 2.77
N GLY A 73 8.63 -8.94 3.84
CA GLY A 73 9.23 -8.73 5.14
C GLY A 73 8.21 -8.48 6.23
N ILE A 74 7.21 -7.66 5.91
CA ILE A 74 6.16 -7.34 6.87
C ILE A 74 5.46 -8.60 7.37
N SER A 75 5.85 -9.07 8.55
CA SER A 75 5.27 -10.27 9.13
C SER A 75 4.51 -9.93 10.42
N ASP A 76 4.62 -8.68 10.85
CA ASP A 76 3.95 -8.23 12.06
C ASP A 76 2.47 -7.97 11.80
N PRO A 77 1.64 -8.16 12.85
CA PRO A 77 0.20 -7.95 12.75
C PRO A 77 -0.17 -6.47 12.59
N GLN A 78 0.44 -5.62 13.41
CA GLN A 78 0.18 -4.20 13.37
C GLN A 78 0.82 -3.57 12.13
N HIS A 79 1.64 -4.35 11.44
CA HIS A 79 2.31 -3.87 10.23
C HIS A 79 1.67 -4.45 8.98
N ARG A 80 0.91 -5.53 9.15
CA ARG A 80 0.25 -6.18 8.04
C ARG A 80 -1.14 -5.58 7.79
N ARG A 81 -1.87 -5.34 8.88
CA ARG A 81 -3.21 -4.77 8.79
C ARG A 81 -3.13 -3.29 8.42
N LYS A 82 -2.09 -2.62 8.87
CA LYS A 82 -1.90 -1.21 8.59
C LYS A 82 -1.55 -0.98 7.12
N LEU A 83 -0.70 -1.85 6.58
CA LEU A 83 -0.29 -1.75 5.19
C LEU A 83 -1.41 -2.18 4.26
N LEU A 84 -2.36 -2.95 4.79
CA LEU A 84 -3.49 -3.43 4.01
C LEU A 84 -4.66 -2.45 4.08
N GLN A 85 -4.71 -1.67 5.14
CA GLN A 85 -5.77 -0.68 5.33
C GLN A 85 -5.49 0.58 4.53
N ALA A 86 -4.22 1.00 4.53
CA ALA A 86 -3.82 2.20 3.80
C ALA A 86 -3.73 1.92 2.30
N ALA A 87 -3.63 0.65 1.94
CA ALA A 87 -3.55 0.26 0.54
C ALA A 87 -4.94 0.13 -0.08
N ARG A 88 -5.88 -0.42 0.68
CA ARG A 88 -7.24 -0.61 0.20
C ARG A 88 -8.00 0.72 0.20
N SER A 89 -7.54 1.65 1.04
CA SER A 89 -8.19 2.96 1.13
C SER A 89 -7.91 3.80 -0.12
N LEU A 90 -7.00 3.31 -0.96
CA LEU A 90 -6.63 4.00 -2.18
C LEU A 90 -7.68 3.76 -3.27
N PRO A 91 -7.69 4.64 -4.29
CA PRO A 91 -8.61 4.55 -5.41
C PRO A 91 -8.32 3.35 -6.31
N LYS A 92 -9.36 2.77 -6.89
CA LYS A 92 -9.21 1.63 -7.78
C LYS A 92 -8.31 1.98 -8.96
N VAL A 93 -7.64 0.96 -9.50
CA VAL A 93 -6.75 1.16 -10.64
C VAL A 93 -7.52 1.60 -11.87
N LYS A 94 -6.89 2.44 -12.69
CA LYS A 94 -7.52 2.94 -13.91
C LYS A 94 -7.85 1.80 -14.86
N ALA A 95 -8.78 2.04 -15.78
CA ALA A 95 -9.19 1.03 -16.75
C ALA A 95 -8.53 1.27 -18.10
N LEU A 96 -7.61 0.38 -18.47
CA LEU A 96 -6.91 0.50 -19.75
C LEU A 96 -7.89 0.49 -20.91
N GLY A 97 -7.70 1.41 -21.85
CA GLY A 97 -8.57 1.50 -23.01
C GLY A 97 -8.47 0.27 -23.90
N TYR A 98 -8.91 0.41 -25.14
CA TYR A 98 -8.88 -0.70 -26.09
C TYR A 98 -9.08 -0.19 -27.52
N ASP A 99 -8.58 1.00 -27.80
CA ASP A 99 -8.71 1.60 -29.13
C ASP A 99 -10.18 1.70 -29.53
N GLY A 100 -10.89 2.67 -28.97
CA GLY A 100 -12.28 2.85 -29.29
C GLY A 100 -12.91 4.00 -28.53
N ASN A 101 -14.19 4.28 -28.81
CA ASN A 101 -14.90 5.36 -28.14
C ASN A 101 -15.63 4.85 -26.91
N MET A 21 -21.14 2.31 0.63
CA MET A 21 -20.17 2.50 1.69
C MET A 21 -18.89 3.13 1.16
N ILE A 22 -18.69 4.40 1.47
CA ILE A 22 -17.50 5.12 1.02
C ILE A 22 -16.65 5.57 2.20
N SER A 23 -15.45 6.07 1.91
CA SER A 23 -14.54 6.54 2.95
C SER A 23 -14.16 8.01 2.72
N GLY A 24 -13.80 8.32 1.48
CA GLY A 24 -13.42 9.69 1.15
C GLY A 24 -11.91 9.84 1.00
N LEU A 25 -11.34 10.78 1.75
CA LEU A 25 -9.90 11.03 1.71
C LEU A 25 -9.47 11.39 0.29
N ARG A 26 -8.17 11.63 0.12
CA ARG A 26 -7.62 11.98 -1.18
C ARG A 26 -6.13 11.66 -1.25
N THR A 27 -5.50 12.01 -2.37
CA THR A 27 -4.09 11.76 -2.56
C THR A 27 -3.29 13.06 -2.56
N LEU A 28 -1.97 12.95 -2.74
CA LEU A 28 -1.10 14.12 -2.74
C LEU A 28 0.26 13.78 -3.34
N GLU A 29 0.27 12.80 -4.25
CA GLU A 29 1.51 12.37 -4.90
C GLU A 29 2.53 11.90 -3.87
N GLN A 30 2.04 11.23 -2.83
CA GLN A 30 2.90 10.73 -1.77
C GLN A 30 3.69 9.52 -2.25
N SER A 31 4.94 9.41 -1.79
CA SER A 31 5.80 8.30 -2.17
C SER A 31 5.76 7.18 -1.13
N VAL A 32 6.50 6.11 -1.38
CA VAL A 32 6.55 4.98 -0.47
C VAL A 32 6.99 5.42 0.93
N GLY A 33 8.12 6.10 1.01
CA GLY A 33 8.62 6.56 2.28
C GLY A 33 7.60 7.40 3.03
N GLU A 34 7.24 8.54 2.46
CA GLU A 34 6.27 9.43 3.08
C GLU A 34 5.00 8.68 3.46
N TRP A 35 4.46 7.91 2.52
CA TRP A 35 3.25 7.13 2.75
C TRP A 35 3.38 6.30 4.03
N LEU A 36 4.42 5.48 4.08
CA LEU A 36 4.65 4.62 5.24
C LEU A 36 4.97 5.45 6.48
N GLU A 37 5.55 6.62 6.26
CA GLU A 37 5.90 7.52 7.36
C GLU A 37 4.65 8.06 8.04
N SER A 38 3.57 8.17 7.27
CA SER A 38 2.30 8.68 7.80
C SER A 38 1.65 7.66 8.72
N ILE A 39 2.02 6.40 8.56
CA ILE A 39 1.47 5.32 9.37
C ILE A 39 2.48 4.85 10.42
N GLY A 40 3.75 5.16 10.18
CA GLY A 40 4.80 4.76 11.10
C GLY A 40 5.45 3.45 10.71
N LEU A 41 5.37 3.12 9.42
CA LEU A 41 5.97 1.89 8.91
C LEU A 41 7.08 2.19 7.92
N GLN A 42 7.51 3.45 7.87
CA GLN A 42 8.56 3.88 6.97
C GLN A 42 9.82 3.03 7.16
N GLN A 43 9.96 2.44 8.35
CA GLN A 43 11.11 1.61 8.66
C GLN A 43 11.14 0.37 7.79
N TYR A 44 9.96 -0.15 7.47
CA TYR A 44 9.85 -1.33 6.63
C TYR A 44 9.84 -0.97 5.15
N GLU A 45 10.06 0.31 4.87
CA GLU A 45 10.08 0.79 3.48
C GLU A 45 11.05 -0.02 2.64
N SER A 46 12.22 -0.30 3.20
CA SER A 46 13.24 -1.07 2.49
C SER A 46 12.66 -2.37 1.94
N LYS A 47 11.80 -3.00 2.72
CA LYS A 47 11.17 -4.25 2.31
C LYS A 47 10.21 -4.02 1.14
N LEU A 48 9.51 -2.90 1.18
CA LEU A 48 8.56 -2.56 0.12
C LEU A 48 9.28 -1.98 -1.10
N LEU A 49 10.59 -1.78 -0.96
CA LEU A 49 11.39 -1.23 -2.04
C LEU A 49 12.24 -2.32 -2.70
N LEU A 50 12.79 -3.20 -1.88
CA LEU A 50 13.61 -4.29 -2.37
C LEU A 50 12.77 -5.33 -3.11
N ASN A 51 11.48 -5.36 -2.80
CA ASN A 51 10.56 -6.30 -3.43
C ASN A 51 9.87 -5.65 -4.63
N GLY A 52 10.49 -4.63 -5.19
CA GLY A 52 9.93 -3.94 -6.33
C GLY A 52 8.49 -3.53 -6.10
N PHE A 53 8.14 -3.29 -4.84
CA PHE A 53 6.78 -2.87 -4.49
C PHE A 53 6.70 -1.36 -4.30
N ASP A 54 7.80 -0.68 -4.59
CA ASP A 54 7.86 0.77 -4.45
C ASP A 54 6.77 1.44 -5.28
N ASP A 55 6.29 0.73 -6.30
CA ASP A 55 5.25 1.25 -7.17
C ASP A 55 3.94 1.42 -6.42
N VAL A 56 3.67 2.65 -5.99
CA VAL A 56 2.45 2.95 -5.25
C VAL A 56 1.21 2.66 -6.10
N HIS A 57 1.41 2.56 -7.41
CA HIS A 57 0.31 2.28 -8.32
C HIS A 57 0.16 0.78 -8.57
N PHE A 58 0.78 -0.01 -7.70
CA PHE A 58 0.72 -1.47 -7.82
C PHE A 58 -0.09 -2.07 -6.68
N LEU A 59 -0.12 -1.37 -5.54
CA LEU A 59 -0.85 -1.83 -4.37
C LEU A 59 -2.28 -2.21 -4.74
N GLY A 60 -2.99 -1.29 -5.40
CA GLY A 60 -4.36 -1.54 -5.79
C GLY A 60 -4.45 -2.30 -7.09
N SER A 61 -3.79 -3.45 -7.16
CA SER A 61 -3.80 -4.27 -8.37
C SER A 61 -3.42 -5.72 -8.05
N ASN A 62 -2.16 -5.91 -7.68
CA ASN A 62 -1.67 -7.25 -7.34
C ASN A 62 -2.43 -7.83 -6.16
N VAL A 63 -2.00 -9.00 -5.69
CA VAL A 63 -2.63 -9.66 -4.56
C VAL A 63 -2.78 -8.71 -3.37
N MET A 64 -1.69 -8.00 -3.06
CA MET A 64 -1.69 -7.06 -1.95
C MET A 64 -2.39 -7.65 -0.73
N GLU A 65 -2.04 -8.88 -0.39
CA GLU A 65 -2.65 -9.55 0.76
C GLU A 65 -1.60 -9.89 1.81
N GLU A 66 -2.02 -10.58 2.87
CA GLU A 66 -1.12 -10.97 3.94
C GLU A 66 0.14 -11.62 3.37
N GLN A 67 -0.04 -12.72 2.66
CA GLN A 67 1.09 -13.44 2.07
C GLN A 67 2.00 -12.49 1.29
N ASP A 68 1.39 -11.45 0.73
CA ASP A 68 2.15 -10.47 -0.05
C ASP A 68 3.06 -9.65 0.86
N LEU A 69 2.51 -9.16 1.97
CA LEU A 69 3.26 -8.35 2.92
C LEU A 69 4.31 -9.20 3.64
N ARG A 70 4.00 -10.49 3.80
CA ARG A 70 4.90 -11.40 4.48
C ARG A 70 6.08 -11.76 3.59
N ASP A 71 5.82 -11.90 2.29
CA ASP A 71 6.87 -12.24 1.33
C ASP A 71 7.90 -11.12 1.23
N ILE A 72 7.43 -9.88 1.34
CA ILE A 72 8.31 -8.72 1.25
C ILE A 72 9.06 -8.52 2.57
N GLY A 73 8.50 -9.03 3.65
CA GLY A 73 9.13 -8.90 4.95
C GLY A 73 8.13 -8.63 6.07
N ILE A 74 7.14 -7.79 5.78
CA ILE A 74 6.11 -7.45 6.76
C ILE A 74 5.39 -8.70 7.25
N SER A 75 5.81 -9.23 8.39
CA SER A 75 5.21 -10.42 8.96
C SER A 75 4.51 -10.10 10.28
N ASP A 76 4.48 -8.81 10.62
CA ASP A 76 3.84 -8.37 11.86
C ASP A 76 2.35 -8.11 11.65
N PRO A 77 1.55 -8.31 12.71
CA PRO A 77 0.11 -8.10 12.65
C PRO A 77 -0.27 -6.63 12.53
N GLN A 78 0.36 -5.80 13.35
CA GLN A 78 0.09 -4.37 13.33
C GLN A 78 0.67 -3.72 12.07
N HIS A 79 1.46 -4.48 11.34
CA HIS A 79 2.08 -3.98 10.11
C HIS A 79 1.35 -4.53 8.88
N ARG A 80 0.79 -5.72 9.01
CA ARG A 80 0.07 -6.35 7.91
C ARG A 80 -1.34 -5.78 7.79
N ARG A 81 -1.94 -5.43 8.93
CA ARG A 81 -3.28 -4.87 8.94
C ARG A 81 -3.27 -3.40 8.55
N LYS A 82 -2.22 -2.69 8.98
CA LYS A 82 -2.08 -1.27 8.67
C LYS A 82 -1.79 -1.06 7.19
N LEU A 83 -0.89 -1.87 6.65
CA LEU A 83 -0.53 -1.77 5.24
C LEU A 83 -1.69 -2.17 4.35
N LEU A 84 -2.60 -2.98 4.88
CA LEU A 84 -3.77 -3.43 4.13
C LEU A 84 -4.87 -2.38 4.17
N GLN A 85 -4.88 -1.56 5.21
CA GLN A 85 -5.88 -0.51 5.36
C GLN A 85 -5.54 0.69 4.49
N ALA A 86 -4.26 1.09 4.52
CA ALA A 86 -3.81 2.23 3.73
C ALA A 86 -3.72 1.88 2.25
N ALA A 87 -3.68 0.58 1.96
CA ALA A 87 -3.59 0.11 0.58
C ALA A 87 -4.98 -0.09 -0.02
N ARG A 88 -5.90 -0.58 0.80
CA ARG A 88 -7.27 -0.83 0.35
C ARG A 88 -8.04 0.48 0.19
N SER A 89 -7.58 1.51 0.91
CA SER A 89 -8.22 2.82 0.84
C SER A 89 -7.92 3.51 -0.48
N LEU A 90 -7.03 2.93 -1.26
CA LEU A 90 -6.66 3.49 -2.55
C LEU A 90 -7.63 3.06 -3.63
N PRO A 91 -7.65 3.81 -4.75
CA PRO A 91 -8.54 3.53 -5.88
C PRO A 91 -8.14 2.26 -6.62
N LYS A 92 -8.78 2.03 -7.76
CA LYS A 92 -8.51 0.85 -8.57
C LYS A 92 -7.72 1.21 -9.83
N VAL A 93 -6.79 0.35 -10.21
CA VAL A 93 -5.97 0.59 -11.39
C VAL A 93 -6.84 0.75 -12.64
N LYS A 94 -6.44 1.67 -13.51
CA LYS A 94 -7.17 1.93 -14.74
C LYS A 94 -7.29 0.67 -15.58
N ALA A 95 -8.52 0.21 -15.80
CA ALA A 95 -8.76 -0.99 -16.59
C ALA A 95 -8.16 -0.85 -17.98
N LEU A 96 -7.79 -1.99 -18.58
CA LEU A 96 -7.20 -1.99 -19.91
C LEU A 96 -5.88 -1.25 -19.93
N GLY A 97 -5.10 -1.45 -20.99
CA GLY A 97 -3.82 -0.78 -21.10
C GLY A 97 -2.66 -1.70 -20.74
N TYR A 98 -2.69 -2.21 -19.52
CA TYR A 98 -1.63 -3.10 -19.04
C TYR A 98 -2.14 -4.53 -18.91
N ASP A 99 -3.08 -4.74 -18.00
CA ASP A 99 -3.66 -6.06 -17.78
C ASP A 99 -5.18 -5.99 -17.72
N GLY A 100 -5.81 -7.14 -17.51
CA GLY A 100 -7.26 -7.19 -17.42
C GLY A 100 -7.75 -8.01 -16.25
N ASN A 101 -8.83 -8.75 -16.47
CA ASN A 101 -9.41 -9.59 -15.42
C ASN A 101 -9.85 -8.74 -14.22
N MET A 21 -21.11 15.64 5.15
CA MET A 21 -20.04 15.27 4.23
C MET A 21 -18.76 16.04 4.55
N ILE A 22 -17.98 15.51 5.48
CA ILE A 22 -16.73 16.14 5.88
C ILE A 22 -15.53 15.23 5.60
N SER A 23 -15.77 13.93 5.67
CA SER A 23 -14.72 12.95 5.43
C SER A 23 -14.23 13.02 3.98
N GLY A 24 -13.16 12.29 3.68
CA GLY A 24 -12.62 12.28 2.35
C GLY A 24 -11.68 13.45 2.08
N LEU A 25 -10.39 13.16 2.01
CA LEU A 25 -9.39 14.19 1.77
C LEU A 25 -8.70 13.98 0.43
N ARG A 26 -9.40 13.34 -0.49
CA ARG A 26 -8.86 13.07 -1.83
C ARG A 26 -7.62 12.18 -1.74
N THR A 27 -7.17 11.70 -2.89
CA THR A 27 -5.99 10.84 -2.95
C THR A 27 -4.72 11.64 -3.17
N LEU A 28 -3.61 10.95 -3.36
CA LEU A 28 -2.32 11.60 -3.58
C LEU A 28 -1.28 10.60 -4.06
N GLU A 29 -0.13 11.11 -4.51
CA GLU A 29 0.94 10.26 -5.00
C GLU A 29 2.08 10.19 -3.99
N GLN A 30 1.73 10.13 -2.71
CA GLN A 30 2.72 10.06 -1.64
C GLN A 30 3.70 8.93 -1.89
N SER A 31 4.98 9.28 -2.02
CA SER A 31 6.02 8.30 -2.27
C SER A 31 5.99 7.18 -1.23
N VAL A 32 6.69 6.10 -1.50
CA VAL A 32 6.74 4.97 -0.58
C VAL A 32 7.20 5.39 0.80
N GLY A 33 8.34 6.08 0.86
CA GLY A 33 8.88 6.53 2.13
C GLY A 33 7.89 7.40 2.89
N GLU A 34 7.50 8.52 2.30
CA GLU A 34 6.56 9.43 2.93
C GLU A 34 5.29 8.71 3.34
N TRP A 35 4.72 7.95 2.40
CA TRP A 35 3.49 7.20 2.66
C TRP A 35 3.63 6.35 3.91
N LEU A 36 4.67 5.52 3.96
CA LEU A 36 4.91 4.66 5.10
C LEU A 36 5.24 5.47 6.35
N GLU A 37 5.84 6.63 6.14
CA GLU A 37 6.21 7.51 7.25
C GLU A 37 4.96 8.05 7.95
N SER A 38 3.88 8.18 7.19
CA SER A 38 2.62 8.68 7.74
C SER A 38 1.98 7.65 8.66
N ILE A 39 2.31 6.39 8.45
CA ILE A 39 1.76 5.30 9.26
C ILE A 39 2.79 4.82 10.28
N GLY A 40 4.05 5.17 10.06
CA GLY A 40 5.11 4.76 10.97
C GLY A 40 5.77 3.46 10.55
N LEU A 41 5.67 3.14 9.27
CA LEU A 41 6.26 1.92 8.74
C LEU A 41 7.36 2.23 7.73
N GLN A 42 7.79 3.48 7.70
CA GLN A 42 8.84 3.91 6.79
C GLN A 42 10.08 3.04 6.93
N GLN A 43 10.24 2.42 8.09
CA GLN A 43 11.38 1.55 8.35
C GLN A 43 11.35 0.33 7.44
N TYR A 44 10.15 -0.14 7.12
CA TYR A 44 9.99 -1.31 6.26
C TYR A 44 10.05 -0.90 4.78
N GLU A 45 10.30 0.37 4.54
CA GLU A 45 10.39 0.88 3.18
C GLU A 45 11.35 0.04 2.34
N SER A 46 12.55 -0.17 2.86
CA SER A 46 13.57 -0.96 2.17
C SER A 46 12.99 -2.29 1.72
N LYS A 47 12.25 -2.95 2.62
CA LYS A 47 11.65 -4.24 2.31
C LYS A 47 10.59 -4.11 1.23
N LEU A 48 9.83 -3.02 1.28
CA LEU A 48 8.78 -2.77 0.31
C LEU A 48 9.36 -2.20 -0.98
N LEU A 49 10.65 -1.93 -0.97
CA LEU A 49 11.33 -1.39 -2.15
C LEU A 49 12.21 -2.45 -2.81
N LEU A 50 12.81 -3.30 -1.99
CA LEU A 50 13.68 -4.37 -2.50
C LEU A 50 12.85 -5.53 -3.03
N ASN A 51 11.57 -5.55 -2.68
CA ASN A 51 10.67 -6.62 -3.12
C ASN A 51 9.87 -6.17 -4.34
N GLY A 52 10.37 -5.16 -5.04
CA GLY A 52 9.69 -4.65 -6.21
C GLY A 52 8.22 -4.35 -5.94
N PHE A 53 7.96 -3.57 -4.91
CA PHE A 53 6.59 -3.21 -4.55
C PHE A 53 6.47 -1.71 -4.28
N ASP A 54 7.56 -0.98 -4.54
CA ASP A 54 7.57 0.47 -4.33
C ASP A 54 6.52 1.15 -5.20
N ASP A 55 6.06 0.47 -6.23
CA ASP A 55 5.06 1.01 -7.13
C ASP A 55 3.80 1.40 -6.37
N VAL A 56 3.66 2.69 -6.07
CA VAL A 56 2.51 3.19 -5.34
C VAL A 56 1.23 3.02 -6.16
N HIS A 57 1.39 2.84 -7.46
CA HIS A 57 0.24 2.66 -8.36
C HIS A 57 -0.09 1.19 -8.53
N PHE A 58 0.45 0.36 -7.63
CA PHE A 58 0.21 -1.08 -7.69
C PHE A 58 -0.54 -1.56 -6.44
N LEU A 59 -0.48 -0.76 -5.38
CA LEU A 59 -1.15 -1.09 -4.13
C LEU A 59 -2.62 -1.42 -4.38
N GLY A 60 -3.24 -0.66 -5.27
CA GLY A 60 -4.65 -0.88 -5.58
C GLY A 60 -4.83 -1.81 -6.75
N SER A 61 -4.01 -2.84 -6.83
CA SER A 61 -4.09 -3.81 -7.92
C SER A 61 -3.49 -5.15 -7.51
N ASN A 62 -2.25 -5.11 -7.01
CA ASN A 62 -1.57 -6.32 -6.57
C ASN A 62 -2.43 -7.10 -5.57
N VAL A 63 -2.08 -8.37 -5.36
CA VAL A 63 -2.80 -9.22 -4.43
C VAL A 63 -2.97 -8.54 -3.07
N MET A 64 -1.88 -7.97 -2.57
CA MET A 64 -1.90 -7.29 -1.29
C MET A 64 -2.60 -8.14 -0.23
N GLU A 65 -2.03 -9.31 0.06
CA GLU A 65 -2.60 -10.22 1.05
C GLU A 65 -1.64 -10.42 2.22
N GLU A 66 -2.12 -11.10 3.25
CA GLU A 66 -1.31 -11.36 4.43
C GLU A 66 0.03 -11.99 4.04
N GLN A 67 0.01 -12.81 3.00
CA GLN A 67 1.22 -13.47 2.52
C GLN A 67 2.14 -12.48 1.82
N ASP A 68 1.56 -11.67 0.94
CA ASP A 68 2.33 -10.67 0.19
C ASP A 68 3.17 -9.82 1.13
N LEU A 69 2.57 -9.43 2.26
CA LEU A 69 3.27 -8.61 3.25
C LEU A 69 4.34 -9.42 3.98
N ARG A 70 4.07 -10.71 4.17
CA ARG A 70 5.00 -11.58 4.85
C ARG A 70 6.21 -11.87 3.98
N ASP A 71 5.98 -12.04 2.67
CA ASP A 71 7.05 -12.31 1.73
C ASP A 71 8.04 -11.15 1.67
N ILE A 72 7.52 -9.93 1.73
CA ILE A 72 8.35 -8.74 1.68
C ILE A 72 9.04 -8.50 3.02
N GLY A 73 8.62 -9.25 4.04
CA GLY A 73 9.20 -9.09 5.36
C GLY A 73 8.17 -8.78 6.42
N ILE A 74 7.20 -7.94 6.07
CA ILE A 74 6.16 -7.56 7.00
C ILE A 74 5.39 -8.77 7.51
N SER A 75 5.77 -9.25 8.69
CA SER A 75 5.13 -10.41 9.30
C SER A 75 4.40 -10.03 10.58
N ASP A 76 4.40 -8.74 10.89
CA ASP A 76 3.74 -8.24 12.08
C ASP A 76 2.27 -7.93 11.81
N PRO A 77 1.43 -8.06 12.85
CA PRO A 77 -0.01 -7.79 12.74
C PRO A 77 -0.31 -6.30 12.56
N GLN A 78 0.32 -5.47 13.37
CA GLN A 78 0.12 -4.03 13.29
C GLN A 78 0.82 -3.45 12.06
N HIS A 79 1.60 -4.28 11.39
CA HIS A 79 2.32 -3.84 10.19
C HIS A 79 1.69 -4.43 8.94
N ARG A 80 0.88 -5.47 9.12
CA ARG A 80 0.21 -6.11 7.99
C ARG A 80 -1.14 -5.45 7.70
N ARG A 81 -1.89 -5.17 8.76
CA ARG A 81 -3.20 -4.54 8.62
C ARG A 81 -3.06 -3.07 8.23
N LYS A 82 -2.04 -2.41 8.79
CA LYS A 82 -1.78 -1.01 8.50
C LYS A 82 -1.39 -0.81 7.04
N LEU A 83 -0.61 -1.75 6.51
CA LEU A 83 -0.16 -1.68 5.12
C LEU A 83 -1.27 -2.11 4.17
N LEU A 84 -2.25 -2.82 4.70
CA LEU A 84 -3.38 -3.29 3.90
C LEU A 84 -4.54 -2.29 3.96
N GLN A 85 -4.58 -1.49 5.02
CA GLN A 85 -5.62 -0.51 5.20
C GLN A 85 -5.33 0.76 4.40
N ALA A 86 -4.07 1.17 4.38
CA ALA A 86 -3.66 2.36 3.66
C ALA A 86 -3.57 2.08 2.16
N ALA A 87 -3.49 0.80 1.80
CA ALA A 87 -3.42 0.40 0.40
C ALA A 87 -4.80 0.28 -0.23
N ARG A 88 -5.73 -0.29 0.53
CA ARG A 88 -7.10 -0.47 0.06
C ARG A 88 -7.84 0.86 0.02
N SER A 89 -7.40 1.80 0.86
CA SER A 89 -8.02 3.12 0.92
C SER A 89 -7.69 3.94 -0.32
N LEU A 90 -6.77 3.44 -1.13
CA LEU A 90 -6.36 4.11 -2.35
C LEU A 90 -7.30 3.75 -3.51
N PRO A 91 -7.29 4.59 -4.55
CA PRO A 91 -8.13 4.39 -5.75
C PRO A 91 -7.67 3.19 -6.57
N LYS A 92 -8.58 2.65 -7.38
CA LYS A 92 -8.26 1.51 -8.22
C LYS A 92 -7.42 1.93 -9.42
N VAL A 93 -6.49 1.08 -9.82
CA VAL A 93 -5.63 1.36 -10.97
C VAL A 93 -6.42 1.40 -12.26
N LYS A 94 -5.94 2.19 -13.22
CA LYS A 94 -6.62 2.31 -14.51
C LYS A 94 -6.85 0.94 -15.14
N ALA A 95 -5.80 0.14 -15.20
CA ALA A 95 -5.88 -1.20 -15.77
C ALA A 95 -7.02 -1.99 -15.13
N LEU A 96 -7.84 -2.63 -15.97
CA LEU A 96 -8.97 -3.42 -15.49
C LEU A 96 -8.50 -4.49 -14.51
N GLY A 97 -9.45 -5.09 -13.80
CA GLY A 97 -9.12 -6.13 -12.84
C GLY A 97 -10.28 -6.48 -11.94
N TYR A 98 -9.98 -7.07 -10.79
CA TYR A 98 -11.02 -7.45 -9.83
C TYR A 98 -11.71 -6.23 -9.24
N ASP A 99 -12.78 -5.80 -9.90
CA ASP A 99 -13.55 -4.64 -9.45
C ASP A 99 -15.01 -5.00 -9.22
N GLY A 100 -15.78 -4.03 -8.73
CA GLY A 100 -17.20 -4.27 -8.48
C GLY A 100 -17.51 -4.31 -6.99
N ASN A 101 -17.47 -3.15 -6.35
CA ASN A 101 -17.75 -3.05 -4.93
C ASN A 101 -16.89 -4.02 -4.13
N MET A 21 -15.16 10.12 6.03
CA MET A 21 -14.27 10.36 7.16
C MET A 21 -13.38 9.14 7.41
N ILE A 22 -12.22 9.12 6.76
CA ILE A 22 -11.28 8.01 6.92
C ILE A 22 -9.85 8.51 6.92
N SER A 23 -9.66 9.76 7.33
CA SER A 23 -8.33 10.36 7.38
C SER A 23 -7.63 10.24 6.02
N GLY A 24 -6.35 10.61 5.99
CA GLY A 24 -5.60 10.54 4.75
C GLY A 24 -5.48 11.88 4.07
N LEU A 25 -4.43 12.63 4.40
CA LEU A 25 -4.22 13.95 3.82
C LEU A 25 -3.02 13.93 2.88
N ARG A 26 -2.73 12.75 2.32
CA ARG A 26 -1.61 12.60 1.40
C ARG A 26 -2.06 12.75 -0.05
N THR A 27 -3.28 12.29 -0.33
CA THR A 27 -3.84 12.37 -1.67
C THR A 27 -2.89 11.76 -2.69
N LEU A 28 -3.24 11.90 -3.96
CA LEU A 28 -2.41 11.36 -5.05
C LEU A 28 -1.17 12.21 -5.26
N GLU A 29 -0.20 12.06 -4.37
CA GLU A 29 1.05 12.83 -4.47
C GLU A 29 2.00 12.44 -3.35
N GLN A 30 2.01 11.15 -3.00
CA GLN A 30 2.88 10.66 -1.95
C GLN A 30 3.69 9.46 -2.43
N SER A 31 4.89 9.29 -1.87
CA SER A 31 5.77 8.19 -2.25
C SER A 31 5.75 7.10 -1.18
N VAL A 32 6.51 6.03 -1.42
CA VAL A 32 6.58 4.92 -0.48
C VAL A 32 7.04 5.39 0.90
N GLY A 33 8.19 6.06 0.93
CA GLY A 33 8.72 6.55 2.19
C GLY A 33 7.71 7.39 2.95
N GLU A 34 7.32 8.52 2.36
CA GLU A 34 6.36 9.42 2.99
C GLU A 34 5.11 8.66 3.43
N TRP A 35 4.55 7.88 2.50
CA TRP A 35 3.35 7.11 2.79
C TRP A 35 3.52 6.28 4.06
N LEU A 36 4.57 5.47 4.10
CA LEU A 36 4.86 4.64 5.27
C LEU A 36 5.19 5.49 6.49
N GLU A 37 5.75 6.67 6.23
CA GLU A 37 6.11 7.57 7.32
C GLU A 37 4.86 8.10 8.03
N SER A 38 3.76 8.20 7.29
CA SER A 38 2.51 8.69 7.85
C SER A 38 1.91 7.67 8.82
N ILE A 39 2.26 6.41 8.63
CA ILE A 39 1.76 5.33 9.48
C ILE A 39 2.81 4.91 10.50
N GLY A 40 4.07 5.25 10.22
CA GLY A 40 5.15 4.90 11.13
C GLY A 40 5.82 3.60 10.75
N LEU A 41 5.72 3.22 9.48
CA LEU A 41 6.32 1.98 8.99
C LEU A 41 7.38 2.27 7.94
N GLN A 42 7.78 3.54 7.84
CA GLN A 42 8.80 3.94 6.88
C GLN A 42 10.08 3.12 7.05
N GLN A 43 10.27 2.58 8.26
CA GLN A 43 11.45 1.79 8.55
C GLN A 43 11.47 0.51 7.71
N TYR A 44 10.29 -0.02 7.43
CA TYR A 44 10.18 -1.24 6.64
C TYR A 44 10.08 -0.91 5.15
N GLU A 45 10.32 0.35 4.81
CA GLU A 45 10.26 0.79 3.42
C GLU A 45 11.19 -0.05 2.56
N SER A 46 12.41 -0.26 3.03
CA SER A 46 13.39 -1.05 2.29
C SER A 46 12.80 -2.37 1.83
N LYS A 47 12.00 -2.98 2.71
CA LYS A 47 11.37 -4.26 2.39
C LYS A 47 10.34 -4.10 1.28
N LEU A 48 9.63 -2.98 1.29
CA LEU A 48 8.61 -2.71 0.27
C LEU A 48 9.26 -2.20 -1.01
N LEU A 49 10.57 -1.97 -0.96
CA LEU A 49 11.31 -1.49 -2.13
C LEU A 49 12.12 -2.61 -2.76
N LEU A 50 12.71 -3.46 -1.92
CA LEU A 50 13.52 -4.57 -2.40
C LEU A 50 12.65 -5.60 -3.13
N ASN A 51 11.37 -5.63 -2.79
CA ASN A 51 10.44 -6.56 -3.42
C ASN A 51 9.72 -5.90 -4.59
N GLY A 52 10.31 -4.85 -5.13
CA GLY A 52 9.72 -4.15 -6.25
C GLY A 52 8.27 -3.78 -6.01
N PHE A 53 7.91 -3.60 -4.74
CA PHE A 53 6.54 -3.24 -4.37
C PHE A 53 6.42 -1.75 -4.11
N ASP A 54 7.48 -1.01 -4.41
CA ASP A 54 7.50 0.44 -4.21
C ASP A 54 6.45 1.12 -5.09
N ASP A 55 6.02 0.42 -6.12
CA ASP A 55 5.02 0.95 -7.04
C ASP A 55 3.77 1.39 -6.28
N VAL A 56 3.64 2.68 -6.04
CA VAL A 56 2.48 3.22 -5.33
C VAL A 56 1.22 3.08 -6.15
N HIS A 57 1.38 2.91 -7.46
CA HIS A 57 0.23 2.75 -8.36
C HIS A 57 -0.12 1.28 -8.53
N PHE A 58 0.41 0.44 -7.65
CA PHE A 58 0.15 -0.99 -7.70
C PHE A 58 -0.49 -1.48 -6.40
N LEU A 59 -0.50 -0.61 -5.41
CA LEU A 59 -1.08 -0.94 -4.11
C LEU A 59 -2.53 -1.40 -4.26
N GLY A 60 -3.18 -0.95 -5.33
CA GLY A 60 -4.56 -1.32 -5.58
C GLY A 60 -4.68 -2.46 -6.58
N SER A 61 -3.61 -2.68 -7.34
CA SER A 61 -3.60 -3.74 -8.35
C SER A 61 -3.10 -5.06 -7.76
N ASN A 62 -1.87 -5.02 -7.24
CA ASN A 62 -1.26 -6.21 -6.65
C ASN A 62 -2.20 -6.85 -5.62
N VAL A 63 -1.97 -8.13 -5.34
CA VAL A 63 -2.79 -8.85 -4.37
C VAL A 63 -2.68 -8.23 -2.98
N MET A 64 -1.45 -7.91 -2.58
CA MET A 64 -1.20 -7.31 -1.27
C MET A 64 -1.93 -8.08 -0.18
N GLU A 65 -1.65 -9.37 -0.08
CA GLU A 65 -2.29 -10.22 0.92
C GLU A 65 -1.35 -10.45 2.10
N GLU A 66 -1.83 -11.19 3.10
CA GLU A 66 -1.03 -11.48 4.29
C GLU A 66 0.33 -12.04 3.90
N GLN A 67 0.32 -13.02 3.00
CA GLN A 67 1.57 -13.65 2.55
C GLN A 67 2.44 -12.65 1.80
N ASP A 68 1.83 -11.91 0.89
CA ASP A 68 2.55 -10.91 0.10
C ASP A 68 3.35 -9.98 1.00
N LEU A 69 2.73 -9.54 2.10
CA LEU A 69 3.38 -8.65 3.04
C LEU A 69 4.51 -9.37 3.79
N ARG A 70 4.33 -10.67 4.00
CA ARG A 70 5.32 -11.47 4.70
C ARG A 70 6.54 -11.73 3.79
N ASP A 71 6.28 -11.98 2.52
CA ASP A 71 7.34 -12.24 1.57
C ASP A 71 8.28 -11.05 1.45
N ILE A 72 7.71 -9.85 1.53
CA ILE A 72 8.50 -8.62 1.43
C ILE A 72 9.21 -8.33 2.74
N GLY A 73 8.71 -8.90 3.83
CA GLY A 73 9.30 -8.68 5.13
C GLY A 73 8.27 -8.43 6.21
N ILE A 74 7.25 -7.64 5.87
CA ILE A 74 6.19 -7.32 6.83
C ILE A 74 5.46 -8.58 7.28
N SER A 75 5.77 -9.03 8.49
CA SER A 75 5.15 -10.23 9.05
C SER A 75 4.35 -9.90 10.30
N ASP A 76 4.60 -8.71 10.85
CA ASP A 76 3.90 -8.27 12.05
C ASP A 76 2.43 -7.99 11.76
N PRO A 77 1.58 -8.17 12.77
CA PRO A 77 0.13 -7.95 12.64
C PRO A 77 -0.22 -6.47 12.47
N GLN A 78 0.39 -5.62 13.29
CA GLN A 78 0.14 -4.19 13.23
C GLN A 78 0.81 -3.57 12.01
N HIS A 79 1.63 -4.37 11.33
CA HIS A 79 2.34 -3.91 10.14
C HIS A 79 1.70 -4.48 8.88
N ARG A 80 0.99 -5.58 9.04
CA ARG A 80 0.33 -6.24 7.91
C ARG A 80 -1.04 -5.63 7.65
N ARG A 81 -1.79 -5.39 8.73
CA ARG A 81 -3.12 -4.81 8.61
C ARG A 81 -3.05 -3.34 8.22
N LYS A 82 -2.03 -2.65 8.72
CA LYS A 82 -1.85 -1.24 8.42
C LYS A 82 -1.52 -1.03 6.95
N LEU A 83 -0.63 -1.87 6.42
CA LEU A 83 -0.24 -1.78 5.02
C LEU A 83 -1.37 -2.21 4.09
N LEU A 84 -2.29 -3.02 4.63
CA LEU A 84 -3.42 -3.50 3.86
C LEU A 84 -4.58 -2.51 3.92
N GLN A 85 -4.66 -1.77 5.02
CA GLN A 85 -5.72 -0.79 5.19
C GLN A 85 -5.41 0.50 4.42
N ALA A 86 -4.15 0.92 4.48
CA ALA A 86 -3.72 2.14 3.80
C ALA A 86 -3.57 1.89 2.29
N ALA A 87 -3.47 0.62 1.92
CA ALA A 87 -3.34 0.26 0.51
C ALA A 87 -4.70 0.15 -0.17
N ARG A 88 -5.66 -0.43 0.54
CA ARG A 88 -7.01 -0.60 0.01
C ARG A 88 -7.77 0.72 0.04
N SER A 89 -7.34 1.63 0.91
CA SER A 89 -7.98 2.93 1.05
C SER A 89 -7.69 3.81 -0.16
N LEU A 90 -6.77 3.36 -1.01
CA LEU A 90 -6.40 4.11 -2.20
C LEU A 90 -7.53 4.08 -3.23
N PRO A 91 -7.50 5.03 -4.18
CA PRO A 91 -8.51 5.15 -5.23
C PRO A 91 -8.42 4.01 -6.24
N LYS A 92 -9.44 3.88 -7.07
CA LYS A 92 -9.48 2.83 -8.08
C LYS A 92 -8.47 3.10 -9.19
N VAL A 93 -8.10 2.06 -9.93
CA VAL A 93 -7.14 2.19 -11.02
C VAL A 93 -7.85 2.31 -12.36
N LYS A 94 -7.23 3.05 -13.28
CA LYS A 94 -7.80 3.26 -14.61
C LYS A 94 -7.73 1.97 -15.43
N ALA A 95 -8.65 1.83 -16.38
CA ALA A 95 -8.69 0.65 -17.23
C ALA A 95 -7.85 0.85 -18.49
N LEU A 96 -7.14 -0.20 -18.90
CA LEU A 96 -6.29 -0.13 -20.08
C LEU A 96 -5.43 1.12 -20.07
N GLY A 97 -4.80 1.42 -21.21
CA GLY A 97 -3.95 2.60 -21.30
C GLY A 97 -2.48 2.24 -21.35
N TYR A 98 -2.12 1.14 -20.70
CA TYR A 98 -0.73 0.69 -20.68
C TYR A 98 -0.64 -0.76 -20.19
N ASP A 99 -1.67 -1.54 -20.48
CA ASP A 99 -1.70 -2.94 -20.07
C ASP A 99 -2.39 -3.80 -21.12
N GLY A 100 -1.77 -4.92 -21.46
CA GLY A 100 -2.34 -5.81 -22.46
C GLY A 100 -2.25 -7.26 -22.05
N ASN A 101 -3.01 -7.65 -21.03
CA ASN A 101 -3.01 -9.02 -20.55
C ASN A 101 -4.40 -9.44 -20.08
N MET A 21 -19.63 6.17 -9.16
CA MET A 21 -18.58 6.06 -10.16
C MET A 21 -17.62 7.24 -10.10
N ILE A 22 -18.14 8.38 -9.65
CA ILE A 22 -17.34 9.59 -9.54
C ILE A 22 -16.98 9.89 -8.08
N SER A 23 -15.72 9.68 -7.73
CA SER A 23 -15.26 9.93 -6.37
C SER A 23 -14.42 11.20 -6.31
N GLY A 24 -13.22 11.14 -6.89
CA GLY A 24 -12.34 12.29 -6.89
C GLY A 24 -11.20 12.15 -7.87
N LEU A 25 -10.53 13.26 -8.17
CA LEU A 25 -9.42 13.25 -9.11
C LEU A 25 -8.41 14.36 -8.76
N ARG A 26 -8.25 14.62 -7.47
CA ARG A 26 -7.32 15.65 -7.01
C ARG A 26 -6.56 15.19 -5.78
N THR A 27 -6.23 13.89 -5.75
CA THR A 27 -5.50 13.32 -4.61
C THR A 27 -4.02 13.69 -4.68
N LEU A 28 -3.32 13.45 -3.57
CA LEU A 28 -1.89 13.75 -3.50
C LEU A 28 -1.07 12.66 -4.18
N GLU A 29 0.25 12.79 -4.11
CA GLU A 29 1.16 11.82 -4.72
C GLU A 29 2.24 11.40 -3.73
N GLN A 30 1.82 10.98 -2.54
CA GLN A 30 2.75 10.56 -1.51
C GLN A 30 3.58 9.37 -1.99
N SER A 31 4.89 9.45 -1.77
CA SER A 31 5.80 8.38 -2.19
C SER A 31 5.80 7.24 -1.17
N VAL A 32 6.51 6.17 -1.49
CA VAL A 32 6.59 5.01 -0.60
C VAL A 32 7.10 5.42 0.79
N GLY A 33 8.23 6.12 0.82
CA GLY A 33 8.79 6.56 2.08
C GLY A 33 7.80 7.35 2.91
N GLU A 34 7.40 8.52 2.40
CA GLU A 34 6.47 9.38 3.10
C GLU A 34 5.21 8.60 3.51
N TRP A 35 4.65 7.87 2.55
CA TRP A 35 3.45 7.08 2.81
C TRP A 35 3.64 6.19 4.04
N LEU A 36 4.68 5.37 4.02
CA LEU A 36 4.97 4.47 5.13
C LEU A 36 5.33 5.26 6.39
N GLU A 37 5.89 6.44 6.20
CA GLU A 37 6.27 7.29 7.32
C GLU A 37 5.04 7.79 8.08
N SER A 38 3.93 7.92 7.36
CA SER A 38 2.69 8.39 7.96
C SER A 38 2.09 7.33 8.87
N ILE A 39 2.45 6.08 8.62
CA ILE A 39 1.95 4.97 9.42
C ILE A 39 3.02 4.47 10.40
N GLY A 40 4.27 4.80 10.12
CA GLY A 40 5.35 4.38 10.98
C GLY A 40 6.01 3.11 10.51
N LEU A 41 5.89 2.82 9.22
CA LEU A 41 6.48 1.61 8.64
C LEU A 41 7.54 1.96 7.61
N GLN A 42 7.94 3.24 7.59
CA GLN A 42 8.96 3.70 6.66
C GLN A 42 10.23 2.87 6.77
N GLN A 43 10.43 2.27 7.94
CA GLN A 43 11.61 1.44 8.18
C GLN A 43 11.62 0.23 7.27
N TYR A 44 10.43 -0.30 6.98
CA TYR A 44 10.31 -1.48 6.12
C TYR A 44 10.23 -1.07 4.65
N GLU A 45 10.42 0.22 4.39
CA GLU A 45 10.37 0.74 3.03
C GLU A 45 11.32 -0.03 2.12
N SER A 46 12.52 -0.32 2.62
CA SER A 46 13.52 -1.05 1.84
C SER A 46 12.92 -2.32 1.26
N LYS A 47 12.37 -3.17 2.12
CA LYS A 47 11.77 -4.43 1.69
C LYS A 47 10.68 -4.17 0.66
N LEU A 48 9.90 -3.11 0.87
CA LEU A 48 8.83 -2.76 -0.05
C LEU A 48 9.37 -2.12 -1.32
N LEU A 49 10.68 -1.88 -1.35
CA LEU A 49 11.33 -1.28 -2.50
C LEU A 49 12.13 -2.31 -3.28
N LEU A 50 12.73 -3.26 -2.56
CA LEU A 50 13.52 -4.32 -3.19
C LEU A 50 12.62 -5.42 -3.74
N ASN A 51 11.37 -5.45 -3.27
CA ASN A 51 10.41 -6.44 -3.72
C ASN A 51 9.57 -5.90 -4.87
N GLY A 52 10.07 -4.87 -5.54
CA GLY A 52 9.34 -4.28 -6.64
C GLY A 52 7.90 -3.95 -6.29
N PHE A 53 7.70 -3.44 -5.08
CA PHE A 53 6.36 -3.08 -4.62
C PHE A 53 6.27 -1.59 -4.31
N ASP A 54 7.30 -0.85 -4.68
CA ASP A 54 7.34 0.59 -4.44
C ASP A 54 6.30 1.31 -5.29
N ASP A 55 5.80 0.63 -6.31
CA ASP A 55 4.79 1.21 -7.20
C ASP A 55 3.53 1.58 -6.41
N VAL A 56 3.43 2.84 -6.03
CA VAL A 56 2.28 3.33 -5.28
C VAL A 56 1.00 3.18 -6.09
N HIS A 57 1.14 3.04 -7.41
CA HIS A 57 -0.01 2.89 -8.29
C HIS A 57 -0.33 1.41 -8.51
N PHE A 58 0.22 0.56 -7.65
CA PHE A 58 0.00 -0.88 -7.76
C PHE A 58 -0.74 -1.41 -6.53
N LEU A 59 -0.73 -0.63 -5.47
CA LEU A 59 -1.40 -1.01 -4.22
C LEU A 59 -2.87 -1.31 -4.47
N GLY A 60 -3.43 -0.70 -5.52
CA GLY A 60 -4.82 -0.91 -5.85
C GLY A 60 -5.00 -1.96 -6.93
N SER A 61 -3.98 -2.76 -7.17
CA SER A 61 -4.03 -3.80 -8.19
C SER A 61 -3.44 -5.10 -7.66
N ASN A 62 -2.21 -5.03 -7.14
CA ASN A 62 -1.53 -6.20 -6.62
C ASN A 62 -2.42 -6.93 -5.61
N VAL A 63 -2.02 -8.15 -5.27
CA VAL A 63 -2.77 -8.96 -4.31
C VAL A 63 -2.73 -8.35 -2.92
N MET A 64 -1.54 -7.91 -2.51
CA MET A 64 -1.36 -7.31 -1.20
C MET A 64 -2.03 -8.15 -0.11
N GLU A 65 -1.67 -9.43 -0.06
CA GLU A 65 -2.24 -10.32 0.93
C GLU A 65 -1.31 -10.49 2.13
N GLU A 66 -1.68 -11.37 3.05
CA GLU A 66 -0.88 -11.61 4.24
C GLU A 66 0.49 -12.19 3.86
N GLN A 67 0.50 -13.13 2.94
CA GLN A 67 1.73 -13.76 2.48
C GLN A 67 2.68 -12.73 1.89
N ASP A 68 2.15 -11.85 1.05
CA ASP A 68 2.95 -10.82 0.40
C ASP A 68 3.64 -9.95 1.45
N LEU A 69 2.89 -9.53 2.46
CA LEU A 69 3.43 -8.69 3.52
C LEU A 69 4.47 -9.45 4.33
N ARG A 70 4.19 -10.72 4.62
CA ARG A 70 5.12 -11.55 5.38
C ARG A 70 6.41 -11.79 4.60
N ASP A 71 6.27 -12.00 3.30
CA ASP A 71 7.43 -12.24 2.44
C ASP A 71 8.37 -11.04 2.46
N ILE A 72 7.80 -9.84 2.54
CA ILE A 72 8.59 -8.62 2.54
C ILE A 72 9.04 -8.27 3.96
N GLY A 73 8.78 -9.18 4.90
CA GLY A 73 9.15 -8.95 6.29
C GLY A 73 7.96 -8.60 7.16
N ILE A 74 7.05 -7.80 6.62
CA ILE A 74 5.87 -7.39 7.37
C ILE A 74 5.08 -8.59 7.85
N SER A 75 5.28 -8.97 9.10
CA SER A 75 4.59 -10.11 9.69
C SER A 75 3.70 -9.68 10.84
N ASP A 76 4.09 -8.59 11.50
CA ASP A 76 3.31 -8.06 12.63
C ASP A 76 1.88 -7.76 12.21
N PRO A 77 0.95 -7.88 13.18
CA PRO A 77 -0.47 -7.62 12.93
C PRO A 77 -0.76 -6.15 12.68
N GLN A 78 -0.20 -5.28 13.51
CA GLN A 78 -0.39 -3.84 13.37
C GLN A 78 0.36 -3.30 12.15
N HIS A 79 1.21 -4.15 11.57
CA HIS A 79 1.99 -3.75 10.40
C HIS A 79 1.41 -4.36 9.13
N ARG A 80 0.74 -5.50 9.27
CA ARG A 80 0.14 -6.18 8.13
C ARG A 80 -1.22 -5.57 7.78
N ARG A 81 -2.00 -5.26 8.81
CA ARG A 81 -3.32 -4.68 8.62
C ARG A 81 -3.20 -3.23 8.15
N LYS A 82 -2.22 -2.52 8.68
CA LYS A 82 -2.00 -1.13 8.32
C LYS A 82 -1.59 -1.00 6.86
N LEU A 83 -0.69 -1.87 6.42
CA LEU A 83 -0.21 -1.87 5.04
C LEU A 83 -1.29 -2.35 4.09
N LEU A 84 -2.29 -3.03 4.63
CA LEU A 84 -3.40 -3.53 3.81
C LEU A 84 -4.58 -2.58 3.85
N GLN A 85 -4.63 -1.73 4.88
CA GLN A 85 -5.71 -0.76 5.02
C GLN A 85 -5.41 0.51 4.25
N ALA A 86 -4.15 0.91 4.24
CA ALA A 86 -3.72 2.10 3.53
C ALA A 86 -3.56 1.84 2.03
N ALA A 87 -3.46 0.56 1.68
CA ALA A 87 -3.30 0.17 0.28
C ALA A 87 -4.66 0.04 -0.40
N ARG A 88 -5.60 -0.61 0.27
CA ARG A 88 -6.94 -0.80 -0.28
C ARG A 88 -7.74 0.50 -0.22
N SER A 89 -7.34 1.40 0.67
CA SER A 89 -8.02 2.68 0.84
C SER A 89 -7.74 3.59 -0.36
N LEU A 90 -6.81 3.19 -1.20
CA LEU A 90 -6.44 3.97 -2.37
C LEU A 90 -7.43 3.74 -3.52
N PRO A 91 -7.46 4.66 -4.48
CA PRO A 91 -8.36 4.58 -5.64
C PRO A 91 -7.96 3.46 -6.60
N LYS A 92 -8.71 3.33 -7.69
CA LYS A 92 -8.43 2.31 -8.69
C LYS A 92 -8.49 0.92 -8.06
N VAL A 93 -9.57 0.64 -7.33
CA VAL A 93 -9.74 -0.65 -6.68
C VAL A 93 -11.07 -1.29 -7.07
N LYS A 94 -11.12 -2.62 -7.08
CA LYS A 94 -12.32 -3.34 -7.43
C LYS A 94 -13.05 -3.83 -6.17
N ALA A 95 -13.10 -2.99 -5.16
CA ALA A 95 -13.77 -3.33 -3.90
C ALA A 95 -13.94 -2.10 -3.02
N LEU A 96 -15.15 -1.55 -3.00
CA LEU A 96 -15.44 -0.38 -2.20
C LEU A 96 -14.52 0.79 -2.57
N GLY A 97 -14.73 1.93 -1.93
CA GLY A 97 -13.91 3.10 -2.20
C GLY A 97 -14.53 4.38 -1.67
N TYR A 98 -14.76 4.42 -0.36
CA TYR A 98 -15.36 5.59 0.26
C TYR A 98 -15.29 5.49 1.79
N ASP A 99 -14.76 6.53 2.42
CA ASP A 99 -14.63 6.55 3.88
C ASP A 99 -14.12 7.90 4.35
N GLY A 100 -14.81 8.97 3.96
CA GLY A 100 -14.40 10.31 4.36
C GLY A 100 -13.52 10.97 3.33
N ASN A 101 -12.60 11.80 3.79
CA ASN A 101 -11.68 12.51 2.90
C ASN A 101 -10.24 12.02 3.09
N MET A 21 -21.04 9.76 1.63
CA MET A 21 -20.23 10.52 0.69
C MET A 21 -19.35 11.55 1.43
N ILE A 22 -18.75 11.11 2.52
CA ILE A 22 -17.89 11.97 3.31
C ILE A 22 -16.52 11.33 3.56
N SER A 23 -15.46 12.03 3.19
CA SER A 23 -14.11 11.53 3.37
C SER A 23 -13.10 12.66 3.34
N GLY A 24 -12.98 13.33 2.20
CA GLY A 24 -12.05 14.43 2.08
C GLY A 24 -11.21 14.35 0.81
N LEU A 25 -9.95 13.99 0.96
CA LEU A 25 -9.03 13.87 -0.18
C LEU A 25 -8.84 12.41 -0.56
N ARG A 26 -8.19 12.20 -1.70
CA ARG A 26 -7.94 10.85 -2.19
C ARG A 26 -6.44 10.53 -2.16
N THR A 27 -5.68 11.23 -2.97
CA THR A 27 -4.23 11.03 -3.04
C THR A 27 -3.48 12.35 -3.08
N LEU A 28 -2.16 12.29 -3.02
CA LEU A 28 -1.33 13.48 -3.05
C LEU A 28 0.05 13.18 -3.63
N GLU A 29 0.11 12.18 -4.50
CA GLU A 29 1.36 11.79 -5.13
C GLU A 29 2.40 11.39 -4.08
N GLN A 30 1.94 10.74 -3.01
CA GLN A 30 2.82 10.31 -1.94
C GLN A 30 3.62 9.09 -2.35
N SER A 31 4.91 9.09 -2.03
CA SER A 31 5.79 7.97 -2.36
C SER A 31 5.75 6.91 -1.27
N VAL A 32 6.43 5.79 -1.52
CA VAL A 32 6.48 4.70 -0.56
C VAL A 32 6.98 5.17 0.79
N GLY A 33 8.12 5.87 0.79
CA GLY A 33 8.68 6.37 2.02
C GLY A 33 7.70 7.23 2.81
N GLU A 34 7.34 8.38 2.24
CA GLU A 34 6.41 9.29 2.89
C GLU A 34 5.14 8.55 3.31
N TRP A 35 4.58 7.77 2.39
CA TRP A 35 3.36 7.02 2.68
C TRP A 35 3.50 6.20 3.96
N LEU A 36 4.53 5.36 4.01
CA LEU A 36 4.79 4.53 5.18
C LEU A 36 5.15 5.39 6.39
N GLU A 37 5.74 6.55 6.14
CA GLU A 37 6.13 7.46 7.21
C GLU A 37 4.90 8.04 7.90
N SER A 38 3.81 8.14 7.16
CA SER A 38 2.56 8.68 7.70
C SER A 38 1.92 7.69 8.67
N ILE A 39 2.27 6.41 8.53
CA ILE A 39 1.73 5.38 9.39
C ILE A 39 2.76 4.92 10.41
N GLY A 40 4.03 5.20 10.14
CA GLY A 40 5.09 4.80 11.03
C GLY A 40 5.73 3.48 10.65
N LEU A 41 5.60 3.12 9.38
CA LEU A 41 6.17 1.88 8.88
C LEU A 41 7.25 2.14 7.84
N GLN A 42 7.70 3.39 7.76
CA GLN A 42 8.74 3.78 6.82
C GLN A 42 9.98 2.91 6.99
N GLN A 43 10.14 2.34 8.18
CA GLN A 43 11.29 1.51 8.48
C GLN A 43 11.29 0.25 7.60
N TYR A 44 10.09 -0.25 7.32
CA TYR A 44 9.94 -1.45 6.50
C TYR A 44 9.91 -1.09 5.02
N GLU A 45 10.03 0.20 4.71
CA GLU A 45 10.01 0.67 3.33
C GLU A 45 11.01 -0.11 2.48
N SER A 46 12.21 -0.31 3.03
CA SER A 46 13.26 -1.03 2.32
C SER A 46 12.74 -2.36 1.77
N LYS A 47 11.94 -3.04 2.58
CA LYS A 47 11.37 -4.32 2.19
C LYS A 47 10.36 -4.15 1.06
N LEU A 48 9.60 -3.07 1.12
CA LEU A 48 8.59 -2.78 0.10
C LEU A 48 9.24 -2.16 -1.14
N LEU A 49 10.53 -1.87 -1.04
CA LEU A 49 11.26 -1.28 -2.16
C LEU A 49 12.15 -2.32 -2.85
N LEU A 50 12.79 -3.15 -2.05
CA LEU A 50 13.67 -4.19 -2.58
C LEU A 50 12.86 -5.27 -3.29
N ASN A 51 11.56 -5.31 -3.01
CA ASN A 51 10.68 -6.29 -3.63
C ASN A 51 9.99 -5.72 -4.86
N GLY A 52 10.59 -4.68 -5.42
CA GLY A 52 10.02 -4.04 -6.60
C GLY A 52 8.55 -3.72 -6.44
N PHE A 53 8.15 -3.42 -5.21
CA PHE A 53 6.75 -3.10 -4.93
C PHE A 53 6.59 -1.61 -4.61
N ASP A 54 7.66 -0.86 -4.83
CA ASP A 54 7.65 0.58 -4.56
C ASP A 54 6.57 1.27 -5.41
N ASP A 55 6.15 0.61 -6.47
CA ASP A 55 5.13 1.15 -7.36
C ASP A 55 3.84 1.45 -6.59
N VAL A 56 3.66 2.71 -6.21
CA VAL A 56 2.48 3.12 -5.46
C VAL A 56 1.21 2.82 -6.25
N HIS A 57 1.35 2.68 -7.56
CA HIS A 57 0.21 2.39 -8.43
C HIS A 57 0.08 0.89 -8.67
N PHE A 58 0.59 0.10 -7.73
CA PHE A 58 0.53 -1.36 -7.84
C PHE A 58 -0.20 -1.96 -6.64
N LEU A 59 0.15 -1.48 -5.45
CA LEU A 59 -0.47 -1.97 -4.22
C LEU A 59 -1.99 -1.98 -4.34
N GLY A 60 -2.52 -1.02 -5.09
CA GLY A 60 -3.96 -0.93 -5.27
C GLY A 60 -4.43 -1.69 -6.50
N SER A 61 -3.80 -2.82 -6.79
CA SER A 61 -4.15 -3.63 -7.94
C SER A 61 -3.75 -5.09 -7.73
N ASN A 62 -2.56 -5.28 -7.17
CA ASN A 62 -2.04 -6.63 -6.91
C ASN A 62 -2.75 -7.25 -5.71
N VAL A 63 -2.33 -8.47 -5.35
CA VAL A 63 -2.91 -9.18 -4.22
C VAL A 63 -2.94 -8.30 -2.97
N MET A 64 -1.82 -7.63 -2.71
CA MET A 64 -1.72 -6.75 -1.55
C MET A 64 -2.31 -7.42 -0.31
N GLU A 65 -1.97 -8.68 -0.10
CA GLU A 65 -2.47 -9.43 1.05
C GLU A 65 -1.36 -9.68 2.06
N GLU A 66 -1.74 -10.19 3.24
CA GLU A 66 -0.77 -10.47 4.29
C GLU A 66 0.44 -11.20 3.73
N GLN A 67 0.19 -12.21 2.90
CA GLN A 67 1.25 -12.99 2.30
C GLN A 67 2.23 -12.10 1.55
N ASP A 68 1.70 -11.14 0.81
CA ASP A 68 2.52 -10.21 0.04
C ASP A 68 3.43 -9.40 0.97
N LEU A 69 2.88 -8.96 2.09
CA LEU A 69 3.64 -8.17 3.06
C LEU A 69 4.60 -9.05 3.84
N ARG A 70 4.28 -10.34 3.94
CA ARG A 70 5.12 -11.28 4.66
C ARG A 70 6.33 -11.69 3.83
N ASP A 71 6.11 -11.86 2.52
CA ASP A 71 7.18 -12.25 1.62
C ASP A 71 8.24 -11.15 1.53
N ILE A 72 7.79 -9.90 1.61
CA ILE A 72 8.70 -8.76 1.54
C ILE A 72 9.44 -8.56 2.86
N GLY A 73 8.82 -9.00 3.95
CA GLY A 73 9.44 -8.86 5.26
C GLY A 73 8.44 -8.58 6.35
N ILE A 74 7.45 -7.74 6.05
CA ILE A 74 6.42 -7.38 7.01
C ILE A 74 5.64 -8.61 7.46
N SER A 75 6.04 -9.17 8.60
CA SER A 75 5.38 -10.36 9.13
C SER A 75 4.67 -10.04 10.44
N ASP A 76 4.64 -8.76 10.80
CA ASP A 76 4.00 -8.32 12.03
C ASP A 76 2.51 -8.04 11.79
N PRO A 77 1.70 -8.23 12.84
CA PRO A 77 0.26 -8.02 12.78
C PRO A 77 -0.10 -6.54 12.65
N GLN A 78 0.52 -5.71 13.49
CA GLN A 78 0.26 -4.28 13.47
C GLN A 78 0.84 -3.64 12.21
N HIS A 79 1.65 -4.41 11.49
CA HIS A 79 2.27 -3.91 10.26
C HIS A 79 1.53 -4.42 9.03
N ARG A 80 1.04 -5.65 9.12
CA ARG A 80 0.30 -6.27 8.01
C ARG A 80 -1.11 -5.70 7.91
N ARG A 81 -1.72 -5.45 9.07
CA ARG A 81 -3.08 -4.91 9.11
C ARG A 81 -3.08 -3.44 8.69
N LYS A 82 -2.06 -2.70 9.11
CA LYS A 82 -1.94 -1.28 8.78
C LYS A 82 -1.73 -1.09 7.29
N LEU A 83 -0.76 -1.82 6.73
CA LEU A 83 -0.46 -1.72 5.31
C LEU A 83 -1.66 -2.13 4.47
N LEU A 84 -2.45 -3.05 4.98
CA LEU A 84 -3.63 -3.53 4.28
C LEU A 84 -4.74 -2.48 4.31
N GLN A 85 -4.75 -1.66 5.35
CA GLN A 85 -5.75 -0.62 5.49
C GLN A 85 -5.39 0.60 4.64
N ALA A 86 -4.11 0.95 4.63
CA ALA A 86 -3.64 2.10 3.86
C ALA A 86 -3.54 1.75 2.38
N ALA A 87 -3.53 0.45 2.08
CA ALA A 87 -3.44 -0.01 0.70
C ALA A 87 -4.82 -0.05 0.04
N ARG A 88 -5.77 -0.64 0.74
CA ARG A 88 -7.14 -0.75 0.22
C ARG A 88 -7.85 0.59 0.28
N SER A 89 -7.32 1.51 1.08
CA SER A 89 -7.90 2.84 1.23
C SER A 89 -7.66 3.68 -0.02
N LEU A 90 -6.82 3.17 -0.91
CA LEU A 90 -6.51 3.87 -2.15
C LEU A 90 -7.67 3.79 -3.13
N PRO A 91 -7.68 4.70 -4.12
CA PRO A 91 -8.74 4.75 -5.14
C PRO A 91 -8.66 3.57 -6.10
N LYS A 92 -9.51 3.60 -7.13
CA LYS A 92 -9.54 2.53 -8.13
C LYS A 92 -8.79 2.95 -9.39
N VAL A 93 -8.03 2.01 -9.94
CA VAL A 93 -7.26 2.27 -11.17
C VAL A 93 -7.79 1.44 -12.33
N LYS A 94 -7.76 2.03 -13.52
CA LYS A 94 -8.22 1.36 -14.72
C LYS A 94 -7.15 0.43 -15.29
N ALA A 95 -6.77 -0.58 -14.51
CA ALA A 95 -5.76 -1.53 -14.93
C ALA A 95 -6.36 -2.61 -15.83
N LEU A 96 -6.03 -2.55 -17.11
CA LEU A 96 -6.53 -3.51 -18.08
C LEU A 96 -5.38 -4.27 -18.75
N GLY A 97 -4.24 -4.30 -18.08
CA GLY A 97 -3.08 -4.99 -18.62
C GLY A 97 -2.71 -6.22 -17.82
N TYR A 98 -2.70 -6.09 -16.50
CA TYR A 98 -2.36 -7.19 -15.63
C TYR A 98 -3.60 -8.03 -15.29
N ASP A 99 -4.75 -7.38 -15.27
CA ASP A 99 -6.01 -8.04 -14.97
C ASP A 99 -6.28 -9.17 -15.98
N GLY A 100 -6.16 -8.84 -17.25
CA GLY A 100 -6.39 -9.83 -18.29
C GLY A 100 -5.42 -10.99 -18.22
N ASN A 101 -4.28 -10.85 -18.89
CA ASN A 101 -3.26 -11.89 -18.90
C ASN A 101 -1.95 -11.37 -18.33
N MET A 21 -21.61 5.28 3.43
CA MET A 21 -20.33 5.97 3.33
C MET A 21 -19.82 6.38 4.71
N ILE A 22 -18.68 5.83 5.10
CA ILE A 22 -18.08 6.14 6.39
C ILE A 22 -16.72 6.80 6.22
N SER A 23 -16.05 6.50 5.11
CA SER A 23 -14.74 7.07 4.83
C SER A 23 -14.80 8.02 3.65
N GLY A 24 -13.82 8.91 3.55
CA GLY A 24 -13.78 9.87 2.47
C GLY A 24 -12.37 10.13 1.97
N LEU A 25 -11.91 11.37 2.11
CA LEU A 25 -10.56 11.72 1.66
C LEU A 25 -9.53 11.41 2.73
N ARG A 26 -8.42 10.79 2.32
CA ARG A 26 -7.35 10.44 3.23
C ARG A 26 -6.04 11.10 2.83
N THR A 27 -5.43 10.61 1.76
CA THR A 27 -4.17 11.15 1.28
C THR A 27 -3.92 10.74 -0.18
N LEU A 28 -3.03 11.48 -0.85
CA LEU A 28 -2.71 11.20 -2.24
C LEU A 28 -1.37 11.82 -2.62
N GLU A 29 -0.80 11.36 -3.73
CA GLU A 29 0.48 11.88 -4.20
C GLU A 29 1.57 11.65 -3.16
N GLN A 30 1.50 10.52 -2.47
CA GLN A 30 2.49 10.18 -1.44
C GLN A 30 3.30 8.96 -1.85
N SER A 31 4.62 9.11 -1.90
CA SER A 31 5.51 8.02 -2.26
C SER A 31 5.49 6.92 -1.21
N VAL A 32 6.24 5.85 -1.47
CA VAL A 32 6.32 4.73 -0.54
C VAL A 32 6.84 5.17 0.82
N GLY A 33 8.01 5.81 0.82
CA GLY A 33 8.61 6.28 2.05
C GLY A 33 7.65 7.13 2.87
N GLU A 34 7.26 8.27 2.32
CA GLU A 34 6.34 9.18 3.01
C GLU A 34 5.10 8.43 3.47
N TRP A 35 4.49 7.65 2.57
CA TRP A 35 3.29 6.89 2.89
C TRP A 35 3.50 6.06 4.15
N LEU A 36 4.54 5.23 4.15
CA LEU A 36 4.84 4.39 5.30
C LEU A 36 5.23 5.23 6.51
N GLU A 37 5.82 6.40 6.25
CA GLU A 37 6.24 7.29 7.32
C GLU A 37 5.03 7.85 8.07
N SER A 38 3.90 7.96 7.38
CA SER A 38 2.68 8.48 7.98
C SER A 38 2.09 7.46 8.95
N ILE A 39 2.44 6.19 8.78
CA ILE A 39 1.95 5.14 9.65
C ILE A 39 3.03 4.67 10.62
N GLY A 40 4.28 4.96 10.30
CA GLY A 40 5.39 4.58 11.15
C GLY A 40 6.02 3.26 10.71
N LEU A 41 5.85 2.93 9.44
CA LEU A 41 6.41 1.70 8.90
C LEU A 41 7.45 1.99 7.82
N GLN A 42 7.88 3.26 7.74
CA GLN A 42 8.87 3.67 6.76
C GLN A 42 10.13 2.82 6.86
N GLN A 43 10.35 2.24 8.04
CA GLN A 43 11.52 1.40 8.27
C GLN A 43 11.49 0.16 7.38
N TYR A 44 10.30 -0.34 7.13
CA TYR A 44 10.13 -1.53 6.29
C TYR A 44 10.02 -1.14 4.82
N GLU A 45 10.25 0.13 4.52
CA GLU A 45 10.17 0.63 3.16
C GLU A 45 11.16 -0.11 2.26
N SER A 46 12.38 -0.28 2.74
CA SER A 46 13.42 -0.95 1.99
C SER A 46 12.92 -2.28 1.43
N LYS A 47 12.22 -3.03 2.27
CA LYS A 47 11.68 -4.33 1.86
C LYS A 47 10.60 -4.15 0.80
N LEU A 48 9.78 -3.12 0.95
CA LEU A 48 8.72 -2.84 0.00
C LEU A 48 9.27 -2.16 -1.25
N LEU A 49 10.55 -1.84 -1.23
CA LEU A 49 11.20 -1.19 -2.36
C LEU A 49 12.12 -2.15 -3.10
N LEU A 50 12.75 -3.05 -2.34
CA LEU A 50 13.66 -4.03 -2.92
C LEU A 50 12.89 -5.23 -3.45
N ASN A 51 11.63 -5.35 -3.05
CA ASN A 51 10.78 -6.46 -3.49
C ASN A 51 9.95 -6.05 -4.70
N GLY A 52 10.39 -5.01 -5.40
CA GLY A 52 9.68 -4.54 -6.57
C GLY A 52 8.19 -4.34 -6.30
N PHE A 53 7.88 -3.49 -5.33
CA PHE A 53 6.49 -3.22 -4.97
C PHE A 53 6.30 -1.77 -4.57
N ASP A 54 7.29 -0.94 -4.89
CA ASP A 54 7.24 0.48 -4.57
C ASP A 54 6.14 1.19 -5.36
N ASP A 55 5.71 0.57 -6.45
CA ASP A 55 4.68 1.13 -7.30
C ASP A 55 3.44 1.50 -6.47
N VAL A 56 3.29 2.79 -6.19
CA VAL A 56 2.15 3.26 -5.42
C VAL A 56 0.86 3.15 -6.20
N HIS A 57 0.97 3.09 -7.52
CA HIS A 57 -0.19 2.97 -8.39
C HIS A 57 -0.54 1.51 -8.65
N PHE A 58 0.07 0.62 -7.86
CA PHE A 58 -0.17 -0.82 -8.02
C PHE A 58 -0.81 -1.40 -6.76
N LEU A 59 -0.68 -0.68 -5.65
CA LEU A 59 -1.24 -1.12 -4.38
C LEU A 59 -2.72 -1.44 -4.52
N GLY A 60 -3.38 -0.79 -5.47
CA GLY A 60 -4.79 -1.02 -5.69
C GLY A 60 -5.05 -2.14 -6.67
N SER A 61 -4.06 -2.43 -7.51
CA SER A 61 -4.18 -3.49 -8.50
C SER A 61 -3.68 -4.82 -7.95
N ASN A 62 -2.38 -4.88 -7.66
CA ASN A 62 -1.77 -6.09 -7.12
C ASN A 62 -2.54 -6.60 -5.91
N VAL A 63 -2.53 -7.91 -5.71
CA VAL A 63 -3.23 -8.53 -4.59
C VAL A 63 -2.85 -7.86 -3.28
N MET A 64 -1.56 -7.63 -3.08
CA MET A 64 -1.07 -7.01 -1.86
C MET A 64 -1.71 -7.63 -0.63
N GLU A 65 -1.60 -8.95 -0.52
CA GLU A 65 -2.18 -9.67 0.61
C GLU A 65 -1.15 -9.81 1.74
N GLU A 66 -1.60 -10.35 2.87
CA GLU A 66 -0.72 -10.53 4.02
C GLU A 66 0.56 -11.27 3.62
N GLN A 67 0.40 -12.30 2.78
CA GLN A 67 1.55 -13.08 2.33
C GLN A 67 2.59 -12.19 1.65
N ASP A 68 2.13 -11.27 0.81
CA ASP A 68 3.01 -10.36 0.11
C ASP A 68 3.82 -9.52 1.09
N LEU A 69 3.16 -9.02 2.12
CA LEU A 69 3.80 -8.19 3.13
C LEU A 69 4.68 -9.05 4.04
N ARG A 70 4.36 -10.33 4.14
CA ARG A 70 5.13 -11.25 4.97
C ARG A 70 6.41 -11.68 4.27
N ASP A 71 6.33 -11.90 2.96
CA ASP A 71 7.48 -12.31 2.18
C ASP A 71 8.54 -11.20 2.15
N ILE A 72 8.09 -9.95 2.16
CA ILE A 72 8.99 -8.81 2.14
C ILE A 72 9.61 -8.57 3.51
N GLY A 73 8.90 -8.99 4.55
CA GLY A 73 9.39 -8.83 5.91
C GLY A 73 8.28 -8.52 6.90
N ILE A 74 7.33 -7.69 6.47
CA ILE A 74 6.21 -7.31 7.33
C ILE A 74 5.38 -8.53 7.72
N SER A 75 5.68 -9.10 8.88
CA SER A 75 4.97 -10.27 9.36
C SER A 75 4.12 -9.93 10.59
N ASP A 76 4.32 -8.73 11.11
CA ASP A 76 3.59 -8.27 12.29
C ASP A 76 2.13 -7.98 11.94
N PRO A 77 1.24 -8.15 12.92
CA PRO A 77 -0.21 -7.92 12.74
C PRO A 77 -0.52 -6.43 12.58
N GLN A 78 0.04 -5.61 13.44
CA GLN A 78 -0.18 -4.17 13.39
C GLN A 78 0.49 -3.55 12.18
N HIS A 79 1.36 -4.33 11.52
CA HIS A 79 2.08 -3.85 10.34
C HIS A 79 1.41 -4.37 9.07
N ARG A 80 0.88 -5.58 9.13
CA ARG A 80 0.21 -6.19 7.98
C ARG A 80 -1.18 -5.60 7.79
N ARG A 81 -1.88 -5.37 8.89
CA ARG A 81 -3.23 -4.82 8.84
C ARG A 81 -3.19 -3.34 8.42
N LYS A 82 -2.17 -2.63 8.87
CA LYS A 82 -2.01 -1.21 8.53
C LYS A 82 -1.74 -1.04 7.04
N LEU A 83 -0.79 -1.80 6.53
CA LEU A 83 -0.42 -1.74 5.13
C LEU A 83 -1.59 -2.16 4.24
N LEU A 84 -2.45 -3.02 4.76
CA LEU A 84 -3.61 -3.51 4.02
C LEU A 84 -4.74 -2.50 4.07
N GLN A 85 -4.86 -1.79 5.20
CA GLN A 85 -5.91 -0.79 5.37
C GLN A 85 -5.55 0.50 4.66
N ALA A 86 -4.27 0.88 4.72
CA ALA A 86 -3.81 2.10 4.07
C ALA A 86 -3.70 1.91 2.56
N ALA A 87 -3.63 0.66 2.13
CA ALA A 87 -3.53 0.34 0.71
C ALA A 87 -4.92 0.28 0.07
N ARG A 88 -5.85 -0.36 0.76
CA ARG A 88 -7.21 -0.48 0.25
C ARG A 88 -7.98 0.84 0.38
N SER A 89 -7.45 1.74 1.21
CA SER A 89 -8.08 3.04 1.42
C SER A 89 -7.78 3.98 0.27
N LEU A 90 -6.87 3.56 -0.62
CA LEU A 90 -6.49 4.37 -1.77
C LEU A 90 -7.70 4.68 -2.64
N PRO A 91 -7.57 5.71 -3.49
CA PRO A 91 -8.65 6.14 -4.40
C PRO A 91 -8.90 5.11 -5.50
N LYS A 92 -8.04 4.11 -5.59
CA LYS A 92 -8.16 3.08 -6.61
C LYS A 92 -9.60 2.55 -6.67
N VAL A 93 -9.95 1.95 -7.81
CA VAL A 93 -11.29 1.41 -7.99
C VAL A 93 -11.65 0.43 -6.88
N LYS A 94 -12.90 0.48 -6.45
CA LYS A 94 -13.37 -0.41 -5.38
C LYS A 94 -14.89 -0.34 -5.25
N ALA A 95 -15.42 -0.95 -4.20
CA ALA A 95 -16.86 -0.96 -3.96
C ALA A 95 -17.34 0.40 -3.46
N LEU A 96 -17.42 1.36 -4.37
CA LEU A 96 -17.87 2.71 -4.03
C LEU A 96 -19.36 2.71 -3.72
N GLY A 97 -19.85 3.86 -3.23
CA GLY A 97 -21.27 3.98 -2.92
C GLY A 97 -21.72 5.43 -2.85
N TYR A 98 -22.73 5.77 -3.63
CA TYR A 98 -23.24 7.13 -3.66
C TYR A 98 -22.17 8.12 -4.10
N ASP A 99 -22.50 9.41 -4.04
CA ASP A 99 -21.56 10.45 -4.43
C ASP A 99 -21.12 10.28 -5.88
N GLY A 100 -20.26 11.18 -6.34
CA GLY A 100 -19.78 11.11 -7.71
C GLY A 100 -20.41 12.16 -8.61
N ASN A 101 -20.04 12.13 -9.88
CA ASN A 101 -20.57 13.09 -10.85
C ASN A 101 -20.18 12.70 -12.27
N MET A 21 -15.38 12.87 -6.57
CA MET A 21 -15.04 14.26 -6.86
C MET A 21 -14.23 14.36 -8.13
N ILE A 22 -14.91 14.40 -9.27
CA ILE A 22 -14.25 14.51 -10.57
C ILE A 22 -13.45 15.81 -10.68
N SER A 23 -13.76 16.75 -9.79
CA SER A 23 -13.07 18.04 -9.79
C SER A 23 -12.28 18.23 -8.50
N GLY A 24 -11.28 19.11 -8.56
CA GLY A 24 -10.45 19.36 -7.39
C GLY A 24 -9.08 18.72 -7.49
N LEU A 25 -8.45 18.49 -6.35
CA LEU A 25 -7.13 17.87 -6.32
C LEU A 25 -7.23 16.36 -6.31
N ARG A 26 -6.09 15.69 -6.46
CA ARG A 26 -6.05 14.22 -6.46
C ARG A 26 -5.02 13.71 -5.46
N THR A 27 -3.75 13.85 -5.80
CA THR A 27 -2.67 13.40 -4.94
C THR A 27 -1.66 14.51 -4.68
N LEU A 28 -0.96 14.43 -3.55
CA LEU A 28 0.04 15.42 -3.20
C LEU A 28 1.44 14.98 -3.61
N GLU A 29 1.49 14.13 -4.63
CA GLU A 29 2.77 13.63 -5.12
C GLU A 29 3.51 12.85 -4.03
N GLN A 30 2.76 12.12 -3.22
CA GLN A 30 3.35 11.33 -2.13
C GLN A 30 4.28 10.26 -2.68
N SER A 31 4.71 9.37 -1.81
CA SER A 31 5.61 8.28 -2.20
C SER A 31 5.59 7.16 -1.17
N VAL A 32 6.39 6.12 -1.42
CA VAL A 32 6.46 4.98 -0.52
C VAL A 32 6.91 5.40 0.87
N GLY A 33 8.06 6.07 0.93
CA GLY A 33 8.58 6.52 2.21
C GLY A 33 7.57 7.33 2.99
N GLU A 34 7.16 8.46 2.43
CA GLU A 34 6.18 9.33 3.09
C GLU A 34 4.94 8.55 3.49
N TRP A 35 4.39 7.80 2.54
CA TRP A 35 3.19 7.00 2.80
C TRP A 35 3.36 6.14 4.04
N LEU A 36 4.43 5.34 4.06
CA LEU A 36 4.71 4.47 5.20
C LEU A 36 5.01 5.28 6.44
N GLU A 37 5.61 6.46 6.25
CA GLU A 37 5.95 7.33 7.37
C GLU A 37 4.70 7.83 8.07
N SER A 38 3.60 7.92 7.32
CA SER A 38 2.33 8.40 7.87
C SER A 38 1.71 7.35 8.78
N ILE A 39 2.08 6.09 8.57
CA ILE A 39 1.56 5.00 9.38
C ILE A 39 2.59 4.53 10.39
N GLY A 40 3.85 4.90 10.17
CA GLY A 40 4.91 4.51 11.08
C GLY A 40 5.59 3.22 10.66
N LEU A 41 5.69 3.01 9.35
CA LEU A 41 6.33 1.81 8.81
C LEU A 41 7.37 2.16 7.77
N GLN A 42 7.74 3.44 7.70
CA GLN A 42 8.73 3.91 6.75
C GLN A 42 10.02 3.10 6.86
N GLN A 43 10.25 2.53 8.04
CA GLN A 43 11.44 1.73 8.28
C GLN A 43 11.44 0.48 7.42
N TYR A 44 10.26 -0.07 7.17
CA TYR A 44 10.12 -1.28 6.36
C TYR A 44 10.08 -0.93 4.88
N GLU A 45 10.24 0.36 4.57
CA GLU A 45 10.24 0.82 3.18
C GLU A 45 11.18 -0.01 2.32
N SER A 46 12.39 -0.21 2.83
CA SER A 46 13.40 -0.98 2.11
C SER A 46 12.84 -2.31 1.63
N LYS A 47 12.05 -2.95 2.49
CA LYS A 47 11.43 -4.23 2.15
C LYS A 47 10.41 -4.07 1.05
N LEU A 48 9.62 -3.01 1.13
CA LEU A 48 8.59 -2.74 0.13
C LEU A 48 9.20 -2.14 -1.15
N LEU A 49 10.50 -1.86 -1.09
CA LEU A 49 11.22 -1.30 -2.23
C LEU A 49 12.05 -2.36 -2.93
N LEU A 50 12.67 -3.24 -2.15
CA LEU A 50 13.50 -4.31 -2.71
C LEU A 50 12.63 -5.38 -3.36
N ASN A 51 11.35 -5.40 -3.01
CA ASN A 51 10.42 -6.38 -3.56
C ASN A 51 9.66 -5.79 -4.74
N GLY A 52 10.22 -4.74 -5.34
CA GLY A 52 9.58 -4.10 -6.47
C GLY A 52 8.12 -3.77 -6.20
N PHE A 53 7.82 -3.45 -4.95
CA PHE A 53 6.45 -3.11 -4.56
C PHE A 53 6.32 -1.61 -4.27
N ASP A 54 7.39 -0.87 -4.57
CA ASP A 54 7.39 0.57 -4.33
C ASP A 54 6.35 1.26 -5.20
N ASP A 55 5.90 0.58 -6.24
CA ASP A 55 4.89 1.13 -7.15
C ASP A 55 3.66 1.59 -6.38
N VAL A 56 3.57 2.89 -6.14
CA VAL A 56 2.44 3.47 -5.42
C VAL A 56 1.14 3.27 -6.19
N HIS A 57 1.25 3.05 -7.50
CA HIS A 57 0.10 2.86 -8.35
C HIS A 57 -0.27 1.37 -8.44
N PHE A 58 0.32 0.58 -7.55
CA PHE A 58 0.05 -0.86 -7.53
C PHE A 58 -0.44 -1.30 -6.16
N LEU A 59 -0.50 -0.36 -5.23
CA LEU A 59 -0.96 -0.64 -3.87
C LEU A 59 -2.44 -1.01 -3.87
N GLY A 60 -3.24 -0.25 -4.60
CA GLY A 60 -4.66 -0.51 -4.67
C GLY A 60 -5.03 -1.43 -5.82
N SER A 61 -4.03 -2.15 -6.34
CA SER A 61 -4.26 -3.07 -7.44
C SER A 61 -3.71 -4.46 -7.12
N ASN A 62 -2.43 -4.51 -6.76
CA ASN A 62 -1.78 -5.77 -6.41
C ASN A 62 -2.60 -6.54 -5.37
N VAL A 63 -2.38 -7.85 -5.31
CA VAL A 63 -3.09 -8.70 -4.36
C VAL A 63 -3.00 -8.14 -2.95
N MET A 64 -1.80 -7.72 -2.56
CA MET A 64 -1.57 -7.16 -1.23
C MET A 64 -2.20 -8.06 -0.16
N GLU A 65 -1.83 -9.33 -0.16
CA GLU A 65 -2.36 -10.28 0.81
C GLU A 65 -1.43 -10.40 2.01
N GLU A 66 -1.83 -11.20 3.00
CA GLU A 66 -1.03 -11.40 4.20
C GLU A 66 0.34 -11.96 3.84
N GLN A 67 0.36 -12.97 2.97
CA GLN A 67 1.61 -13.59 2.56
C GLN A 67 2.48 -12.60 1.80
N ASP A 68 1.87 -11.85 0.88
CA ASP A 68 2.60 -10.86 0.09
C ASP A 68 3.40 -9.94 0.99
N LEU A 69 2.81 -9.51 2.11
CA LEU A 69 3.48 -8.62 3.04
C LEU A 69 4.59 -9.36 3.78
N ARG A 70 4.41 -10.65 3.99
CA ARG A 70 5.40 -11.46 4.69
C ARG A 70 6.60 -11.74 3.79
N ASP A 71 6.33 -11.99 2.51
CA ASP A 71 7.38 -12.28 1.55
C ASP A 71 8.34 -11.09 1.42
N ILE A 72 7.79 -9.89 1.51
CA ILE A 72 8.60 -8.67 1.41
C ILE A 72 9.31 -8.38 2.72
N GLY A 73 8.76 -8.88 3.82
CA GLY A 73 9.36 -8.67 5.12
C GLY A 73 8.33 -8.42 6.21
N ILE A 74 7.30 -7.64 5.87
CA ILE A 74 6.25 -7.31 6.82
C ILE A 74 5.52 -8.58 7.28
N SER A 75 5.84 -9.03 8.49
CA SER A 75 5.22 -10.22 9.05
C SER A 75 4.41 -9.89 10.29
N ASP A 76 4.68 -8.73 10.87
CA ASP A 76 3.97 -8.29 12.06
C ASP A 76 2.50 -8.04 11.77
N PRO A 77 1.64 -8.22 12.79
CA PRO A 77 0.20 -8.02 12.66
C PRO A 77 -0.17 -6.55 12.49
N GLN A 78 0.42 -5.70 13.30
CA GLN A 78 0.15 -4.27 13.24
C GLN A 78 0.81 -3.64 12.01
N HIS A 79 1.65 -4.42 11.34
CA HIS A 79 2.34 -3.95 10.15
C HIS A 79 1.73 -4.54 8.89
N ARG A 80 1.01 -5.64 9.05
CA ARG A 80 0.38 -6.32 7.92
C ARG A 80 -1.01 -5.73 7.66
N ARG A 81 -1.77 -5.48 8.73
CA ARG A 81 -3.10 -4.93 8.60
C ARG A 81 -3.04 -3.45 8.21
N LYS A 82 -2.04 -2.75 8.72
CA LYS A 82 -1.87 -1.33 8.42
C LYS A 82 -1.51 -1.12 6.95
N LEU A 83 -0.63 -1.97 6.44
CA LEU A 83 -0.19 -1.89 5.05
C LEU A 83 -1.30 -2.34 4.11
N LEU A 84 -2.27 -3.09 4.65
CA LEU A 84 -3.38 -3.58 3.85
C LEU A 84 -4.56 -2.63 3.92
N GLN A 85 -4.68 -1.90 5.02
CA GLN A 85 -5.76 -0.95 5.20
C GLN A 85 -5.47 0.36 4.45
N ALA A 86 -4.21 0.77 4.46
CA ALA A 86 -3.80 2.00 3.79
C ALA A 86 -3.74 1.78 2.28
N ALA A 87 -3.63 0.53 1.86
CA ALA A 87 -3.55 0.19 0.45
C ALA A 87 -4.95 0.07 -0.16
N ARG A 88 -5.83 -0.63 0.54
CA ARG A 88 -7.19 -0.83 0.07
C ARG A 88 -7.98 0.47 0.11
N SER A 89 -7.56 1.39 0.99
CA SER A 89 -8.22 2.67 1.12
C SER A 89 -7.25 3.82 0.88
N LEU A 90 -6.55 3.77 -0.25
CA LEU A 90 -5.59 4.80 -0.60
C LEU A 90 -6.26 6.16 -0.70
N PRO A 91 -5.45 7.23 -0.60
CA PRO A 91 -5.95 8.61 -0.68
C PRO A 91 -6.43 8.98 -2.08
N LYS A 92 -6.03 8.17 -3.07
CA LYS A 92 -6.42 8.41 -4.45
C LYS A 92 -7.15 7.20 -5.03
N VAL A 93 -8.02 6.60 -4.22
CA VAL A 93 -8.78 5.44 -4.64
C VAL A 93 -10.05 5.85 -5.39
N LYS A 94 -10.40 5.09 -6.42
CA LYS A 94 -11.60 5.38 -7.21
C LYS A 94 -12.86 4.99 -6.46
N ALA A 95 -12.76 3.91 -5.68
CA ALA A 95 -13.90 3.43 -4.90
C ALA A 95 -14.25 4.40 -3.77
N LEU A 96 -15.30 4.08 -3.03
CA LEU A 96 -15.73 4.92 -1.92
C LEU A 96 -14.72 4.88 -0.78
N GLY A 97 -13.86 5.90 -0.72
CA GLY A 97 -12.86 5.97 0.32
C GLY A 97 -12.67 7.37 0.85
N TYR A 98 -11.46 7.65 1.34
CA TYR A 98 -11.15 8.98 1.88
C TYR A 98 -9.67 9.30 1.69
N ASP A 99 -9.37 10.59 1.55
CA ASP A 99 -8.00 11.04 1.37
C ASP A 99 -7.56 11.93 2.53
N GLY A 100 -6.27 12.28 2.55
CA GLY A 100 -5.75 13.11 3.61
C GLY A 100 -4.49 12.54 4.22
N ASN A 101 -3.37 13.22 4.01
CA ASN A 101 -2.09 12.78 4.54
C ASN A 101 -1.72 13.55 5.80
N MET A 21 -21.53 8.89 -5.70
CA MET A 21 -21.64 9.73 -4.52
C MET A 21 -20.46 9.51 -3.58
N ILE A 22 -19.31 9.16 -4.16
CA ILE A 22 -18.11 8.92 -3.38
C ILE A 22 -17.32 10.21 -3.18
N SER A 23 -17.23 11.01 -4.24
CA SER A 23 -16.49 12.27 -4.18
C SER A 23 -15.02 12.03 -3.88
N GLY A 24 -14.25 13.11 -3.81
CA GLY A 24 -12.83 12.99 -3.53
C GLY A 24 -11.99 12.88 -4.79
N LEU A 25 -11.51 14.01 -5.28
CA LEU A 25 -10.70 14.04 -6.49
C LEU A 25 -9.49 14.97 -6.31
N ARG A 26 -8.78 14.80 -5.21
CA ARG A 26 -7.61 15.62 -4.92
C ARG A 26 -6.61 14.86 -4.06
N THR A 27 -5.45 14.56 -4.64
CA THR A 27 -4.40 13.83 -3.93
C THR A 27 -3.03 14.38 -4.27
N LEU A 28 -2.08 14.24 -3.33
CA LEU A 28 -0.72 14.71 -3.54
C LEU A 28 0.12 13.67 -4.28
N GLU A 29 1.41 13.91 -4.36
CA GLU A 29 2.33 12.99 -5.03
C GLU A 29 3.05 12.10 -4.02
N GLN A 30 2.33 11.70 -2.98
CA GLN A 30 2.91 10.85 -1.95
C GLN A 30 3.52 9.59 -2.55
N SER A 31 4.59 9.10 -1.94
CA SER A 31 5.26 7.90 -2.43
C SER A 31 5.31 6.83 -1.34
N VAL A 32 6.04 5.75 -1.62
CA VAL A 32 6.17 4.64 -0.66
C VAL A 32 6.72 5.15 0.67
N GLY A 33 7.85 5.84 0.63
CA GLY A 33 8.45 6.36 1.83
C GLY A 33 7.52 7.25 2.62
N GLU A 34 7.08 8.34 2.00
CA GLU A 34 6.17 9.28 2.65
C GLU A 34 4.94 8.55 3.18
N TRP A 35 4.33 7.72 2.33
CA TRP A 35 3.14 6.97 2.72
C TRP A 35 3.38 6.20 4.01
N LEU A 36 4.43 5.39 4.03
CA LEU A 36 4.77 4.60 5.21
C LEU A 36 5.18 5.49 6.37
N GLU A 37 5.73 6.66 6.05
CA GLU A 37 6.16 7.61 7.08
C GLU A 37 4.96 8.18 7.82
N SER A 38 3.83 8.24 7.14
CA SER A 38 2.60 8.77 7.74
C SER A 38 2.02 7.79 8.76
N ILE A 39 2.41 6.53 8.64
CA ILE A 39 1.93 5.50 9.56
C ILE A 39 3.03 5.08 10.54
N GLY A 40 4.28 5.36 10.17
CA GLY A 40 5.39 5.01 11.03
C GLY A 40 6.05 3.70 10.62
N LEU A 41 5.87 3.32 9.37
CA LEU A 41 6.44 2.08 8.86
C LEU A 41 7.45 2.36 7.76
N GLN A 42 7.87 3.61 7.64
CA GLN A 42 8.84 4.02 6.63
C GLN A 42 10.12 3.19 6.74
N GLN A 43 10.34 2.62 7.92
CA GLN A 43 11.52 1.80 8.16
C GLN A 43 11.53 0.56 7.27
N TYR A 44 10.33 0.03 7.00
CA TYR A 44 10.20 -1.15 6.17
C TYR A 44 10.19 -0.78 4.68
N GLU A 45 10.37 0.51 4.40
CA GLU A 45 10.40 0.99 3.03
C GLU A 45 11.38 0.20 2.18
N SER A 46 12.61 0.09 2.66
CA SER A 46 13.65 -0.64 1.94
C SER A 46 13.16 -2.04 1.56
N LYS A 47 12.54 -2.73 2.51
CA LYS A 47 12.02 -4.07 2.27
C LYS A 47 10.89 -4.04 1.25
N LEU A 48 10.08 -2.98 1.30
CA LEU A 48 8.95 -2.83 0.38
C LEU A 48 9.43 -2.28 -0.97
N LEU A 49 10.71 -1.93 -1.03
CA LEU A 49 11.28 -1.38 -2.26
C LEU A 49 12.20 -2.39 -2.94
N LEU A 50 12.89 -3.19 -2.11
CA LEU A 50 13.81 -4.20 -2.63
C LEU A 50 13.04 -5.44 -3.08
N ASN A 51 11.80 -5.56 -2.63
CA ASN A 51 10.96 -6.71 -2.99
C ASN A 51 10.06 -6.37 -4.17
N GLY A 52 10.46 -5.37 -4.94
CA GLY A 52 9.68 -4.97 -6.10
C GLY A 52 8.21 -4.74 -5.76
N PHE A 53 7.94 -3.72 -4.96
CA PHE A 53 6.58 -3.40 -4.56
C PHE A 53 6.46 -1.96 -4.09
N ASP A 54 7.38 -1.12 -4.56
CA ASP A 54 7.38 0.29 -4.20
C ASP A 54 6.65 1.12 -5.23
N ASP A 55 5.70 0.50 -5.93
CA ASP A 55 4.93 1.19 -6.95
C ASP A 55 3.59 1.67 -6.39
N VAL A 56 3.50 2.98 -6.14
CA VAL A 56 2.28 3.57 -5.60
C VAL A 56 1.09 3.30 -6.52
N HIS A 57 1.38 3.02 -7.78
CA HIS A 57 0.33 2.75 -8.76
C HIS A 57 0.02 1.25 -8.82
N PHE A 58 0.49 0.51 -7.82
CA PHE A 58 0.27 -0.92 -7.76
C PHE A 58 -0.51 -1.30 -6.50
N LEU A 59 -0.32 -0.51 -5.44
CA LEU A 59 -1.00 -0.75 -4.17
C LEU A 59 -2.51 -0.92 -4.39
N GLY A 60 -3.06 -0.12 -5.29
CA GLY A 60 -4.49 -0.20 -5.57
C GLY A 60 -4.79 -1.10 -6.76
N SER A 61 -4.19 -2.28 -6.78
CA SER A 61 -4.40 -3.23 -7.85
C SER A 61 -3.85 -4.61 -7.48
N ASN A 62 -2.61 -4.64 -7.00
CA ASN A 62 -1.97 -5.88 -6.61
C ASN A 62 -2.82 -6.65 -5.61
N VAL A 63 -2.41 -7.86 -5.27
CA VAL A 63 -3.13 -8.69 -4.31
C VAL A 63 -3.05 -8.12 -2.90
N MET A 64 -1.87 -7.70 -2.51
CA MET A 64 -1.65 -7.12 -1.19
C MET A 64 -2.36 -7.95 -0.12
N GLU A 65 -1.99 -9.23 -0.03
CA GLU A 65 -2.59 -10.13 0.95
C GLU A 65 -1.64 -10.35 2.12
N GLU A 66 -2.09 -11.15 3.08
CA GLU A 66 -1.29 -11.46 4.27
C GLU A 66 0.08 -12.00 3.86
N GLN A 67 0.09 -12.94 2.93
CA GLN A 67 1.33 -13.54 2.46
C GLN A 67 2.18 -12.52 1.73
N ASP A 68 1.55 -11.74 0.86
CA ASP A 68 2.25 -10.71 0.09
C ASP A 68 3.08 -9.83 1.01
N LEU A 69 2.50 -9.45 2.15
CA LEU A 69 3.18 -8.60 3.12
C LEU A 69 4.30 -9.36 3.82
N ARG A 70 4.09 -10.65 4.01
CA ARG A 70 5.08 -11.50 4.68
C ARG A 70 6.29 -11.74 3.77
N ASP A 71 6.02 -11.92 2.48
CA ASP A 71 7.09 -12.16 1.51
C ASP A 71 8.02 -10.95 1.41
N ILE A 72 7.44 -9.76 1.51
CA ILE A 72 8.22 -8.53 1.43
C ILE A 72 8.93 -8.25 2.75
N GLY A 73 8.57 -9.01 3.78
CA GLY A 73 9.20 -8.83 5.08
C GLY A 73 8.17 -8.55 6.17
N ILE A 74 7.15 -7.76 5.83
CA ILE A 74 6.10 -7.42 6.79
C ILE A 74 5.40 -8.67 7.31
N SER A 75 5.82 -9.14 8.48
CA SER A 75 5.23 -10.33 9.08
C SER A 75 4.52 -9.98 10.39
N ASP A 76 4.49 -8.69 10.72
CA ASP A 76 3.85 -8.22 11.94
C ASP A 76 2.36 -7.98 11.71
N PRO A 77 1.56 -8.15 12.77
CA PRO A 77 0.11 -7.94 12.71
C PRO A 77 -0.27 -6.48 12.53
N GLN A 78 0.36 -5.61 13.33
CA GLN A 78 0.09 -4.18 13.26
C GLN A 78 0.72 -3.57 12.01
N HIS A 79 1.52 -4.36 11.31
CA HIS A 79 2.18 -3.89 10.09
C HIS A 79 1.51 -4.49 8.85
N ARG A 80 0.79 -5.59 9.05
CA ARG A 80 0.11 -6.27 7.95
C ARG A 80 -1.28 -5.68 7.73
N ARG A 81 -2.00 -5.44 8.81
CA ARG A 81 -3.35 -4.87 8.73
C ARG A 81 -3.29 -3.40 8.33
N LYS A 82 -2.27 -2.70 8.82
CA LYS A 82 -2.10 -1.29 8.52
C LYS A 82 -1.77 -1.07 7.04
N LEU A 83 -0.85 -1.87 6.52
CA LEU A 83 -0.45 -1.78 5.13
C LEU A 83 -1.59 -2.20 4.20
N LEU A 84 -2.50 -3.00 4.73
CA LEU A 84 -3.64 -3.47 3.95
C LEU A 84 -4.81 -2.50 4.05
N GLN A 85 -4.89 -1.79 5.17
CA GLN A 85 -5.96 -0.81 5.38
C GLN A 85 -5.66 0.49 4.66
N ALA A 86 -4.40 0.93 4.74
CA ALA A 86 -3.98 2.16 4.09
C ALA A 86 -3.83 1.98 2.58
N ALA A 87 -3.72 0.72 2.15
CA ALA A 87 -3.58 0.41 0.74
C ALA A 87 -4.93 0.34 0.05
N ARG A 88 -5.89 -0.31 0.70
CA ARG A 88 -7.24 -0.45 0.15
C ARG A 88 -8.02 0.84 0.30
N SER A 89 -7.58 1.69 1.23
CA SER A 89 -8.25 2.96 1.48
C SER A 89 -7.97 3.96 0.36
N LEU A 90 -7.06 3.58 -0.54
CA LEU A 90 -6.69 4.43 -1.66
C LEU A 90 -7.85 4.55 -2.65
N PRO A 91 -7.80 5.59 -3.50
CA PRO A 91 -8.83 5.83 -4.52
C PRO A 91 -8.80 4.79 -5.64
N LYS A 92 -9.80 4.84 -6.50
CA LYS A 92 -9.89 3.92 -7.63
C LYS A 92 -8.58 3.90 -8.41
N VAL A 93 -8.45 2.91 -9.30
CA VAL A 93 -7.26 2.77 -10.12
C VAL A 93 -7.61 2.65 -11.60
N LYS A 94 -6.70 3.07 -12.46
CA LYS A 94 -6.91 3.01 -13.90
C LYS A 94 -8.08 3.88 -14.32
N ALA A 95 -8.37 4.90 -13.51
CA ALA A 95 -9.47 5.82 -13.80
C ALA A 95 -8.95 7.12 -14.39
N LEU A 96 -7.65 7.34 -14.27
CA LEU A 96 -7.02 8.56 -14.80
C LEU A 96 -7.17 8.64 -16.31
N GLY A 97 -6.47 9.58 -16.93
CA GLY A 97 -6.53 9.74 -18.37
C GLY A 97 -6.06 8.51 -19.11
N TYR A 98 -7.01 7.67 -19.51
CA TYR A 98 -6.69 6.45 -20.23
C TYR A 98 -7.96 5.68 -20.60
N ASP A 99 -7.91 4.99 -21.74
CA ASP A 99 -9.05 4.22 -22.22
C ASP A 99 -8.98 2.78 -21.74
N GLY A 100 -10.06 2.30 -21.14
CA GLY A 100 -10.10 0.93 -20.64
C GLY A 100 -10.66 0.85 -19.24
N ASN A 101 -11.84 0.25 -19.12
CA ASN A 101 -12.50 0.10 -17.82
C ASN A 101 -12.04 -1.17 -17.12
N MET A 21 -2.33 0.76 -17.86
CA MET A 21 -3.58 0.53 -18.57
C MET A 21 -4.74 1.27 -17.92
N ILE A 22 -4.67 1.40 -16.59
CA ILE A 22 -5.71 2.09 -15.84
C ILE A 22 -5.37 3.56 -15.64
N SER A 23 -4.08 3.87 -15.63
CA SER A 23 -3.62 5.24 -15.45
C SER A 23 -4.10 5.81 -14.12
N GLY A 24 -3.92 7.11 -13.93
CA GLY A 24 -4.34 7.75 -12.71
C GLY A 24 -5.18 8.99 -12.96
N LEU A 25 -5.83 9.48 -11.90
CA LEU A 25 -6.66 10.67 -12.02
C LEU A 25 -6.20 11.76 -11.07
N ARG A 26 -6.21 11.45 -9.77
CA ARG A 26 -5.78 12.41 -8.76
C ARG A 26 -5.01 11.71 -7.63
N THR A 27 -3.81 12.21 -7.36
CA THR A 27 -2.97 11.63 -6.31
C THR A 27 -2.46 12.71 -5.36
N LEU A 28 -1.92 12.28 -4.23
CA LEU A 28 -1.40 13.20 -3.23
C LEU A 28 0.11 13.39 -3.41
N GLU A 29 0.59 13.19 -4.63
CA GLU A 29 2.01 13.34 -4.93
C GLU A 29 2.87 12.75 -3.82
N GLN A 30 2.42 11.62 -3.28
CA GLN A 30 3.15 10.94 -2.20
C GLN A 30 3.95 9.77 -2.75
N SER A 31 4.79 9.19 -1.89
CA SER A 31 5.62 8.05 -2.30
C SER A 31 5.58 6.96 -1.23
N VAL A 32 6.34 5.89 -1.48
CA VAL A 32 6.40 4.78 -0.53
C VAL A 32 6.89 5.22 0.84
N GLY A 33 8.06 5.85 0.86
CA GLY A 33 8.63 6.33 2.11
C GLY A 33 7.65 7.18 2.90
N GLU A 34 7.27 8.32 2.33
CA GLU A 34 6.34 9.23 2.98
C GLU A 34 5.08 8.50 3.43
N TRP A 35 4.51 7.71 2.52
CA TRP A 35 3.30 6.95 2.82
C TRP A 35 3.46 6.14 4.09
N LEU A 36 4.50 5.31 4.12
CA LEU A 36 4.78 4.47 5.29
C LEU A 36 5.16 5.32 6.49
N GLU A 37 5.74 6.48 6.23
CA GLU A 37 6.13 7.39 7.30
C GLU A 37 4.91 7.96 8.02
N SER A 38 3.80 8.06 7.30
CA SER A 38 2.56 8.59 7.87
C SER A 38 1.95 7.59 8.85
N ILE A 39 2.30 6.33 8.69
CA ILE A 39 1.78 5.27 9.56
C ILE A 39 2.84 4.82 10.56
N GLY A 40 4.10 5.10 10.26
CA GLY A 40 5.19 4.72 11.14
C GLY A 40 5.83 3.41 10.74
N LEU A 41 5.69 3.06 9.47
CA LEU A 41 6.27 1.81 8.96
C LEU A 41 7.32 2.10 7.90
N GLN A 42 7.75 3.36 7.81
CA GLN A 42 8.76 3.76 6.85
C GLN A 42 10.02 2.91 6.98
N GLN A 43 10.22 2.35 8.17
CA GLN A 43 11.38 1.51 8.44
C GLN A 43 11.36 0.26 7.58
N TYR A 44 10.17 -0.26 7.32
CA TYR A 44 10.02 -1.45 6.50
C TYR A 44 9.92 -1.10 5.02
N GLU A 45 10.13 0.18 4.71
CA GLU A 45 10.08 0.64 3.33
C GLU A 45 11.06 -0.13 2.45
N SER A 46 12.28 -0.29 2.94
CA SER A 46 13.32 -0.99 2.19
C SER A 46 12.80 -2.34 1.70
N LYS A 47 12.05 -3.03 2.54
CA LYS A 47 11.49 -4.33 2.19
C LYS A 47 10.43 -4.19 1.09
N LEU A 48 9.65 -3.12 1.18
CA LEU A 48 8.60 -2.87 0.19
C LEU A 48 9.18 -2.25 -1.07
N LEU A 49 10.47 -1.93 -1.03
CA LEU A 49 11.15 -1.33 -2.18
C LEU A 49 12.02 -2.36 -2.90
N LEU A 50 12.70 -3.20 -2.12
CA LEU A 50 13.57 -4.22 -2.68
C LEU A 50 12.75 -5.34 -3.33
N ASN A 51 11.47 -5.39 -2.99
CA ASN A 51 10.57 -6.41 -3.54
C ASN A 51 9.82 -5.88 -4.76
N GLY A 52 10.36 -4.82 -5.35
CA GLY A 52 9.74 -4.22 -6.53
C GLY A 52 8.27 -3.94 -6.31
N PHE A 53 7.91 -3.58 -5.08
CA PHE A 53 6.52 -3.29 -4.75
C PHE A 53 6.34 -1.80 -4.43
N ASP A 54 7.38 -1.02 -4.69
CA ASP A 54 7.33 0.41 -4.42
C ASP A 54 6.24 1.09 -5.25
N ASP A 55 5.80 0.42 -6.30
CA ASP A 55 4.76 0.95 -7.17
C ASP A 55 3.54 1.36 -6.36
N VAL A 56 3.38 2.65 -6.13
CA VAL A 56 2.26 3.18 -5.38
C VAL A 56 0.96 3.08 -6.17
N HIS A 57 1.08 2.96 -7.49
CA HIS A 57 -0.08 2.85 -8.35
C HIS A 57 -0.43 1.39 -8.61
N PHE A 58 0.10 0.50 -7.77
CA PHE A 58 -0.15 -0.92 -7.90
C PHE A 58 -0.70 -1.50 -6.60
N LEU A 59 -0.83 -0.65 -5.59
CA LEU A 59 -1.34 -1.08 -4.29
C LEU A 59 -2.76 -1.61 -4.42
N GLY A 60 -3.57 -0.94 -5.23
CA GLY A 60 -4.95 -1.38 -5.42
C GLY A 60 -5.06 -2.49 -6.44
N SER A 61 -4.08 -2.59 -7.33
CA SER A 61 -4.08 -3.62 -8.36
C SER A 61 -3.55 -4.94 -7.82
N ASN A 62 -2.28 -4.95 -7.44
CA ASN A 62 -1.65 -6.15 -6.90
C ASN A 62 -2.48 -6.72 -5.75
N VAL A 63 -2.38 -8.05 -5.58
CA VAL A 63 -3.13 -8.73 -4.52
C VAL A 63 -2.90 -8.06 -3.17
N MET A 64 -1.63 -7.74 -2.88
CA MET A 64 -1.29 -7.10 -1.62
C MET A 64 -1.91 -7.82 -0.44
N GLU A 65 -1.64 -9.12 -0.33
CA GLU A 65 -2.19 -9.93 0.75
C GLU A 65 -1.18 -10.06 1.90
N GLU A 66 -1.62 -10.68 2.99
CA GLU A 66 -0.76 -10.87 4.15
C GLU A 66 0.56 -11.54 3.74
N GLN A 67 0.45 -12.61 2.97
CA GLN A 67 1.63 -13.34 2.52
C GLN A 67 2.58 -12.42 1.75
N ASP A 68 2.01 -11.50 0.99
CA ASP A 68 2.81 -10.55 0.20
C ASP A 68 3.66 -9.69 1.12
N LEU A 69 3.07 -9.20 2.20
CA LEU A 69 3.77 -8.35 3.15
C LEU A 69 4.76 -9.17 3.98
N ARG A 70 4.48 -10.46 4.12
CA ARG A 70 5.33 -11.35 4.90
C ARG A 70 6.57 -11.74 4.10
N ASP A 71 6.39 -11.95 2.80
CA ASP A 71 7.50 -12.32 1.92
C ASP A 71 8.51 -11.18 1.82
N ILE A 72 8.02 -9.95 1.82
CA ILE A 72 8.88 -8.77 1.72
C ILE A 72 9.62 -8.52 3.03
N GLY A 73 9.00 -8.92 4.14
CA GLY A 73 9.60 -8.74 5.45
C GLY A 73 8.58 -8.47 6.53
N ILE A 74 7.55 -7.70 6.19
CA ILE A 74 6.50 -7.37 7.14
C ILE A 74 5.75 -8.62 7.60
N SER A 75 6.20 -9.19 8.71
CA SER A 75 5.58 -10.40 9.26
C SER A 75 4.85 -10.09 10.56
N ASP A 76 4.73 -8.80 10.87
CA ASP A 76 4.05 -8.37 12.09
C ASP A 76 2.57 -8.11 11.82
N PRO A 77 1.74 -8.31 12.85
CA PRO A 77 0.29 -8.09 12.75
C PRO A 77 -0.07 -6.62 12.61
N GLN A 78 0.54 -5.78 13.45
CA GLN A 78 0.27 -4.35 13.42
C GLN A 78 0.92 -3.71 12.19
N HIS A 79 1.74 -4.48 11.49
CA HIS A 79 2.41 -3.99 10.29
C HIS A 79 1.75 -4.54 9.03
N ARG A 80 1.05 -5.65 9.17
CA ARG A 80 0.37 -6.28 8.05
C ARG A 80 -1.03 -5.71 7.85
N ARG A 81 -1.74 -5.52 8.96
CA ARG A 81 -3.09 -4.97 8.92
C ARG A 81 -3.06 -3.48 8.56
N LYS A 82 -1.99 -2.81 8.95
CA LYS A 82 -1.84 -1.39 8.67
C LYS A 82 -1.56 -1.15 7.19
N LEU A 83 -0.67 -1.96 6.62
CA LEU A 83 -0.31 -1.84 5.22
C LEU A 83 -1.46 -2.28 4.33
N LEU A 84 -2.33 -3.13 4.85
CA LEU A 84 -3.47 -3.62 4.11
C LEU A 84 -4.63 -2.63 4.17
N GLN A 85 -4.69 -1.86 5.26
CA GLN A 85 -5.75 -0.88 5.44
C GLN A 85 -5.46 0.37 4.63
N ALA A 86 -4.22 0.84 4.68
CA ALA A 86 -3.82 2.03 3.94
C ALA A 86 -3.72 1.75 2.45
N ALA A 87 -3.61 0.48 2.10
CA ALA A 87 -3.50 0.06 0.71
C ALA A 87 -4.88 -0.06 0.06
N ARG A 88 -5.83 -0.60 0.82
CA ARG A 88 -7.19 -0.78 0.32
C ARG A 88 -7.95 0.55 0.34
N SER A 89 -7.50 1.47 1.19
CA SER A 89 -8.14 2.78 1.31
C SER A 89 -7.84 3.64 0.08
N LEU A 90 -6.93 3.17 -0.77
CA LEU A 90 -6.56 3.89 -1.98
C LEU A 90 -7.68 3.82 -3.02
N PRO A 91 -7.64 4.75 -3.98
CA PRO A 91 -8.63 4.81 -5.06
C PRO A 91 -8.49 3.65 -6.04
N LYS A 92 -9.38 3.61 -7.04
CA LYS A 92 -9.35 2.56 -8.04
C LYS A 92 -9.35 1.17 -7.38
N VAL A 93 -10.27 0.98 -6.44
CA VAL A 93 -10.39 -0.29 -5.74
C VAL A 93 -11.40 -1.20 -6.41
N LYS A 94 -11.13 -2.51 -6.36
CA LYS A 94 -12.03 -3.49 -6.96
C LYS A 94 -12.48 -3.05 -8.35
N ALA A 95 -13.53 -3.68 -8.87
CA ALA A 95 -14.05 -3.35 -10.18
C ALA A 95 -15.20 -2.35 -10.09
N LEU A 96 -14.97 -1.27 -9.35
CA LEU A 96 -15.99 -0.23 -9.16
C LEU A 96 -15.38 1.04 -8.58
N GLY A 97 -15.93 2.18 -8.96
CA GLY A 97 -15.43 3.45 -8.46
C GLY A 97 -16.43 4.58 -8.63
N TYR A 98 -16.39 5.55 -7.73
CA TYR A 98 -17.30 6.67 -7.78
C TYR A 98 -16.54 8.00 -7.66
N ASP A 99 -15.34 8.03 -8.24
CA ASP A 99 -14.51 9.23 -8.20
C ASP A 99 -15.28 10.45 -8.69
N GLY A 100 -15.44 11.44 -7.82
CA GLY A 100 -16.17 12.64 -8.19
C GLY A 100 -15.82 13.81 -7.29
N ASN A 101 -14.54 14.00 -7.01
CA ASN A 101 -14.09 15.09 -6.16
C ASN A 101 -14.04 16.40 -6.94
N MET A 21 -19.79 6.12 7.02
CA MET A 21 -18.89 5.04 6.61
C MET A 21 -17.60 5.59 6.02
N ILE A 22 -17.68 6.79 5.44
CA ILE A 22 -16.52 7.42 4.83
C ILE A 22 -16.26 8.78 5.45
N SER A 23 -15.23 8.86 6.28
CA SER A 23 -14.88 10.12 6.94
C SER A 23 -13.38 10.39 6.81
N GLY A 24 -13.02 11.32 5.92
CA GLY A 24 -11.63 11.67 5.72
C GLY A 24 -11.41 12.41 4.43
N LEU A 25 -10.24 12.22 3.83
CA LEU A 25 -9.89 12.89 2.58
C LEU A 25 -8.79 12.14 1.85
N ARG A 26 -8.71 12.33 0.53
CA ARG A 26 -7.71 11.67 -0.29
C ARG A 26 -6.35 12.34 -0.11
N THR A 27 -5.32 11.74 -0.70
CA THR A 27 -3.97 12.28 -0.62
C THR A 27 -3.35 12.45 -2.01
N LEU A 28 -2.12 12.92 -2.04
CA LEU A 28 -1.42 13.14 -3.30
C LEU A 28 0.05 13.48 -3.06
N GLU A 29 0.80 13.64 -4.15
CA GLU A 29 2.22 13.98 -4.05
C GLU A 29 2.90 13.17 -2.94
N GLN A 30 2.49 11.91 -2.80
CA GLN A 30 3.06 11.03 -1.78
C GLN A 30 3.70 9.80 -2.41
N SER A 31 4.76 9.31 -1.78
CA SER A 31 5.47 8.14 -2.28
C SER A 31 5.49 7.03 -1.23
N VAL A 32 6.28 6.00 -1.49
CA VAL A 32 6.40 4.88 -0.58
C VAL A 32 6.87 5.32 0.80
N GLY A 33 8.02 5.99 0.83
CA GLY A 33 8.56 6.48 2.09
C GLY A 33 7.56 7.32 2.86
N GLU A 34 7.12 8.41 2.25
CA GLU A 34 6.16 9.31 2.88
C GLU A 34 4.92 8.55 3.34
N TRP A 35 4.37 7.73 2.45
CA TRP A 35 3.18 6.94 2.77
C TRP A 35 3.39 6.14 4.06
N LEU A 36 4.46 5.35 4.10
CA LEU A 36 4.77 4.53 5.26
C LEU A 36 5.12 5.42 6.47
N GLU A 37 5.65 6.60 6.19
CA GLU A 37 6.03 7.53 7.25
C GLU A 37 4.80 8.05 7.97
N SER A 38 3.69 8.13 7.25
CA SER A 38 2.43 8.61 7.83
C SER A 38 1.86 7.61 8.82
N ILE A 39 2.25 6.35 8.67
CA ILE A 39 1.78 5.29 9.55
C ILE A 39 2.86 4.88 10.55
N GLY A 40 4.11 5.21 10.23
CA GLY A 40 5.21 4.86 11.11
C GLY A 40 5.89 3.57 10.71
N LEU A 41 5.75 3.19 9.45
CA LEU A 41 6.35 1.96 8.95
C LEU A 41 7.41 2.27 7.89
N GLN A 42 7.78 3.54 7.78
CA GLN A 42 8.79 3.96 6.82
C GLN A 42 10.07 3.16 6.98
N GLN A 43 10.29 2.63 8.17
CA GLN A 43 11.48 1.84 8.47
C GLN A 43 11.51 0.57 7.62
N TYR A 44 10.33 0.01 7.36
CA TYR A 44 10.23 -1.20 6.57
C TYR A 44 10.14 -0.88 5.08
N GLU A 45 10.33 0.39 4.74
CA GLU A 45 10.27 0.83 3.35
C GLU A 45 11.22 0.00 2.48
N SER A 46 12.44 -0.20 2.97
CA SER A 46 13.43 -0.97 2.22
C SER A 46 12.86 -2.30 1.76
N LYS A 47 12.13 -2.96 2.65
CA LYS A 47 11.51 -4.25 2.33
C LYS A 47 10.48 -4.10 1.22
N LEU A 48 9.67 -3.06 1.31
CA LEU A 48 8.64 -2.81 0.31
C LEU A 48 9.24 -2.21 -0.96
N LEU A 49 10.54 -1.93 -0.91
CA LEU A 49 11.24 -1.36 -2.05
C LEU A 49 12.13 -2.40 -2.72
N LEU A 50 12.62 -3.34 -1.92
CA LEU A 50 13.49 -4.40 -2.44
C LEU A 50 12.67 -5.62 -2.83
N ASN A 51 11.36 -5.44 -2.96
CA ASN A 51 10.47 -6.53 -3.34
C ASN A 51 9.59 -6.12 -4.52
N GLY A 52 10.05 -5.14 -5.28
CA GLY A 52 9.30 -4.67 -6.43
C GLY A 52 7.86 -4.35 -6.08
N PHE A 53 7.66 -3.55 -5.04
CA PHE A 53 6.33 -3.17 -4.60
C PHE A 53 6.26 -1.68 -4.32
N ASP A 54 7.33 -0.96 -4.64
CA ASP A 54 7.39 0.48 -4.42
C ASP A 54 6.39 1.21 -5.30
N ASP A 55 5.92 0.53 -6.34
CA ASP A 55 4.95 1.11 -7.27
C ASP A 55 3.65 1.46 -6.54
N VAL A 56 3.51 2.72 -6.17
CA VAL A 56 2.31 3.19 -5.47
C VAL A 56 1.06 2.93 -6.29
N HIS A 57 1.24 2.75 -7.60
CA HIS A 57 0.13 2.51 -8.50
C HIS A 57 -0.12 1.00 -8.65
N PHE A 58 0.47 0.22 -7.76
CA PHE A 58 0.33 -1.23 -7.80
C PHE A 58 -0.35 -1.73 -6.52
N LEU A 59 -0.39 -0.88 -5.50
CA LEU A 59 -0.99 -1.24 -4.24
C LEU A 59 -2.40 -1.80 -4.44
N GLY A 60 -3.19 -1.10 -5.25
CA GLY A 60 -4.55 -1.54 -5.51
C GLY A 60 -4.62 -2.55 -6.65
N SER A 61 -3.46 -2.97 -7.14
CA SER A 61 -3.40 -3.92 -8.23
C SER A 61 -2.94 -5.29 -7.73
N ASN A 62 -1.70 -5.35 -7.26
CA ASN A 62 -1.14 -6.60 -6.75
C ASN A 62 -2.07 -7.23 -5.71
N VAL A 63 -1.92 -8.52 -5.50
CA VAL A 63 -2.73 -9.24 -4.53
C VAL A 63 -2.70 -8.56 -3.17
N MET A 64 -1.50 -8.19 -2.74
CA MET A 64 -1.33 -7.52 -1.45
C MET A 64 -2.07 -8.27 -0.34
N GLU A 65 -1.75 -9.56 -0.19
CA GLU A 65 -2.38 -10.38 0.83
C GLU A 65 -1.48 -10.52 2.05
N GLU A 66 -1.92 -11.32 3.02
CA GLU A 66 -1.16 -11.53 4.25
C GLU A 66 0.23 -12.06 3.94
N GLN A 67 0.30 -13.06 3.07
CA GLN A 67 1.57 -13.66 2.69
C GLN A 67 2.44 -12.67 1.93
N ASP A 68 1.83 -11.94 1.01
CA ASP A 68 2.55 -10.95 0.21
C ASP A 68 3.33 -10.00 1.11
N LEU A 69 2.75 -9.64 2.26
CA LEU A 69 3.40 -8.75 3.20
C LEU A 69 4.51 -9.47 3.95
N ARG A 70 4.34 -10.77 4.15
CA ARG A 70 5.34 -11.57 4.85
C ARG A 70 6.55 -11.84 3.96
N ASP A 71 6.30 -12.09 2.69
CA ASP A 71 7.37 -12.36 1.73
C ASP A 71 8.31 -11.16 1.62
N ILE A 72 7.74 -9.96 1.69
CA ILE A 72 8.52 -8.74 1.59
C ILE A 72 9.23 -8.43 2.91
N GLY A 73 8.73 -9.01 3.99
CA GLY A 73 9.32 -8.80 5.30
C GLY A 73 8.29 -8.54 6.38
N ILE A 74 7.27 -7.76 6.04
CA ILE A 74 6.21 -7.43 6.98
C ILE A 74 5.51 -8.69 7.47
N SER A 75 5.86 -9.13 8.68
CA SER A 75 5.26 -10.34 9.26
C SER A 75 4.47 -9.99 10.52
N ASP A 76 4.61 -8.74 10.97
CA ASP A 76 3.91 -8.29 12.17
C ASP A 76 2.43 -8.05 11.87
N PRO A 77 1.59 -8.22 12.90
CA PRO A 77 0.13 -8.03 12.78
C PRO A 77 -0.24 -6.56 12.57
N GLN A 78 0.35 -5.69 13.38
CA GLN A 78 0.08 -4.26 13.29
C GLN A 78 0.73 -3.65 12.05
N HIS A 79 1.57 -4.45 11.38
CA HIS A 79 2.26 -3.99 10.18
C HIS A 79 1.63 -4.61 8.93
N ARG A 80 0.91 -5.70 9.12
CA ARG A 80 0.26 -6.38 8.01
C ARG A 80 -1.13 -5.81 7.74
N ARG A 81 -1.88 -5.58 8.82
CA ARG A 81 -3.23 -5.03 8.72
C ARG A 81 -3.19 -3.56 8.31
N LYS A 82 -2.15 -2.85 8.76
CA LYS A 82 -2.00 -1.44 8.44
C LYS A 82 -1.66 -1.25 6.96
N LEU A 83 -0.72 -2.04 6.46
CA LEU A 83 -0.32 -1.96 5.07
C LEU A 83 -1.43 -2.41 4.15
N LEU A 84 -2.36 -3.21 4.68
CA LEU A 84 -3.49 -3.70 3.91
C LEU A 84 -4.66 -2.74 3.96
N GLN A 85 -4.75 -1.99 5.05
CA GLN A 85 -5.83 -1.01 5.23
C GLN A 85 -5.52 0.26 4.46
N ALA A 86 -4.28 0.73 4.54
CA ALA A 86 -3.86 1.94 3.85
C ALA A 86 -3.71 1.70 2.36
N ALA A 87 -3.58 0.44 1.98
CA ALA A 87 -3.43 0.07 0.57
C ALA A 87 -4.78 -0.04 -0.12
N ARG A 88 -5.75 -0.66 0.57
CA ARG A 88 -7.08 -0.83 0.01
C ARG A 88 -7.86 0.48 0.08
N SER A 89 -7.45 1.37 0.95
CA SER A 89 -8.11 2.67 1.11
C SER A 89 -7.83 3.57 -0.09
N LEU A 90 -6.91 3.14 -0.94
CA LEU A 90 -6.55 3.91 -2.13
C LEU A 90 -7.69 3.92 -3.13
N PRO A 91 -7.66 4.89 -4.06
CA PRO A 91 -8.68 5.04 -5.10
C PRO A 91 -8.63 3.92 -6.13
N LYS A 92 -9.55 3.96 -7.09
CA LYS A 92 -9.61 2.95 -8.13
C LYS A 92 -9.63 1.53 -7.54
N VAL A 93 -10.59 1.29 -6.66
CA VAL A 93 -10.72 -0.01 -6.01
C VAL A 93 -12.11 -0.59 -6.23
N LYS A 94 -12.17 -1.89 -6.51
CA LYS A 94 -13.44 -2.56 -6.75
C LYS A 94 -14.20 -2.77 -5.44
N ALA A 95 -14.91 -1.73 -5.02
CA ALA A 95 -15.69 -1.80 -3.77
C ALA A 95 -16.78 -0.74 -3.75
N LEU A 96 -17.57 -0.73 -2.69
CA LEU A 96 -18.66 0.23 -2.55
C LEU A 96 -18.11 1.65 -2.42
N GLY A 97 -18.32 2.45 -3.46
CA GLY A 97 -17.85 3.83 -3.45
C GLY A 97 -17.37 4.29 -4.82
N TYR A 98 -16.13 3.99 -5.15
CA TYR A 98 -15.56 4.37 -6.43
C TYR A 98 -15.97 3.40 -7.53
N ASP A 99 -16.99 3.75 -8.28
CA ASP A 99 -17.49 2.92 -9.36
C ASP A 99 -16.73 3.21 -10.66
N GLY A 100 -16.37 2.15 -11.38
CA GLY A 100 -15.65 2.32 -12.64
C GLY A 100 -16.16 1.40 -13.72
N ASN A 101 -15.26 0.62 -14.30
CA ASN A 101 -15.63 -0.31 -15.37
C ASN A 101 -16.26 0.43 -16.55
N MET A 21 -20.36 3.22 2.34
CA MET A 21 -20.13 4.30 1.39
C MET A 21 -18.65 4.67 1.36
N ILE A 22 -17.95 4.22 0.33
CA ILE A 22 -16.52 4.51 0.19
C ILE A 22 -16.27 6.01 0.12
N SER A 23 -17.27 6.76 -0.33
CA SER A 23 -17.16 8.21 -0.44
C SER A 23 -16.03 8.59 -1.39
N GLY A 24 -15.91 9.90 -1.66
CA GLY A 24 -14.87 10.37 -2.54
C GLY A 24 -13.54 10.53 -1.84
N LEU A 25 -13.52 11.33 -0.79
CA LEU A 25 -12.30 11.56 -0.03
C LEU A 25 -11.22 12.21 -0.90
N ARG A 26 -10.11 12.59 -0.28
CA ARG A 26 -9.01 13.21 -1.00
C ARG A 26 -7.87 12.23 -1.23
N THR A 27 -7.26 12.29 -2.41
CA THR A 27 -6.16 11.40 -2.74
C THR A 27 -4.86 12.18 -2.92
N LEU A 28 -3.75 11.45 -3.05
CA LEU A 28 -2.44 12.07 -3.23
C LEU A 28 -1.46 11.10 -3.86
N GLU A 29 -0.25 11.58 -4.15
CA GLU A 29 0.78 10.75 -4.75
C GLU A 29 1.94 10.53 -3.78
N GLN A 30 1.61 10.39 -2.51
CA GLN A 30 2.61 10.15 -1.48
C GLN A 30 3.50 8.97 -1.82
N SER A 31 4.80 9.21 -1.94
CA SER A 31 5.75 8.15 -2.28
C SER A 31 5.74 7.06 -1.22
N VAL A 32 6.48 5.98 -1.48
CA VAL A 32 6.56 4.87 -0.55
C VAL A 32 7.03 5.34 0.83
N GLY A 33 8.15 6.06 0.84
CA GLY A 33 8.69 6.56 2.09
C GLY A 33 7.67 7.37 2.88
N GLU A 34 7.27 8.51 2.33
CA GLU A 34 6.31 9.38 2.99
C GLU A 34 5.07 8.59 3.40
N TRP A 35 4.53 7.82 2.47
CA TRP A 35 3.33 7.01 2.73
C TRP A 35 3.51 6.18 3.99
N LEU A 36 4.58 5.38 4.02
CA LEU A 36 4.86 4.53 5.17
C LEU A 36 5.18 5.36 6.41
N GLU A 37 5.74 6.55 6.18
CA GLU A 37 6.09 7.44 7.28
C GLU A 37 4.84 7.93 8.00
N SER A 38 3.74 8.01 7.27
CA SER A 38 2.47 8.47 7.85
C SER A 38 1.89 7.41 8.79
N ILE A 39 2.31 6.16 8.60
CA ILE A 39 1.83 5.07 9.43
C ILE A 39 2.90 4.61 10.41
N GLY A 40 4.14 5.02 10.16
CA GLY A 40 5.24 4.65 11.03
C GLY A 40 5.93 3.38 10.56
N LEU A 41 5.76 3.04 9.29
CA LEU A 41 6.37 1.84 8.73
C LEU A 41 7.45 2.20 7.71
N GLN A 42 7.86 3.46 7.70
CA GLN A 42 8.88 3.93 6.78
C GLN A 42 10.16 3.12 6.93
N GLN A 43 10.40 2.62 8.13
CA GLN A 43 11.60 1.82 8.41
C GLN A 43 11.59 0.53 7.60
N TYR A 44 10.40 -0.01 7.37
CA TYR A 44 10.25 -1.25 6.62
C TYR A 44 10.15 -0.96 5.12
N GLU A 45 10.33 0.30 4.76
CA GLU A 45 10.26 0.71 3.36
C GLU A 45 11.23 -0.11 2.50
N SER A 46 12.42 -0.34 3.01
CA SER A 46 13.44 -1.11 2.29
C SER A 46 12.86 -2.43 1.81
N LYS A 47 12.12 -3.11 2.68
CA LYS A 47 11.51 -4.39 2.33
C LYS A 47 10.47 -4.22 1.22
N LEU A 48 9.70 -3.15 1.30
CA LEU A 48 8.67 -2.86 0.31
C LEU A 48 9.29 -2.27 -0.95
N LEU A 49 10.58 -1.99 -0.89
CA LEU A 49 11.29 -1.42 -2.04
C LEU A 49 12.18 -2.46 -2.71
N LEU A 50 12.70 -3.38 -1.91
CA LEU A 50 13.57 -4.44 -2.43
C LEU A 50 12.76 -5.65 -2.87
N ASN A 51 11.44 -5.48 -2.91
CA ASN A 51 10.54 -6.56 -3.32
C ASN A 51 9.69 -6.15 -4.51
N GLY A 52 10.17 -5.15 -5.25
CA GLY A 52 9.45 -4.67 -6.42
C GLY A 52 7.99 -4.37 -6.10
N PHE A 53 7.76 -3.57 -5.07
CA PHE A 53 6.41 -3.21 -4.67
C PHE A 53 6.32 -1.72 -4.34
N ASP A 54 7.39 -0.99 -4.65
CA ASP A 54 7.43 0.45 -4.37
C ASP A 54 6.43 1.19 -5.26
N ASP A 55 5.99 0.54 -6.32
CA ASP A 55 5.04 1.15 -7.24
C ASP A 55 3.74 1.52 -6.51
N VAL A 56 3.63 2.79 -6.13
CA VAL A 56 2.44 3.27 -5.44
C VAL A 56 1.20 3.07 -6.27
N HIS A 57 1.38 2.92 -7.58
CA HIS A 57 0.26 2.71 -8.49
C HIS A 57 -0.04 1.23 -8.66
N PHE A 58 0.54 0.40 -7.79
CA PHE A 58 0.33 -1.04 -7.85
C PHE A 58 -0.33 -1.54 -6.58
N LEU A 59 -0.36 -0.70 -5.55
CA LEU A 59 -0.97 -1.06 -4.27
C LEU A 59 -2.37 -1.61 -4.47
N GLY A 60 -3.16 -0.92 -5.29
CA GLY A 60 -4.52 -1.36 -5.55
C GLY A 60 -4.59 -2.45 -6.60
N SER A 61 -3.61 -2.47 -7.49
CA SER A 61 -3.57 -3.47 -8.56
C SER A 61 -3.17 -4.83 -8.01
N ASN A 62 -1.91 -4.96 -7.58
CA ASN A 62 -1.42 -6.21 -7.03
C ASN A 62 -2.33 -6.72 -5.93
N VAL A 63 -2.12 -7.97 -5.51
CA VAL A 63 -2.93 -8.57 -4.46
C VAL A 63 -2.66 -7.91 -3.11
N MET A 64 -1.39 -7.66 -2.82
CA MET A 64 -0.99 -7.01 -1.58
C MET A 64 -1.70 -7.67 -0.39
N GLU A 65 -1.54 -8.98 -0.27
CA GLU A 65 -2.18 -9.73 0.82
C GLU A 65 -1.17 -10.02 1.93
N GLU A 66 -1.62 -10.72 2.96
CA GLU A 66 -0.75 -11.07 4.09
C GLU A 66 0.53 -11.72 3.60
N GLN A 67 0.39 -12.72 2.73
CA GLN A 67 1.53 -13.44 2.19
C GLN A 67 2.49 -12.48 1.48
N ASP A 68 1.93 -11.46 0.83
CA ASP A 68 2.73 -10.48 0.11
C ASP A 68 3.57 -9.66 1.08
N LEU A 69 2.94 -9.15 2.13
CA LEU A 69 3.64 -8.34 3.12
C LEU A 69 4.60 -9.20 3.94
N ARG A 70 4.29 -10.49 4.04
CA ARG A 70 5.12 -11.42 4.79
C ARG A 70 6.37 -11.80 4.00
N ASP A 71 6.21 -11.96 2.68
CA ASP A 71 7.31 -12.32 1.81
C ASP A 71 8.34 -11.20 1.75
N ILE A 72 7.87 -9.96 1.82
CA ILE A 72 8.74 -8.80 1.77
C ILE A 72 9.45 -8.58 3.10
N GLY A 73 8.81 -9.02 4.18
CA GLY A 73 9.40 -8.88 5.50
C GLY A 73 8.36 -8.60 6.56
N ILE A 74 7.37 -7.79 6.22
CA ILE A 74 6.31 -7.42 7.15
C ILE A 74 5.58 -8.67 7.65
N SER A 75 5.97 -9.13 8.83
CA SER A 75 5.35 -10.32 9.42
C SER A 75 4.66 -9.97 10.74
N ASP A 76 4.44 -8.68 10.96
CA ASP A 76 3.78 -8.22 12.18
C ASP A 76 2.30 -7.98 11.95
N PRO A 77 1.49 -8.15 13.01
CA PRO A 77 0.03 -7.96 12.93
C PRO A 77 -0.35 -6.49 12.75
N GLN A 78 0.28 -5.62 13.52
CA GLN A 78 0.01 -4.18 13.45
C GLN A 78 0.56 -3.59 12.15
N HIS A 79 1.39 -4.38 11.46
CA HIS A 79 1.99 -3.92 10.21
C HIS A 79 1.20 -4.45 9.01
N ARG A 80 0.97 -5.76 9.00
CA ARG A 80 0.22 -6.38 7.91
C ARG A 80 -1.18 -5.81 7.80
N ARG A 81 -1.69 -5.29 8.92
CA ARG A 81 -3.03 -4.70 8.95
C ARG A 81 -3.00 -3.25 8.50
N LYS A 82 -2.08 -2.48 9.05
CA LYS A 82 -1.95 -1.07 8.69
C LYS A 82 -1.66 -0.91 7.20
N LEU A 83 -0.81 -1.78 6.68
CA LEU A 83 -0.45 -1.74 5.26
C LEU A 83 -1.64 -2.13 4.38
N LEU A 84 -2.44 -3.08 4.87
CA LEU A 84 -3.61 -3.54 4.13
C LEU A 84 -4.72 -2.50 4.17
N GLN A 85 -4.76 -1.71 5.23
CA GLN A 85 -5.77 -0.67 5.38
C GLN A 85 -5.40 0.57 4.58
N ALA A 86 -4.11 0.88 4.55
CA ALA A 86 -3.61 2.04 3.82
C ALA A 86 -3.54 1.76 2.32
N ALA A 87 -3.53 0.48 1.96
CA ALA A 87 -3.46 0.08 0.56
C ALA A 87 -4.86 0.02 -0.06
N ARG A 88 -5.81 -0.51 0.70
CA ARG A 88 -7.19 -0.64 0.22
C ARG A 88 -7.90 0.71 0.27
N SER A 89 -7.38 1.62 1.08
CA SER A 89 -7.96 2.95 1.22
C SER A 89 -7.67 3.81 -0.01
N LEU A 90 -6.82 3.29 -0.90
CA LEU A 90 -6.45 4.01 -2.11
C LEU A 90 -7.59 3.98 -3.12
N PRO A 91 -7.55 4.91 -4.08
CA PRO A 91 -8.58 5.01 -5.13
C PRO A 91 -8.51 3.85 -6.11
N LYS A 92 -9.63 3.12 -6.23
CA LYS A 92 -9.70 1.99 -7.14
C LYS A 92 -9.42 2.42 -8.57
N VAL A 93 -9.14 1.44 -9.43
CA VAL A 93 -8.86 1.72 -10.83
C VAL A 93 -9.85 1.01 -11.75
N LYS A 94 -10.17 1.65 -12.87
CA LYS A 94 -11.12 1.08 -13.83
C LYS A 94 -10.41 0.12 -14.77
N ALA A 95 -9.85 -0.95 -14.21
CA ALA A 95 -9.15 -1.95 -15.01
C ALA A 95 -10.13 -2.89 -15.68
N LEU A 96 -9.67 -3.59 -16.72
CA LEU A 96 -10.51 -4.52 -17.46
C LEU A 96 -11.74 -3.83 -18.01
N GLY A 97 -11.57 -3.16 -19.16
CA GLY A 97 -12.68 -2.46 -19.77
C GLY A 97 -12.53 -2.36 -21.29
N TYR A 98 -13.29 -3.16 -22.01
CA TYR A 98 -13.23 -3.15 -23.47
C TYR A 98 -11.80 -3.33 -23.96
N ASP A 99 -11.23 -4.50 -23.71
CA ASP A 99 -9.86 -4.79 -24.13
C ASP A 99 -9.71 -6.26 -24.50
N GLY A 100 -9.77 -7.13 -23.49
CA GLY A 100 -9.63 -8.55 -23.74
C GLY A 100 -10.47 -9.39 -22.79
N ASN A 101 -10.01 -10.60 -22.49
CA ASN A 101 -10.73 -11.49 -21.59
C ASN A 101 -10.05 -11.55 -20.23
N MET A 21 -12.25 -3.21 10.39
CA MET A 21 -13.38 -3.21 9.48
C MET A 21 -13.70 -1.80 8.98
N ILE A 22 -13.34 -0.81 9.80
CA ILE A 22 -13.58 0.59 9.45
C ILE A 22 -12.30 1.40 9.56
N SER A 23 -12.36 2.64 9.05
CA SER A 23 -11.20 3.53 9.10
C SER A 23 -11.58 4.94 8.66
N GLY A 24 -10.58 5.80 8.49
CA GLY A 24 -10.83 7.16 8.07
C GLY A 24 -9.63 7.78 7.38
N LEU A 25 -9.25 7.22 6.23
CA LEU A 25 -8.11 7.74 5.48
C LEU A 25 -8.44 7.82 4.00
N ARG A 26 -7.68 8.65 3.28
CA ARG A 26 -7.89 8.83 1.85
C ARG A 26 -6.74 9.61 1.22
N THR A 27 -5.52 9.29 1.63
CA THR A 27 -4.33 9.96 1.11
C THR A 27 -3.90 9.36 -0.23
N LEU A 28 -3.14 10.13 -0.99
CA LEU A 28 -2.66 9.68 -2.30
C LEU A 28 -1.42 10.46 -2.71
N GLU A 29 -0.96 10.21 -3.94
CA GLU A 29 0.21 10.89 -4.47
C GLU A 29 1.31 10.98 -3.42
N GLN A 30 1.45 9.92 -2.62
CA GLN A 30 2.45 9.87 -1.58
C GLN A 30 3.47 8.78 -1.85
N SER A 31 4.74 9.18 -1.97
CA SER A 31 5.82 8.23 -2.25
C SER A 31 5.82 7.10 -1.21
N VAL A 32 6.58 6.05 -1.50
CA VAL A 32 6.66 4.91 -0.60
C VAL A 32 7.12 5.34 0.79
N GLY A 33 8.24 6.05 0.85
CA GLY A 33 8.76 6.52 2.12
C GLY A 33 7.75 7.34 2.89
N GLU A 34 7.33 8.46 2.31
CA GLU A 34 6.35 9.34 2.97
C GLU A 34 5.11 8.55 3.38
N TRP A 35 4.57 7.78 2.43
CA TRP A 35 3.37 6.99 2.69
C TRP A 35 3.55 6.14 3.95
N LEU A 36 4.62 5.36 3.98
CA LEU A 36 4.90 4.48 5.12
C LEU A 36 5.22 5.31 6.37
N GLU A 37 5.76 6.51 6.15
CA GLU A 37 6.12 7.40 7.26
C GLU A 37 4.86 7.90 7.96
N SER A 38 3.76 7.98 7.22
CA SER A 38 2.50 8.45 7.78
C SER A 38 1.91 7.41 8.74
N ILE A 39 2.30 6.16 8.55
CA ILE A 39 1.80 5.07 9.39
C ILE A 39 2.86 4.64 10.40
N GLY A 40 4.12 4.93 10.10
CA GLY A 40 5.20 4.57 10.99
C GLY A 40 5.91 3.31 10.55
N LEU A 41 5.79 2.97 9.26
CA LEU A 41 6.42 1.77 8.72
C LEU A 41 7.48 2.15 7.69
N GLN A 42 7.87 3.42 7.67
CA GLN A 42 8.88 3.90 6.74
C GLN A 42 10.16 3.09 6.85
N GLN A 43 10.35 2.45 8.01
CA GLN A 43 11.53 1.62 8.24
C GLN A 43 11.58 0.44 7.27
N TYR A 44 10.41 -0.06 6.91
CA TYR A 44 10.31 -1.19 5.99
C TYR A 44 10.35 -0.72 4.54
N GLU A 45 10.58 0.58 4.35
CA GLU A 45 10.65 1.16 3.01
C GLU A 45 11.61 0.37 2.12
N SER A 46 12.85 0.21 2.60
CA SER A 46 13.86 -0.51 1.84
C SER A 46 13.34 -1.88 1.41
N LYS A 47 12.92 -2.68 2.39
CA LYS A 47 12.39 -4.01 2.11
C LYS A 47 11.24 -3.95 1.12
N LEU A 48 10.38 -2.95 1.29
CA LEU A 48 9.22 -2.78 0.41
C LEU A 48 9.65 -2.19 -0.94
N LEU A 49 10.92 -1.82 -1.04
CA LEU A 49 11.45 -1.24 -2.26
C LEU A 49 12.29 -2.26 -3.02
N LEU A 50 12.92 -3.16 -2.29
CA LEU A 50 13.76 -4.19 -2.90
C LEU A 50 12.93 -5.42 -3.27
N ASN A 51 11.69 -5.45 -2.78
CA ASN A 51 10.79 -6.57 -3.05
C ASN A 51 9.84 -6.23 -4.20
N GLY A 52 10.24 -5.28 -5.03
CA GLY A 52 9.40 -4.87 -6.15
C GLY A 52 7.98 -4.56 -5.73
N PHE A 53 7.81 -3.48 -4.99
CA PHE A 53 6.49 -3.07 -4.52
C PHE A 53 6.48 -1.57 -4.17
N ASP A 54 7.40 -0.83 -4.77
CA ASP A 54 7.49 0.61 -4.52
C ASP A 54 6.45 1.37 -5.35
N ASP A 55 5.91 0.70 -6.35
CA ASP A 55 4.91 1.31 -7.22
C ASP A 55 3.60 1.55 -6.46
N VAL A 56 3.39 2.81 -6.07
CA VAL A 56 2.18 3.17 -5.33
C VAL A 56 0.92 2.85 -6.13
N HIS A 57 1.09 2.73 -7.44
CA HIS A 57 -0.03 2.43 -8.33
C HIS A 57 -0.15 0.92 -8.55
N PHE A 58 0.48 0.14 -7.69
CA PHE A 58 0.44 -1.31 -7.79
C PHE A 58 -0.25 -1.93 -6.58
N LEU A 59 -0.28 -1.20 -5.48
CA LEU A 59 -0.91 -1.66 -4.25
C LEU A 59 -2.33 -2.13 -4.52
N GLY A 60 -3.12 -1.27 -5.14
CA GLY A 60 -4.50 -1.61 -5.45
C GLY A 60 -4.64 -2.33 -6.79
N SER A 61 -3.83 -3.36 -6.97
CA SER A 61 -3.86 -4.14 -8.21
C SER A 61 -3.50 -5.60 -7.94
N ASN A 62 -2.26 -5.83 -7.54
CA ASN A 62 -1.80 -7.19 -7.25
C ASN A 62 -2.61 -7.82 -6.12
N VAL A 63 -2.16 -8.98 -5.66
CA VAL A 63 -2.85 -9.68 -4.58
C VAL A 63 -2.92 -8.83 -3.32
N MET A 64 -1.80 -8.21 -2.98
CA MET A 64 -1.72 -7.36 -1.79
C MET A 64 -2.35 -8.06 -0.58
N GLU A 65 -1.83 -9.23 -0.25
CA GLU A 65 -2.34 -10.00 0.88
C GLU A 65 -1.25 -10.20 1.93
N GLU A 66 -1.66 -10.73 3.09
CA GLU A 66 -0.72 -10.98 4.17
C GLU A 66 0.51 -11.74 3.68
N GLN A 67 0.30 -12.63 2.71
CA GLN A 67 1.38 -13.42 2.15
C GLN A 67 2.40 -12.53 1.46
N ASP A 68 1.92 -11.55 0.71
CA ASP A 68 2.79 -10.63 -0.01
C ASP A 68 3.62 -9.80 0.96
N LEU A 69 2.96 -9.28 2.00
CA LEU A 69 3.63 -8.48 3.01
C LEU A 69 4.54 -9.33 3.88
N ARG A 70 4.20 -10.61 4.00
CA ARG A 70 4.99 -11.54 4.81
C ARG A 70 6.27 -11.94 4.08
N ASP A 71 6.17 -12.14 2.78
CA ASP A 71 7.32 -12.53 1.97
C ASP A 71 8.36 -11.42 1.96
N ILE A 72 7.91 -10.17 1.94
CA ILE A 72 8.81 -9.03 1.93
C ILE A 72 9.44 -8.81 3.31
N GLY A 73 8.79 -9.35 4.33
CA GLY A 73 9.29 -9.19 5.69
C GLY A 73 8.20 -8.84 6.68
N ILE A 74 7.27 -7.98 6.26
CA ILE A 74 6.17 -7.57 7.12
C ILE A 74 5.32 -8.77 7.53
N SER A 75 5.60 -9.30 8.72
CA SER A 75 4.87 -10.44 9.23
C SER A 75 4.05 -10.06 10.46
N ASP A 76 4.25 -8.83 10.94
CA ASP A 76 3.54 -8.34 12.11
C ASP A 76 2.09 -8.01 11.76
N PRO A 77 1.20 -8.14 12.76
CA PRO A 77 -0.23 -7.86 12.59
C PRO A 77 -0.51 -6.37 12.40
N GLN A 78 0.10 -5.54 13.24
CA GLN A 78 -0.08 -4.10 13.17
C GLN A 78 0.61 -3.52 11.93
N HIS A 79 1.43 -4.35 11.29
CA HIS A 79 2.16 -3.92 10.09
C HIS A 79 1.47 -4.45 8.83
N ARG A 80 0.87 -5.62 8.94
CA ARG A 80 0.19 -6.23 7.80
C ARG A 80 -1.18 -5.61 7.60
N ARG A 81 -1.89 -5.36 8.70
CA ARG A 81 -3.21 -4.77 8.65
C ARG A 81 -3.15 -3.31 8.20
N LYS A 82 -2.10 -2.62 8.62
CA LYS A 82 -1.91 -1.22 8.27
C LYS A 82 -1.62 -1.07 6.78
N LEU A 83 -0.71 -1.89 6.27
CA LEU A 83 -0.35 -1.85 4.85
C LEU A 83 -1.53 -2.26 3.98
N LEU A 84 -2.41 -3.09 4.53
CA LEU A 84 -3.59 -3.56 3.81
C LEU A 84 -4.70 -2.52 3.85
N GLN A 85 -4.76 -1.77 4.95
CA GLN A 85 -5.79 -0.74 5.11
C GLN A 85 -5.40 0.53 4.35
N ALA A 86 -4.11 0.84 4.36
CA ALA A 86 -3.62 2.03 3.67
C ALA A 86 -3.52 1.80 2.16
N ALA A 87 -3.49 0.53 1.77
CA ALA A 87 -3.40 0.17 0.37
C ALA A 87 -4.77 0.11 -0.28
N ARG A 88 -5.74 -0.46 0.44
CA ARG A 88 -7.10 -0.56 -0.07
C ARG A 88 -7.82 0.78 -0.01
N SER A 89 -7.32 1.67 0.84
CA SER A 89 -7.92 2.99 0.99
C SER A 89 -7.62 3.87 -0.23
N LEU A 90 -6.74 3.38 -1.10
CA LEU A 90 -6.37 4.12 -2.30
C LEU A 90 -7.50 4.09 -3.33
N PRO A 91 -7.45 5.03 -4.28
CA PRO A 91 -8.46 5.14 -5.34
C PRO A 91 -8.39 3.99 -6.33
N LYS A 92 -9.44 3.82 -7.12
CA LYS A 92 -9.49 2.76 -8.13
C LYS A 92 -8.25 2.80 -9.01
N VAL A 93 -7.82 1.62 -9.48
CA VAL A 93 -6.66 1.52 -10.34
C VAL A 93 -6.89 2.22 -11.67
N LYS A 94 -5.87 2.93 -12.15
CA LYS A 94 -5.97 3.64 -13.42
C LYS A 94 -6.27 2.68 -14.57
N ALA A 95 -5.82 1.43 -14.42
CA ALA A 95 -6.06 0.42 -15.44
C ALA A 95 -7.55 0.23 -15.70
N LEU A 96 -7.87 -0.47 -16.78
CA LEU A 96 -9.26 -0.72 -17.15
C LEU A 96 -9.57 -2.22 -17.11
N GLY A 97 -8.84 -2.94 -16.26
CA GLY A 97 -9.05 -4.37 -16.14
C GLY A 97 -10.07 -4.71 -15.07
N TYR A 98 -9.90 -4.13 -13.89
CA TYR A 98 -10.81 -4.39 -12.76
C TYR A 98 -11.52 -3.11 -12.34
N ASP A 99 -11.70 -2.19 -13.29
CA ASP A 99 -12.37 -0.93 -13.02
C ASP A 99 -13.88 -1.09 -13.06
N GLY A 100 -14.60 -0.07 -12.58
CA GLY A 100 -16.05 -0.12 -12.58
C GLY A 100 -16.66 0.56 -13.79
N ASN A 101 -16.10 1.71 -14.15
CA ASN A 101 -16.60 2.46 -15.30
C ASN A 101 -16.33 1.72 -16.60
N MET A 21 -18.07 3.54 -0.41
CA MET A 21 -18.96 4.64 -0.03
C MET A 21 -18.49 5.96 -0.64
N ILE A 22 -17.18 6.09 -0.79
CA ILE A 22 -16.60 7.30 -1.36
C ILE A 22 -15.51 6.96 -2.37
N SER A 23 -15.33 7.83 -3.36
CA SER A 23 -14.32 7.63 -4.40
C SER A 23 -13.97 8.94 -5.07
N GLY A 24 -13.91 10.02 -4.29
CA GLY A 24 -13.58 11.32 -4.84
C GLY A 24 -12.73 12.15 -3.88
N LEU A 25 -11.53 11.68 -3.62
CA LEU A 25 -10.62 12.39 -2.72
C LEU A 25 -9.41 12.93 -3.47
N ARG A 26 -9.08 12.30 -4.59
CA ARG A 26 -7.95 12.72 -5.41
C ARG A 26 -6.66 12.72 -4.58
N THR A 27 -5.94 11.61 -4.61
CA THR A 27 -4.69 11.48 -3.87
C THR A 27 -3.55 12.15 -4.62
N LEU A 28 -2.52 12.55 -3.88
CA LEU A 28 -1.35 13.19 -4.47
C LEU A 28 -0.26 12.17 -4.78
N GLU A 29 -0.62 10.90 -4.72
CA GLU A 29 0.34 9.83 -4.99
C GLU A 29 1.51 9.88 -4.03
N GLN A 30 1.22 9.66 -2.75
CA GLN A 30 2.26 9.68 -1.72
C GLN A 30 3.28 8.57 -1.95
N SER A 31 4.53 8.96 -2.14
CA SER A 31 5.61 8.01 -2.37
C SER A 31 5.64 6.95 -1.27
N VAL A 32 6.40 5.88 -1.51
CA VAL A 32 6.52 4.80 -0.54
C VAL A 32 7.01 5.32 0.82
N GLY A 33 8.12 6.05 0.79
CA GLY A 33 8.68 6.59 2.01
C GLY A 33 7.68 7.45 2.77
N GLU A 34 7.22 8.52 2.13
CA GLU A 34 6.27 9.43 2.76
C GLU A 34 5.03 8.67 3.24
N TRP A 35 4.46 7.85 2.35
CA TRP A 35 3.28 7.07 2.68
C TRP A 35 3.49 6.29 3.98
N LEU A 36 4.56 5.50 4.02
CA LEU A 36 4.88 4.71 5.20
C LEU A 36 5.22 5.60 6.39
N GLU A 37 5.78 6.77 6.10
CA GLU A 37 6.15 7.72 7.14
C GLU A 37 4.92 8.23 7.87
N SER A 38 3.80 8.28 7.17
CA SER A 38 2.54 8.76 7.76
C SER A 38 1.99 7.76 8.74
N ILE A 39 2.39 6.50 8.60
CA ILE A 39 1.94 5.43 9.48
C ILE A 39 3.03 5.02 10.47
N GLY A 40 4.26 5.43 10.17
CA GLY A 40 5.38 5.10 11.03
C GLY A 40 6.06 3.80 10.63
N LEU A 41 5.87 3.41 9.36
CA LEU A 41 6.47 2.17 8.85
C LEU A 41 7.52 2.49 7.79
N GLN A 42 7.93 3.75 7.71
CA GLN A 42 8.93 4.17 6.74
C GLN A 42 10.21 3.37 6.90
N GLN A 43 10.48 2.93 8.12
CA GLN A 43 11.68 2.14 8.40
C GLN A 43 11.65 0.82 7.65
N TYR A 44 10.47 0.26 7.48
CA TYR A 44 10.30 -1.02 6.79
C TYR A 44 10.14 -0.79 5.28
N GLU A 45 10.34 0.45 4.85
CA GLU A 45 10.23 0.79 3.44
C GLU A 45 11.18 -0.04 2.59
N SER A 46 12.41 -0.21 3.10
CA SER A 46 13.42 -0.99 2.39
C SER A 46 12.87 -2.35 1.96
N LYS A 47 12.09 -2.97 2.84
CA LYS A 47 11.50 -4.27 2.57
C LYS A 47 10.45 -4.16 1.46
N LEU A 48 9.73 -3.05 1.45
CA LEU A 48 8.70 -2.82 0.44
C LEU A 48 9.30 -2.28 -0.85
N LEU A 49 10.60 -2.01 -0.83
CA LEU A 49 11.30 -1.49 -1.99
C LEU A 49 12.16 -2.58 -2.64
N LEU A 50 12.82 -3.37 -1.81
CA LEU A 50 13.66 -4.46 -2.29
C LEU A 50 12.84 -5.53 -2.99
N ASN A 51 11.55 -5.56 -2.69
CA ASN A 51 10.64 -6.55 -3.29
C ASN A 51 9.94 -5.96 -4.50
N GLY A 52 10.52 -4.92 -5.07
CA GLY A 52 9.94 -4.28 -6.24
C GLY A 52 8.47 -3.95 -6.05
N PHE A 53 8.08 -3.71 -4.80
CA PHE A 53 6.70 -3.39 -4.48
C PHE A 53 6.53 -1.89 -4.22
N ASP A 54 7.60 -1.14 -4.48
CA ASP A 54 7.58 0.30 -4.28
C ASP A 54 6.52 0.96 -5.16
N ASP A 55 6.10 0.25 -6.18
CA ASP A 55 5.08 0.77 -7.11
C ASP A 55 3.85 1.24 -6.33
N VAL A 56 3.73 2.56 -6.18
CA VAL A 56 2.60 3.15 -5.47
C VAL A 56 1.31 3.00 -6.27
N HIS A 57 1.45 2.80 -7.58
CA HIS A 57 0.28 2.63 -8.45
C HIS A 57 -0.08 1.16 -8.59
N PHE A 58 0.44 0.33 -7.70
CA PHE A 58 0.17 -1.10 -7.73
C PHE A 58 -0.38 -1.58 -6.39
N LEU A 59 -0.48 -0.66 -5.43
CA LEU A 59 -0.99 -0.99 -4.10
C LEU A 59 -2.44 -1.45 -4.18
N GLY A 60 -3.18 -0.93 -5.16
CA GLY A 60 -4.57 -1.31 -5.31
C GLY A 60 -4.76 -2.40 -6.35
N SER A 61 -3.75 -2.61 -7.18
CA SER A 61 -3.82 -3.63 -8.23
C SER A 61 -3.27 -4.95 -7.71
N ASN A 62 -2.03 -4.94 -7.23
CA ASN A 62 -1.39 -6.14 -6.72
C ASN A 62 -2.28 -6.82 -5.68
N VAL A 63 -2.10 -8.13 -5.53
CA VAL A 63 -2.89 -8.91 -4.58
C VAL A 63 -2.85 -8.27 -3.19
N MET A 64 -1.66 -7.86 -2.76
CA MET A 64 -1.50 -7.23 -1.46
C MET A 64 -2.18 -8.05 -0.37
N GLU A 65 -1.86 -9.35 -0.31
CA GLU A 65 -2.44 -10.23 0.68
C GLU A 65 -1.54 -10.34 1.91
N GLU A 66 -1.96 -11.16 2.87
CA GLU A 66 -1.18 -11.36 4.09
C GLU A 66 0.21 -11.91 3.78
N GLN A 67 0.25 -12.91 2.91
CA GLN A 67 1.52 -13.53 2.52
C GLN A 67 2.41 -12.53 1.79
N ASP A 68 1.82 -11.79 0.86
CA ASP A 68 2.57 -10.81 0.09
C ASP A 68 3.35 -9.87 1.01
N LEU A 69 2.73 -9.50 2.12
CA LEU A 69 3.35 -8.61 3.09
C LEU A 69 4.44 -9.33 3.88
N ARG A 70 4.26 -10.64 4.06
CA ARG A 70 5.23 -11.45 4.79
C ARG A 70 6.46 -11.71 3.93
N ASP A 71 6.25 -11.95 2.64
CA ASP A 71 7.34 -12.23 1.72
C ASP A 71 8.28 -11.03 1.63
N ILE A 72 7.71 -9.82 1.67
CA ILE A 72 8.50 -8.60 1.58
C ILE A 72 9.20 -8.30 2.91
N GLY A 73 8.68 -8.88 3.98
CA GLY A 73 9.27 -8.67 5.30
C GLY A 73 8.22 -8.44 6.37
N ILE A 74 7.19 -7.67 6.03
CA ILE A 74 6.11 -7.37 6.96
C ILE A 74 5.42 -8.64 7.43
N SER A 75 5.81 -9.13 8.60
CA SER A 75 5.24 -10.35 9.15
C SER A 75 4.47 -10.04 10.44
N ASP A 76 4.38 -8.76 10.77
CA ASP A 76 3.68 -8.33 11.98
C ASP A 76 2.20 -8.07 11.68
N PRO A 77 1.35 -8.25 12.71
CA PRO A 77 -0.09 -8.05 12.58
C PRO A 77 -0.46 -6.58 12.40
N GLN A 78 0.15 -5.73 13.23
CA GLN A 78 -0.12 -4.30 13.17
C GLN A 78 0.57 -3.67 11.95
N HIS A 79 1.39 -4.45 11.28
CA HIS A 79 2.10 -3.97 10.10
C HIS A 79 1.49 -4.55 8.82
N ARG A 80 0.73 -5.64 8.98
CA ARG A 80 0.10 -6.30 7.85
C ARG A 80 -1.28 -5.70 7.58
N ARG A 81 -2.04 -5.49 8.65
CA ARG A 81 -3.38 -4.92 8.53
C ARG A 81 -3.32 -3.44 8.16
N LYS A 82 -2.28 -2.77 8.64
CA LYS A 82 -2.10 -1.34 8.37
C LYS A 82 -1.74 -1.12 6.90
N LEU A 83 -0.80 -1.91 6.40
CA LEU A 83 -0.37 -1.79 5.02
C LEU A 83 -1.47 -2.21 4.05
N LEU A 84 -2.41 -3.02 4.55
CA LEU A 84 -3.52 -3.49 3.74
C LEU A 84 -4.69 -2.50 3.78
N GLN A 85 -4.79 -1.76 4.89
CA GLN A 85 -5.86 -0.78 5.05
C GLN A 85 -5.52 0.52 4.34
N ALA A 86 -4.25 0.93 4.43
CA ALA A 86 -3.80 2.15 3.79
C ALA A 86 -3.60 1.95 2.29
N ALA A 87 -3.49 0.69 1.88
CA ALA A 87 -3.31 0.36 0.46
C ALA A 87 -4.64 0.28 -0.26
N ARG A 88 -5.64 -0.31 0.40
CA ARG A 88 -6.97 -0.46 -0.18
C ARG A 88 -7.72 0.87 -0.14
N SER A 89 -7.33 1.75 0.78
CA SER A 89 -7.97 3.05 0.92
C SER A 89 -7.62 3.95 -0.24
N LEU A 90 -6.67 3.53 -1.07
CA LEU A 90 -6.24 4.31 -2.22
C LEU A 90 -7.31 4.29 -3.31
N PRO A 91 -7.23 5.27 -4.23
CA PRO A 91 -8.18 5.39 -5.34
C PRO A 91 -8.02 4.27 -6.36
N LYS A 92 -8.77 4.37 -7.46
CA LYS A 92 -8.71 3.37 -8.51
C LYS A 92 -7.52 3.62 -9.43
N VAL A 93 -7.04 2.56 -10.08
CA VAL A 93 -5.91 2.67 -10.99
C VAL A 93 -6.28 2.19 -12.39
N LYS A 94 -5.68 2.80 -13.40
CA LYS A 94 -5.94 2.43 -14.79
C LYS A 94 -5.07 1.25 -15.21
N ALA A 95 -5.34 0.08 -14.64
CA ALA A 95 -4.59 -1.12 -14.96
C ALA A 95 -5.47 -2.14 -15.68
N LEU A 96 -6.39 -1.64 -16.50
CA LEU A 96 -7.29 -2.51 -17.25
C LEU A 96 -7.93 -1.75 -18.41
N GLY A 97 -8.55 -0.62 -18.10
CA GLY A 97 -9.19 0.18 -19.13
C GLY A 97 -8.27 1.25 -19.69
N TYR A 98 -8.82 2.13 -20.52
CA TYR A 98 -8.04 3.20 -21.13
C TYR A 98 -8.50 4.57 -20.63
N ASP A 99 -8.94 4.60 -19.37
CA ASP A 99 -9.41 5.84 -18.77
C ASP A 99 -9.34 5.77 -17.25
N GLY A 100 -8.76 6.81 -16.64
CA GLY A 100 -8.63 6.84 -15.19
C GLY A 100 -8.68 8.25 -14.64
N ASN A 101 -8.00 8.47 -13.53
CA ASN A 101 -7.97 9.78 -12.89
C ASN A 101 -9.38 10.23 -12.50
N MET A 21 -17.52 3.10 0.63
CA MET A 21 -17.14 3.45 -0.74
C MET A 21 -17.33 4.95 -0.99
N ILE A 22 -17.19 5.74 0.07
CA ILE A 22 -17.35 7.18 -0.05
C ILE A 22 -16.16 7.81 -0.77
N SER A 23 -15.00 7.21 -0.64
CA SER A 23 -13.79 7.70 -1.29
C SER A 23 -13.50 9.13 -0.85
N GLY A 24 -12.40 9.68 -1.36
CA GLY A 24 -12.02 11.04 -1.01
C GLY A 24 -11.22 11.72 -2.11
N LEU A 25 -11.23 13.04 -2.11
CA LEU A 25 -10.50 13.82 -3.11
C LEU A 25 -9.81 15.03 -2.48
N ARG A 26 -8.49 14.96 -2.39
CA ARG A 26 -7.72 16.05 -1.80
C ARG A 26 -6.21 15.80 -1.98
N THR A 27 -5.82 14.55 -1.86
CA THR A 27 -4.41 14.18 -2.00
C THR A 27 -4.25 12.91 -2.81
N LEU A 28 -3.18 12.84 -3.60
CA LEU A 28 -2.92 11.68 -4.44
C LEU A 28 -1.52 11.75 -5.05
N GLU A 29 -0.60 12.35 -4.32
CA GLU A 29 0.77 12.48 -4.78
C GLU A 29 1.77 12.12 -3.68
N GLN A 30 1.58 10.94 -3.10
CA GLN A 30 2.46 10.46 -2.03
C GLN A 30 3.30 9.28 -2.50
N SER A 31 4.51 9.17 -1.94
CA SER A 31 5.42 8.10 -2.31
C SER A 31 5.45 7.02 -1.23
N VAL A 32 6.23 5.97 -1.46
CA VAL A 32 6.36 4.87 -0.51
C VAL A 32 6.83 5.38 0.84
N GLY A 33 7.95 6.09 0.85
CA GLY A 33 8.50 6.62 2.08
C GLY A 33 7.48 7.44 2.87
N GLU A 34 7.03 8.54 2.26
CA GLU A 34 6.06 9.41 2.91
C GLU A 34 4.84 8.62 3.37
N TRP A 35 4.28 7.82 2.46
CA TRP A 35 3.11 7.01 2.77
C TRP A 35 3.33 6.20 4.04
N LEU A 36 4.41 5.42 4.06
CA LEU A 36 4.74 4.59 5.22
C LEU A 36 5.07 5.45 6.43
N GLU A 37 5.60 6.65 6.17
CA GLU A 37 5.95 7.57 7.25
C GLU A 37 4.71 8.02 8.01
N SER A 38 3.58 8.09 7.30
CA SER A 38 2.33 8.52 7.91
C SER A 38 1.81 7.47 8.88
N ILE A 39 2.19 6.21 8.65
CA ILE A 39 1.77 5.11 9.51
C ILE A 39 2.89 4.68 10.45
N GLY A 40 4.09 5.24 10.23
CA GLY A 40 5.22 4.90 11.06
C GLY A 40 5.88 3.60 10.65
N LEU A 41 5.66 3.20 9.40
CA LEU A 41 6.23 1.96 8.88
C LEU A 41 7.33 2.26 7.86
N GLN A 42 7.68 3.54 7.73
CA GLN A 42 8.70 3.95 6.79
C GLN A 42 9.98 3.13 6.97
N GLN A 43 10.25 2.73 8.22
CA GLN A 43 11.43 1.94 8.53
C GLN A 43 11.44 0.64 7.73
N TYR A 44 10.25 0.10 7.48
CA TYR A 44 10.12 -1.14 6.73
C TYR A 44 10.04 -0.87 5.22
N GLU A 45 10.11 0.40 4.86
CA GLU A 45 10.05 0.80 3.45
C GLU A 45 11.04 -0.02 2.62
N SER A 46 12.25 -0.19 3.14
CA SER A 46 13.28 -0.95 2.44
C SER A 46 12.74 -2.29 1.97
N LYS A 47 12.00 -2.97 2.85
CA LYS A 47 11.43 -4.27 2.52
C LYS A 47 10.38 -4.14 1.41
N LEU A 48 9.59 -3.08 1.47
CA LEU A 48 8.56 -2.84 0.48
C LEU A 48 9.15 -2.25 -0.80
N LEU A 49 10.45 -1.95 -0.76
CA LEU A 49 11.14 -1.40 -1.92
C LEU A 49 11.99 -2.46 -2.61
N LEU A 50 12.61 -3.32 -1.81
CA LEU A 50 13.45 -4.38 -2.35
C LEU A 50 12.61 -5.46 -3.02
N ASN A 51 11.32 -5.48 -2.70
CA ASN A 51 10.40 -6.46 -3.28
C ASN A 51 9.70 -5.89 -4.50
N GLY A 52 10.29 -4.86 -5.10
CA GLY A 52 9.70 -4.24 -6.27
C GLY A 52 8.24 -3.89 -6.08
N PHE A 53 7.87 -3.55 -4.84
CA PHE A 53 6.50 -3.21 -4.53
C PHE A 53 6.37 -1.71 -4.23
N ASP A 54 7.43 -0.97 -4.52
CA ASP A 54 7.44 0.48 -4.29
C ASP A 54 6.45 1.18 -5.20
N ASP A 55 6.04 0.49 -6.26
CA ASP A 55 5.10 1.05 -7.23
C ASP A 55 3.79 1.42 -6.55
N VAL A 56 3.65 2.69 -6.19
CA VAL A 56 2.44 3.17 -5.53
C VAL A 56 1.22 2.98 -6.42
N HIS A 57 1.46 2.83 -7.72
CA HIS A 57 0.37 2.64 -8.68
C HIS A 57 0.09 1.16 -8.88
N PHE A 58 0.62 0.33 -7.98
CA PHE A 58 0.41 -1.11 -8.06
C PHE A 58 -0.21 -1.65 -6.78
N LEU A 59 -0.37 -0.77 -5.79
CA LEU A 59 -0.95 -1.15 -4.52
C LEU A 59 -2.34 -1.75 -4.71
N GLY A 60 -3.20 -1.01 -5.41
CA GLY A 60 -4.55 -1.49 -5.65
C GLY A 60 -4.61 -2.56 -6.71
N SER A 61 -3.54 -2.68 -7.49
CA SER A 61 -3.48 -3.68 -8.56
C SER A 61 -3.05 -5.03 -8.00
N ASN A 62 -1.81 -5.10 -7.55
CA ASN A 62 -1.27 -6.34 -6.99
C ASN A 62 -2.20 -6.90 -5.92
N VAL A 63 -2.08 -8.20 -5.65
CA VAL A 63 -2.90 -8.85 -4.65
C VAL A 63 -2.76 -8.17 -3.29
N MET A 64 -1.52 -7.85 -2.92
CA MET A 64 -1.25 -7.19 -1.64
C MET A 64 -1.95 -7.91 -0.50
N GLU A 65 -1.90 -9.24 -0.53
CA GLU A 65 -2.53 -10.05 0.51
C GLU A 65 -1.63 -10.17 1.73
N GLU A 66 -2.04 -11.00 2.69
CA GLU A 66 -1.26 -11.19 3.91
C GLU A 66 0.15 -11.71 3.59
N GLN A 67 0.21 -12.87 2.95
CA GLN A 67 1.48 -13.48 2.58
C GLN A 67 2.37 -12.47 1.84
N ASP A 68 1.75 -11.70 0.94
CA ASP A 68 2.48 -10.70 0.16
C ASP A 68 3.30 -9.80 1.09
N LEU A 69 2.73 -9.46 2.24
CA LEU A 69 3.41 -8.60 3.19
C LEU A 69 4.51 -9.38 3.93
N ARG A 70 4.31 -10.68 4.08
CA ARG A 70 5.29 -11.52 4.77
C ARG A 70 6.50 -11.79 3.88
N ASP A 71 6.24 -11.99 2.58
CA ASP A 71 7.31 -12.26 1.63
C ASP A 71 8.25 -11.07 1.52
N ILE A 72 7.70 -9.87 1.64
CA ILE A 72 8.48 -8.64 1.55
C ILE A 72 9.21 -8.37 2.86
N GLY A 73 8.70 -8.93 3.95
CA GLY A 73 9.33 -8.74 5.24
C GLY A 73 8.31 -8.53 6.34
N ILE A 74 7.28 -7.73 6.05
CA ILE A 74 6.24 -7.45 7.02
C ILE A 74 5.53 -8.72 7.48
N SER A 75 5.91 -9.21 8.65
CA SER A 75 5.32 -10.43 9.19
C SER A 75 4.55 -10.14 10.48
N ASP A 76 4.60 -8.88 10.91
CA ASP A 76 3.91 -8.47 12.13
C ASP A 76 2.43 -8.23 11.86
N PRO A 77 1.60 -8.44 12.89
CA PRO A 77 0.14 -8.25 12.79
C PRO A 77 -0.24 -6.78 12.65
N GLN A 78 0.35 -5.94 13.49
CA GLN A 78 0.07 -4.51 13.45
C GLN A 78 0.70 -3.86 12.23
N HIS A 79 1.54 -4.61 11.53
CA HIS A 79 2.22 -4.10 10.33
C HIS A 79 1.59 -4.68 9.08
N ARG A 80 0.86 -5.79 9.23
CA ARG A 80 0.21 -6.43 8.10
C ARG A 80 -1.19 -5.87 7.87
N ARG A 81 -1.92 -5.66 8.96
CA ARG A 81 -3.27 -5.12 8.88
C ARG A 81 -3.24 -3.63 8.53
N LYS A 82 -2.20 -2.95 8.99
CA LYS A 82 -2.06 -1.52 8.73
C LYS A 82 -1.72 -1.26 7.26
N LEU A 83 -0.82 -2.08 6.73
CA LEU A 83 -0.41 -1.94 5.33
C LEU A 83 -1.52 -2.38 4.38
N LEU A 84 -2.45 -3.19 4.90
CA LEU A 84 -3.57 -3.67 4.10
C LEU A 84 -4.73 -2.69 4.16
N GLN A 85 -4.79 -1.89 5.22
CA GLN A 85 -5.85 -0.91 5.39
C GLN A 85 -5.55 0.36 4.62
N ALA A 86 -4.27 0.73 4.59
CA ALA A 86 -3.84 1.94 3.88
C ALA A 86 -3.70 1.68 2.38
N ALA A 87 -3.61 0.41 2.02
CA ALA A 87 -3.48 0.03 0.62
C ALA A 87 -4.85 -0.12 -0.05
N ARG A 88 -5.80 -0.68 0.67
CA ARG A 88 -7.14 -0.87 0.15
C ARG A 88 -7.91 0.44 0.14
N SER A 89 -7.50 1.37 1.00
CA SER A 89 -8.16 2.66 1.10
C SER A 89 -7.89 3.51 -0.14
N LEU A 90 -6.95 3.05 -0.97
CA LEU A 90 -6.60 3.76 -2.18
C LEU A 90 -7.71 3.66 -3.22
N PRO A 91 -7.70 4.57 -4.21
CA PRO A 91 -8.69 4.60 -5.28
C PRO A 91 -8.55 3.42 -6.24
N LYS A 92 -7.31 3.02 -6.48
CA LYS A 92 -7.04 1.90 -7.39
C LYS A 92 -7.68 0.62 -6.88
N VAL A 93 -8.49 -0.01 -7.73
CA VAL A 93 -9.18 -1.24 -7.36
C VAL A 93 -8.88 -2.35 -8.36
N LYS A 94 -8.67 -3.56 -7.85
CA LYS A 94 -8.37 -4.70 -8.70
C LYS A 94 -9.66 -5.31 -9.27
N ALA A 95 -10.48 -5.86 -8.39
CA ALA A 95 -11.74 -6.47 -8.81
C ALA A 95 -12.70 -5.42 -9.35
N LEU A 96 -13.91 -5.85 -9.68
CA LEU A 96 -14.93 -4.94 -10.22
C LEU A 96 -15.23 -3.83 -9.22
N GLY A 97 -15.77 -2.72 -9.73
CA GLY A 97 -16.11 -1.59 -8.88
C GLY A 97 -16.07 -0.28 -9.62
N TYR A 98 -14.97 -0.02 -10.33
CA TYR A 98 -14.82 1.22 -11.08
C TYR A 98 -14.50 0.93 -12.54
N ASP A 99 -13.69 -0.11 -12.77
CA ASP A 99 -13.31 -0.48 -14.12
C ASP A 99 -12.93 -1.97 -14.18
N GLY A 100 -12.12 -2.40 -13.21
CA GLY A 100 -11.70 -3.79 -13.18
C GLY A 100 -10.93 -4.20 -14.42
N ASN A 101 -10.42 -5.42 -14.42
CA ASN A 101 -9.66 -5.93 -15.55
C ASN A 101 -8.46 -5.03 -15.84
N MET A 21 -19.12 6.53 2.97
CA MET A 21 -18.62 7.28 4.12
C MET A 21 -17.84 6.39 5.07
N ILE A 22 -16.98 5.54 4.50
CA ILE A 22 -16.18 4.63 5.30
C ILE A 22 -14.70 5.01 5.26
N SER A 23 -14.31 5.67 4.18
CA SER A 23 -12.91 6.09 4.01
C SER A 23 -12.84 7.48 3.39
N GLY A 24 -13.45 7.64 2.22
CA GLY A 24 -13.45 8.93 1.55
C GLY A 24 -12.33 9.04 0.52
N LEU A 25 -11.98 10.26 0.16
CA LEU A 25 -10.92 10.50 -0.82
C LEU A 25 -9.74 11.23 -0.17
N ARG A 26 -8.65 11.34 -0.93
CA ARG A 26 -7.45 12.02 -0.44
C ARG A 26 -6.58 12.47 -1.60
N THR A 27 -5.41 13.04 -1.27
CA THR A 27 -4.49 13.52 -2.29
C THR A 27 -4.00 12.38 -3.18
N LEU A 28 -3.10 12.70 -4.11
CA LEU A 28 -2.56 11.71 -5.02
C LEU A 28 -1.16 12.08 -5.47
N GLU A 29 -0.33 12.50 -4.51
CA GLU A 29 1.05 12.88 -4.81
C GLU A 29 1.99 12.45 -3.69
N GLN A 30 1.78 11.24 -3.20
CA GLN A 30 2.61 10.69 -2.12
C GLN A 30 3.45 9.52 -2.62
N SER A 31 4.57 9.28 -1.95
CA SER A 31 5.46 8.18 -2.32
C SER A 31 5.45 7.08 -1.26
N VAL A 32 6.24 6.04 -1.49
CA VAL A 32 6.33 4.93 -0.55
C VAL A 32 6.80 5.40 0.82
N GLY A 33 7.96 6.04 0.84
CA GLY A 33 8.51 6.53 2.10
C GLY A 33 7.52 7.37 2.87
N GLU A 34 7.07 8.46 2.27
CA GLU A 34 6.11 9.36 2.91
C GLU A 34 4.88 8.59 3.36
N TRP A 35 4.33 7.78 2.46
CA TRP A 35 3.14 6.99 2.76
C TRP A 35 3.33 6.19 4.04
N LEU A 36 4.39 5.39 4.08
CA LEU A 36 4.68 4.56 5.24
C LEU A 36 5.04 5.43 6.45
N GLU A 37 5.60 6.60 6.18
CA GLU A 37 6.00 7.52 7.24
C GLU A 37 4.77 8.02 8.00
N SER A 38 3.65 8.11 7.30
CA SER A 38 2.40 8.58 7.90
C SER A 38 1.85 7.56 8.89
N ILE A 39 2.24 6.29 8.71
CA ILE A 39 1.80 5.23 9.58
C ILE A 39 2.92 4.76 10.52
N GLY A 40 4.12 5.26 10.27
CA GLY A 40 5.27 4.90 11.09
C GLY A 40 5.89 3.59 10.66
N LEU A 41 5.65 3.20 9.40
CA LEU A 41 6.19 1.95 8.87
C LEU A 41 7.29 2.24 7.85
N GLN A 42 7.67 3.52 7.73
CA GLN A 42 8.71 3.92 6.79
C GLN A 42 9.96 3.07 6.98
N GLN A 43 10.23 2.69 8.22
CA GLN A 43 11.40 1.87 8.52
C GLN A 43 11.39 0.58 7.72
N TYR A 44 10.20 0.06 7.47
CA TYR A 44 10.04 -1.18 6.72
C TYR A 44 9.97 -0.91 5.22
N GLU A 45 9.99 0.37 4.86
CA GLU A 45 9.92 0.77 3.46
C GLU A 45 10.96 0.00 2.62
N SER A 46 12.13 -0.19 3.20
CA SER A 46 13.21 -0.91 2.51
C SER A 46 12.71 -2.24 1.95
N LYS A 47 11.97 -2.98 2.78
CA LYS A 47 11.43 -4.26 2.37
C LYS A 47 10.41 -4.09 1.24
N LEU A 48 9.61 -3.03 1.33
CA LEU A 48 8.60 -2.76 0.32
C LEU A 48 9.22 -2.11 -0.91
N LEU A 49 10.51 -1.82 -0.84
CA LEU A 49 11.23 -1.20 -1.95
C LEU A 49 12.12 -2.23 -2.66
N LEU A 50 12.74 -3.09 -1.87
CA LEU A 50 13.62 -4.11 -2.42
C LEU A 50 12.81 -5.24 -3.06
N ASN A 51 11.52 -5.29 -2.74
CA ASN A 51 10.64 -6.31 -3.28
C ASN A 51 9.92 -5.80 -4.52
N GLY A 52 10.47 -4.76 -5.13
CA GLY A 52 9.86 -4.19 -6.33
C GLY A 52 8.38 -3.91 -6.15
N PHE A 53 8.01 -3.46 -4.95
CA PHE A 53 6.61 -3.16 -4.65
C PHE A 53 6.43 -1.68 -4.34
N ASP A 54 7.48 -0.89 -4.59
CA ASP A 54 7.44 0.54 -4.33
C ASP A 54 6.43 1.22 -5.25
N ASP A 55 6.01 0.52 -6.29
CA ASP A 55 5.04 1.05 -7.24
C ASP A 55 3.76 1.47 -6.53
N VAL A 56 3.64 2.78 -6.25
CA VAL A 56 2.46 3.31 -5.58
C VAL A 56 1.21 3.15 -6.43
N HIS A 57 1.41 2.99 -7.74
CA HIS A 57 0.30 2.83 -8.67
C HIS A 57 -0.04 1.34 -8.84
N PHE A 58 0.48 0.52 -7.95
CA PHE A 58 0.24 -0.92 -8.01
C PHE A 58 -0.30 -1.43 -6.68
N LEU A 59 -0.50 -0.52 -5.73
CA LEU A 59 -1.01 -0.88 -4.42
C LEU A 59 -2.44 -1.40 -4.51
N GLY A 60 -3.30 -0.64 -5.19
CA GLY A 60 -4.68 -1.05 -5.35
C GLY A 60 -4.86 -2.14 -6.39
N SER A 61 -3.87 -2.27 -7.27
CA SER A 61 -3.92 -3.28 -8.33
C SER A 61 -3.41 -4.63 -7.81
N ASN A 62 -2.15 -4.67 -7.41
CA ASN A 62 -1.55 -5.89 -6.90
C ASN A 62 -2.41 -6.50 -5.81
N VAL A 63 -2.31 -7.82 -5.65
CA VAL A 63 -3.08 -8.53 -4.63
C VAL A 63 -2.90 -7.89 -3.26
N MET A 64 -1.66 -7.58 -2.91
CA MET A 64 -1.34 -6.97 -1.63
C MET A 64 -2.07 -7.69 -0.50
N GLU A 65 -1.85 -8.99 -0.39
CA GLU A 65 -2.49 -9.79 0.65
C GLU A 65 -1.54 -10.01 1.82
N GLU A 66 -2.00 -10.74 2.83
CA GLU A 66 -1.20 -11.03 4.01
C GLU A 66 0.16 -11.62 3.61
N GLN A 67 0.12 -12.80 2.99
CA GLN A 67 1.33 -13.48 2.56
C GLN A 67 2.22 -12.54 1.75
N ASP A 68 1.59 -11.61 1.04
CA ASP A 68 2.32 -10.65 0.22
C ASP A 68 3.22 -9.77 1.08
N LEU A 69 2.67 -9.27 2.18
CA LEU A 69 3.41 -8.42 3.10
C LEU A 69 4.44 -9.22 3.89
N ARG A 70 4.17 -10.50 4.06
CA ARG A 70 5.06 -11.39 4.79
C ARG A 70 6.27 -11.78 3.93
N ASP A 71 6.03 -11.98 2.65
CA ASP A 71 7.09 -12.35 1.72
C ASP A 71 8.09 -11.22 1.55
N ILE A 72 7.59 -9.99 1.58
CA ILE A 72 8.44 -8.81 1.43
C ILE A 72 9.23 -8.54 2.71
N GLY A 73 8.66 -8.94 3.84
CA GLY A 73 9.33 -8.73 5.12
C GLY A 73 8.35 -8.45 6.24
N ILE A 74 7.30 -7.69 5.94
CA ILE A 74 6.30 -7.35 6.94
C ILE A 74 5.60 -8.60 7.46
N SER A 75 6.10 -9.12 8.58
CA SER A 75 5.52 -10.32 9.18
C SER A 75 4.86 -9.99 10.52
N ASP A 76 4.53 -8.71 10.71
CA ASP A 76 3.89 -8.26 11.95
C ASP A 76 2.40 -8.02 11.72
N PRO A 77 1.60 -8.21 12.78
CA PRO A 77 0.15 -8.01 12.72
C PRO A 77 -0.24 -6.54 12.58
N GLN A 78 0.39 -5.69 13.39
CA GLN A 78 0.12 -4.27 13.35
C GLN A 78 0.70 -3.63 12.09
N HIS A 79 1.49 -4.40 11.36
CA HIS A 79 2.11 -3.92 10.13
C HIS A 79 1.40 -4.48 8.90
N ARG A 80 0.83 -5.67 9.05
CA ARG A 80 0.12 -6.31 7.96
C ARG A 80 -1.28 -5.74 7.80
N ARG A 81 -1.93 -5.47 8.93
CA ARG A 81 -3.28 -4.92 8.92
C ARG A 81 -3.26 -3.45 8.51
N LYS A 82 -2.27 -2.72 9.01
CA LYS A 82 -2.15 -1.30 8.69
C LYS A 82 -1.88 -1.10 7.20
N LEU A 83 -0.96 -1.87 6.66
CA LEU A 83 -0.62 -1.78 5.24
C LEU A 83 -1.80 -2.18 4.36
N LEU A 84 -2.57 -3.15 4.82
CA LEU A 84 -3.74 -3.63 4.09
C LEU A 84 -4.86 -2.60 4.13
N GLN A 85 -4.91 -1.83 5.20
CA GLN A 85 -5.94 -0.81 5.37
C GLN A 85 -5.59 0.44 4.57
N ALA A 86 -4.31 0.82 4.61
CA ALA A 86 -3.84 2.00 3.89
C ALA A 86 -3.72 1.72 2.40
N ALA A 87 -3.67 0.45 2.04
CA ALA A 87 -3.55 0.04 0.64
C ALA A 87 -4.92 -0.06 -0.01
N ARG A 88 -5.93 -0.40 0.78
CA ARG A 88 -7.29 -0.53 0.27
C ARG A 88 -8.05 0.78 0.43
N SER A 89 -7.52 1.68 1.24
CA SER A 89 -8.15 2.98 1.48
C SER A 89 -7.78 3.97 0.38
N LEU A 90 -6.86 3.57 -0.48
CA LEU A 90 -6.41 4.43 -1.58
C LEU A 90 -7.57 4.75 -2.52
N PRO A 91 -7.41 5.82 -3.32
CA PRO A 91 -8.42 6.25 -4.27
C PRO A 91 -8.57 5.29 -5.44
N LYS A 92 -7.59 4.41 -5.61
CA LYS A 92 -7.61 3.43 -6.68
C LYS A 92 -7.62 2.00 -6.13
N VAL A 93 -8.34 1.81 -5.03
CA VAL A 93 -8.43 0.50 -4.40
C VAL A 93 -8.96 -0.53 -5.38
N LYS A 94 -8.49 -1.77 -5.24
CA LYS A 94 -8.92 -2.86 -6.11
C LYS A 94 -10.44 -2.96 -6.14
N ALA A 95 -11.03 -3.26 -5.00
CA ALA A 95 -12.48 -3.39 -4.90
C ALA A 95 -13.01 -4.46 -5.85
N LEU A 96 -14.32 -4.64 -5.86
CA LEU A 96 -14.95 -5.64 -6.72
C LEU A 96 -14.49 -5.47 -8.17
N GLY A 97 -14.83 -6.46 -9.00
CA GLY A 97 -14.44 -6.40 -10.40
C GLY A 97 -14.91 -5.13 -11.08
N TYR A 98 -16.08 -4.65 -10.69
CA TYR A 98 -16.64 -3.43 -11.27
C TYR A 98 -15.71 -2.24 -11.05
N ASP A 99 -15.67 -1.35 -12.03
CA ASP A 99 -14.82 -0.16 -11.94
C ASP A 99 -15.39 0.98 -12.77
N GLY A 100 -14.80 2.16 -12.63
CA GLY A 100 -15.26 3.31 -13.38
C GLY A 100 -14.23 4.42 -13.45
N ASN A 101 -14.21 5.15 -14.56
CA ASN A 101 -13.26 6.24 -14.75
C ASN A 101 -11.83 5.75 -14.53
#